data_7ZD3
#
_entry.id   7ZD3
#
_cell.length_a   177.190
_cell.length_b   134.050
_cell.length_c   108.460
_cell.angle_alpha   90.000
_cell.angle_beta   105.705
_cell.angle_gamma   90.000
#
_symmetry.space_group_name_H-M   'C 1 2 1'
#
loop_
_entity.id
_entity.type
_entity.pdbx_description
1 polymer Adenosylhomocysteinase
2 non-polymer NICOTINAMIDE-ADENINE-DINUCLEOTIDE
3 non-polymer ADENOSINE
4 non-polymer 1,4-BUTANEDIOL
5 non-polymer 'TETRAETHYLENE GLYCOL'
6 non-polymer 'POTASSIUM ION'
7 non-polymer 'ZINC ION'
8 non-polymer BICINE
9 non-polymer HEXANE-1,6-DIOL
10 non-polymer 1,3-PROPANDIOL
11 non-polymer 'CHLORIDE ION'
12 water water
#
_entity_poly.entity_id   1
_entity_poly.type   'polypeptide(L)'
_entity_poly.pdbx_seq_one_letter_code
;SNAMSAVMTPAGFTDYKVADITLAAWGRRELIIAESEMPALMGLRRKYAGQQPLKGAKILGCIHMTIQTGVLIETLVALG
AEVRWSSCNIFSTQDQAAAAIAAAGIPVFAWKGETEEEYEWCIEQTILKDGQPWDANMVLDDGGDLTEILHKKYPQMLER
IHGITEETTTGVHRLLDMLKNGTLKVPAINVNDSVTKSKNDNKYGCRHSLNDAIKRGTDHLLSGKQALVIGYGDVGKGSS
QSLRQEGMIVKVAEVDPICAMQACMDGFEVVSPYKNGINDGTEASIDAALLGKIDLIVTTTGNVNVCDANMLKALKKRAV
VCNIGHFDNEIDTAFMRKNWAWEEVKPQVHKIHRTGKDGFDAHNDDYLILLAEGRLVNLGNATGHPSRIMDGSFANQVLA
QIHLFEQKYADLPAAEKAKRLSVEVLPKKLDEEVALEMVKGFGGVVTQLTPKQAEYIGVSVEGPFKPDTYRY
;
_entity_poly.pdbx_strand_id   A,B,C,D
#
# COMPACT_ATOMS: atom_id res chain seq x y z
N GLY A 12 -47.24 -20.65 16.82
CA GLY A 12 -47.03 -21.95 17.44
C GLY A 12 -45.93 -22.76 16.78
N PHE A 13 -45.02 -22.07 16.11
CA PHE A 13 -43.92 -22.74 15.39
C PHE A 13 -42.84 -23.13 16.38
N THR A 14 -42.50 -24.42 16.44
CA THR A 14 -41.48 -24.92 17.35
C THR A 14 -40.42 -25.78 16.65
N ASP A 15 -40.40 -25.82 15.32
CA ASP A 15 -39.51 -26.72 14.57
C ASP A 15 -38.15 -26.06 14.33
N TYR A 16 -37.41 -25.85 15.42
CA TYR A 16 -36.13 -25.16 15.36
C TYR A 16 -35.41 -25.35 16.70
N LYS A 17 -34.13 -25.01 16.72
CA LYS A 17 -33.41 -24.86 17.98
C LYS A 17 -32.32 -23.82 17.78
N VAL A 18 -32.39 -22.74 18.56
CA VAL A 18 -31.42 -21.65 18.51
C VAL A 18 -31.07 -21.27 19.94
N ALA A 19 -30.04 -20.44 20.08
CA ALA A 19 -29.54 -20.10 21.41
C ALA A 19 -30.56 -19.29 22.20
N ASP A 20 -31.20 -18.32 21.56
CA ASP A 20 -32.05 -17.35 22.26
C ASP A 20 -32.97 -16.71 21.23
N ILE A 21 -34.23 -17.11 21.22
CA ILE A 21 -35.18 -16.59 20.25
C ILE A 21 -35.44 -15.10 20.43
N THR A 22 -35.21 -14.55 21.63
CA THR A 22 -35.46 -13.12 21.83
C THR A 22 -34.43 -12.23 21.14
N LEU A 23 -33.42 -12.82 20.49
CA LEU A 23 -32.50 -12.06 19.64
C LEU A 23 -33.04 -11.82 18.25
N ALA A 24 -34.23 -12.34 17.93
CA ALA A 24 -34.79 -12.23 16.59
C ALA A 24 -34.88 -10.79 16.12
N ALA A 25 -35.40 -9.90 16.97
CA ALA A 25 -35.60 -8.51 16.54
C ALA A 25 -34.27 -7.87 16.16
N TRP A 26 -33.22 -8.07 16.97
CA TRP A 26 -31.90 -7.60 16.61
C TRP A 26 -31.43 -8.22 15.29
N GLY A 27 -31.67 -9.52 15.10
CA GLY A 27 -31.26 -10.16 13.85
C GLY A 27 -32.01 -9.62 12.65
N ARG A 28 -33.31 -9.35 12.82
CA ARG A 28 -34.09 -8.78 11.72
C ARG A 28 -33.58 -7.40 11.33
N ARG A 29 -33.21 -6.57 12.31
CA ARG A 29 -32.66 -5.26 11.99
C ARG A 29 -31.39 -5.39 11.16
N GLU A 30 -30.55 -6.38 11.48
CA GLU A 30 -29.30 -6.55 10.74
C GLU A 30 -29.53 -7.21 9.38
N LEU A 31 -30.56 -8.06 9.26
CA LEU A 31 -30.92 -8.57 7.95
C LEU A 31 -31.38 -7.45 7.03
N ILE A 32 -32.15 -6.50 7.55
CA ILE A 32 -32.65 -5.41 6.74
C ILE A 32 -31.51 -4.54 6.23
N ILE A 33 -30.53 -4.27 7.10
CA ILE A 33 -29.32 -3.58 6.64
C ILE A 33 -28.61 -4.42 5.58
N ALA A 34 -28.48 -5.73 5.81
CA ALA A 34 -27.71 -6.58 4.91
C ALA A 34 -28.33 -6.63 3.52
N GLU A 35 -29.67 -6.60 3.45
CA GLU A 35 -30.33 -6.54 2.14
C GLU A 35 -29.83 -5.35 1.31
N SER A 36 -29.64 -4.20 1.95
CA SER A 36 -29.11 -3.03 1.24
C SER A 36 -27.65 -3.19 0.83
N GLU A 37 -26.94 -4.17 1.38
CA GLU A 37 -25.55 -4.43 1.02
C GLU A 37 -25.40 -5.60 0.05
N MET A 38 -26.49 -6.22 -0.38
CA MET A 38 -26.43 -7.41 -1.22
C MET A 38 -27.28 -7.21 -2.49
N PRO A 39 -26.83 -6.33 -3.39
CA PRO A 39 -27.68 -6.00 -4.56
C PRO A 39 -27.83 -7.13 -5.56
N ALA A 40 -26.82 -7.96 -5.76
CA ALA A 40 -26.97 -9.09 -6.68
C ALA A 40 -28.02 -10.06 -6.17
N LEU A 41 -27.96 -10.38 -4.87
CA LEU A 41 -28.92 -11.28 -4.25
C LEU A 41 -30.32 -10.68 -4.28
N MET A 42 -30.45 -9.41 -3.88
N MET A 42 -30.46 -9.40 -3.90
CA MET A 42 -31.73 -8.72 -3.96
CA MET A 42 -31.78 -8.79 -3.95
C MET A 42 -32.23 -8.66 -5.39
C MET A 42 -32.25 -8.58 -5.39
N GLY A 43 -31.32 -8.47 -6.35
CA GLY A 43 -31.73 -8.42 -7.75
C GLY A 43 -32.35 -9.72 -8.22
N LEU A 44 -31.77 -10.86 -7.82
CA LEU A 44 -32.39 -12.15 -8.13
C LEU A 44 -33.76 -12.28 -7.48
N ARG A 45 -33.88 -11.83 -6.23
CA ARG A 45 -35.16 -11.81 -5.56
C ARG A 45 -36.20 -11.06 -6.37
N ARG A 46 -35.85 -9.88 -6.90
CA ARG A 46 -36.81 -9.10 -7.67
C ARG A 46 -37.04 -9.69 -9.05
N LYS A 47 -35.99 -10.19 -9.70
CA LYS A 47 -36.12 -10.69 -11.07
C LYS A 47 -36.99 -11.94 -11.12
N TYR A 48 -36.89 -12.81 -10.12
CA TYR A 48 -37.49 -14.14 -10.18
C TYR A 48 -38.72 -14.32 -9.29
N ALA A 49 -39.13 -13.30 -8.55
CA ALA A 49 -40.22 -13.46 -7.59
C ALA A 49 -41.50 -13.92 -8.27
N GLY A 50 -41.87 -13.25 -9.37
CA GLY A 50 -43.10 -13.61 -10.06
C GLY A 50 -43.07 -15.01 -10.66
N GLN A 51 -41.90 -15.45 -11.12
CA GLN A 51 -41.75 -16.75 -11.76
C GLN A 51 -41.74 -17.90 -10.76
N GLN A 52 -41.35 -17.65 -9.51
CA GLN A 52 -41.23 -18.67 -8.48
C GLN A 52 -40.47 -19.91 -8.95
N PRO A 53 -39.23 -19.75 -9.44
CA PRO A 53 -38.54 -20.89 -10.05
C PRO A 53 -38.14 -21.99 -9.07
N LEU A 54 -38.20 -21.74 -7.77
CA LEU A 54 -37.91 -22.76 -6.77
C LEU A 54 -39.18 -23.26 -6.09
N LYS A 55 -40.34 -23.04 -6.70
CA LYS A 55 -41.57 -23.62 -6.19
C LYS A 55 -41.46 -25.15 -6.22
N GLY A 56 -41.73 -25.78 -5.08
CA GLY A 56 -41.56 -27.20 -4.93
C GLY A 56 -40.18 -27.64 -4.47
N ALA A 57 -39.19 -26.74 -4.48
CA ALA A 57 -37.87 -27.09 -4.01
C ALA A 57 -37.85 -27.22 -2.49
N LYS A 58 -37.15 -28.24 -2.00
CA LYS A 58 -37.02 -28.50 -0.57
C LYS A 58 -35.54 -28.70 -0.29
N ILE A 59 -34.91 -27.68 0.28
CA ILE A 59 -33.46 -27.56 0.32
C ILE A 59 -32.97 -27.90 1.71
N LEU A 60 -32.08 -28.89 1.80
CA LEU A 60 -31.28 -29.09 2.99
C LEU A 60 -30.06 -28.17 2.90
N GLY A 61 -29.95 -27.22 3.83
CA GLY A 61 -28.85 -26.28 3.83
C GLY A 61 -27.93 -26.45 5.02
N CYS A 62 -26.62 -26.49 4.77
CA CYS A 62 -25.64 -26.58 5.85
C CYS A 62 -24.52 -25.59 5.53
N ILE A 63 -24.59 -24.41 6.14
CA ILE A 63 -23.56 -23.38 5.96
C ILE A 63 -23.72 -22.40 7.10
N HIS A 64 -22.58 -21.85 7.56
CA HIS A 64 -22.50 -20.83 8.61
C HIS A 64 -23.76 -19.97 8.74
N MET A 65 -24.45 -20.08 9.87
CA MET A 65 -25.74 -19.40 10.07
C MET A 65 -25.50 -17.96 10.51
N THR A 66 -25.03 -17.17 9.55
CA THR A 66 -24.74 -15.75 9.73
C THR A 66 -25.90 -14.90 9.22
N ILE A 67 -25.76 -13.58 9.41
CA ILE A 67 -26.71 -12.64 8.81
C ILE A 67 -26.72 -12.82 7.29
N GLN A 68 -25.54 -13.01 6.68
CA GLN A 68 -25.46 -13.13 5.23
C GLN A 68 -26.16 -14.40 4.74
N THR A 69 -25.97 -15.52 5.44
CA THR A 69 -26.73 -16.72 5.13
C THR A 69 -28.22 -16.50 5.34
N GLY A 70 -28.60 -15.66 6.31
CA GLY A 70 -30.01 -15.32 6.47
C GLY A 70 -30.61 -14.73 5.22
N VAL A 71 -29.89 -13.81 4.57
CA VAL A 71 -30.42 -13.18 3.37
C VAL A 71 -30.50 -14.19 2.22
N LEU A 72 -29.52 -15.09 2.13
CA LEU A 72 -29.58 -16.19 1.16
C LEU A 72 -30.81 -17.06 1.40
N ILE A 73 -31.03 -17.48 2.66
CA ILE A 73 -32.18 -18.32 2.97
C ILE A 73 -33.48 -17.64 2.54
N GLU A 74 -33.66 -16.38 2.93
CA GLU A 74 -34.92 -15.70 2.62
C GLU A 74 -35.08 -15.43 1.14
N THR A 75 -33.97 -15.34 0.40
CA THR A 75 -34.07 -15.29 -1.06
C THR A 75 -34.55 -16.62 -1.63
N LEU A 76 -33.99 -17.73 -1.17
CA LEU A 76 -34.49 -19.05 -1.59
C LEU A 76 -35.98 -19.18 -1.32
N VAL A 77 -36.41 -18.82 -0.10
CA VAL A 77 -37.82 -18.92 0.25
C VAL A 77 -38.67 -18.00 -0.62
N ALA A 78 -38.18 -16.78 -0.86
CA ALA A 78 -38.93 -15.83 -1.69
C ALA A 78 -39.11 -16.32 -3.10
N LEU A 79 -38.20 -17.19 -3.58
CA LEU A 79 -38.33 -17.77 -4.90
C LEU A 79 -39.14 -19.06 -4.90
N GLY A 80 -39.67 -19.46 -3.74
CA GLY A 80 -40.61 -20.57 -3.65
C GLY A 80 -40.14 -21.77 -2.86
N ALA A 81 -38.93 -21.77 -2.32
CA ALA A 81 -38.36 -22.95 -1.69
C ALA A 81 -38.76 -23.04 -0.23
N GLU A 82 -38.80 -24.28 0.28
CA GLU A 82 -38.75 -24.55 1.70
C GLU A 82 -37.36 -25.09 2.03
N VAL A 83 -36.89 -24.80 3.25
CA VAL A 83 -35.55 -25.21 3.67
C VAL A 83 -35.60 -25.79 5.08
N ARG A 84 -34.59 -26.60 5.39
CA ARG A 84 -34.25 -26.97 6.76
C ARG A 84 -32.75 -26.74 6.90
N TRP A 85 -32.35 -25.93 7.89
CA TRP A 85 -31.01 -25.36 7.89
C TRP A 85 -30.22 -25.71 9.15
N SER A 86 -28.90 -25.85 8.98
CA SER A 86 -27.96 -25.96 10.08
C SER A 86 -26.67 -25.24 9.69
N SER A 87 -25.79 -25.05 10.67
CA SER A 87 -24.48 -24.46 10.41
C SER A 87 -23.47 -25.57 10.10
N CYS A 88 -22.44 -25.21 9.34
CA CYS A 88 -21.39 -26.16 9.01
C CYS A 88 -20.18 -26.03 9.93
N ASN A 89 -20.26 -25.21 10.97
CA ASN A 89 -19.18 -25.06 11.94
C ASN A 89 -19.76 -24.74 13.30
N ILE A 90 -19.10 -25.22 14.35
CA ILE A 90 -19.62 -25.08 15.71
C ILE A 90 -19.54 -23.66 16.24
N PHE A 91 -18.69 -22.80 15.66
CA PHE A 91 -18.49 -21.43 16.15
C PHE A 91 -18.95 -20.35 15.19
N SER A 92 -19.41 -20.70 13.99
CA SER A 92 -19.65 -19.68 12.98
C SER A 92 -21.04 -19.04 13.05
N THR A 93 -21.98 -19.63 13.78
CA THR A 93 -23.32 -19.05 13.84
C THR A 93 -23.30 -17.68 14.52
N GLN A 94 -24.06 -16.73 13.96
CA GLN A 94 -24.47 -15.53 14.68
C GLN A 94 -25.85 -15.80 15.27
N ASP A 95 -25.94 -15.80 16.61
CA ASP A 95 -27.17 -16.21 17.28
C ASP A 95 -28.35 -15.31 16.91
N GLN A 96 -28.11 -14.01 16.68
CA GLN A 96 -29.22 -13.15 16.30
C GLN A 96 -29.75 -13.48 14.90
N ALA A 97 -28.88 -13.98 14.02
CA ALA A 97 -29.32 -14.37 12.69
C ALA A 97 -30.18 -15.62 12.75
N ALA A 98 -29.73 -16.62 13.51
CA ALA A 98 -30.51 -17.85 13.69
C ALA A 98 -31.87 -17.56 14.32
N ALA A 99 -31.90 -16.69 15.33
CA ALA A 99 -33.16 -16.34 15.96
C ALA A 99 -34.12 -15.71 14.95
N ALA A 100 -33.62 -14.79 14.12
CA ALA A 100 -34.49 -14.09 13.17
C ALA A 100 -35.04 -15.04 12.11
N ILE A 101 -34.23 -16.01 11.67
CA ILE A 101 -34.72 -17.00 10.72
C ILE A 101 -35.78 -17.88 11.37
N ALA A 102 -35.52 -18.35 12.60
CA ALA A 102 -36.51 -19.18 13.28
C ALA A 102 -37.79 -18.40 13.53
N ALA A 103 -37.68 -17.10 13.84
CA ALA A 103 -38.87 -16.28 14.06
C ALA A 103 -39.66 -16.06 12.78
N ALA A 104 -39.05 -16.27 11.62
CA ALA A 104 -39.78 -16.21 10.35
C ALA A 104 -40.48 -17.52 10.02
N GLY A 105 -40.45 -18.51 10.91
CA GLY A 105 -41.10 -19.77 10.65
C GLY A 105 -40.29 -20.76 9.84
N ILE A 106 -38.98 -20.63 9.84
CA ILE A 106 -38.08 -21.44 9.01
C ILE A 106 -37.30 -22.38 9.92
N PRO A 107 -37.31 -23.68 9.68
CA PRO A 107 -36.57 -24.62 10.53
C PRO A 107 -35.06 -24.39 10.45
N VAL A 108 -34.46 -24.05 11.58
CA VAL A 108 -33.04 -23.80 11.68
C VAL A 108 -32.54 -24.36 13.01
N PHE A 109 -31.40 -25.06 12.98
CA PHE A 109 -30.81 -25.69 14.15
C PHE A 109 -29.34 -25.28 14.21
N ALA A 110 -29.05 -24.23 14.98
CA ALA A 110 -27.71 -23.63 14.95
C ALA A 110 -27.54 -22.66 16.10
N TRP A 111 -26.39 -22.72 16.78
CA TRP A 111 -26.01 -21.72 17.75
C TRP A 111 -24.49 -21.64 17.82
N LYS A 112 -23.99 -20.50 18.29
CA LYS A 112 -22.54 -20.35 18.44
C LYS A 112 -22.07 -21.12 19.65
N GLY A 113 -21.02 -21.92 19.47
CA GLY A 113 -20.47 -22.70 20.56
C GLY A 113 -21.08 -24.07 20.74
N GLU A 114 -21.52 -24.71 19.65
CA GLU A 114 -21.98 -26.09 19.74
C GLU A 114 -20.85 -27.01 20.16
N THR A 115 -21.19 -28.09 20.85
CA THR A 115 -20.28 -29.22 20.94
C THR A 115 -20.31 -30.01 19.64
N GLU A 116 -19.32 -30.88 19.45
CA GLU A 116 -19.29 -31.73 18.27
C GLU A 116 -20.56 -32.59 18.19
N GLU A 117 -21.03 -33.07 19.34
CA GLU A 117 -22.24 -33.88 19.37
C GLU A 117 -23.46 -33.07 18.99
N GLU A 118 -23.55 -31.83 19.47
CA GLU A 118 -24.66 -30.96 19.06
C GLU A 118 -24.57 -30.60 17.59
N TYR A 119 -23.35 -30.44 17.06
CA TYR A 119 -23.17 -30.21 15.63
C TYR A 119 -23.82 -31.32 14.80
N GLU A 120 -23.51 -32.58 15.12
CA GLU A 120 -24.06 -33.71 14.40
C GLU A 120 -25.58 -33.78 14.56
N TRP A 121 -26.06 -33.56 15.78
CA TRP A 121 -27.50 -33.54 16.04
C TRP A 121 -28.21 -32.49 15.18
N CYS A 122 -27.61 -31.30 15.04
CA CYS A 122 -28.25 -30.24 14.26
C CYS A 122 -28.42 -30.64 12.81
N ILE A 123 -27.38 -31.22 12.22
CA ILE A 123 -27.50 -31.66 10.83
C ILE A 123 -28.61 -32.69 10.71
N GLU A 124 -28.70 -33.61 11.67
CA GLU A 124 -29.73 -34.64 11.63
C GLU A 124 -31.13 -34.05 11.78
N GLN A 125 -31.27 -32.93 12.50
CA GLN A 125 -32.59 -32.31 12.64
C GLN A 125 -33.06 -31.70 11.31
N THR A 126 -32.12 -31.28 10.44
CA THR A 126 -32.50 -30.86 9.10
C THR A 126 -32.89 -32.05 8.23
N ILE A 127 -32.16 -33.16 8.34
CA ILE A 127 -32.41 -34.33 7.50
C ILE A 127 -33.75 -34.98 7.85
N LEU A 128 -34.08 -35.05 9.13
CA LEU A 128 -35.29 -35.70 9.60
C LEU A 128 -36.35 -34.66 9.96
N LYS A 129 -37.60 -34.95 9.66
CA LYS A 129 -38.73 -34.12 10.08
C LYS A 129 -39.73 -35.02 10.76
N ASP A 130 -40.07 -34.70 12.02
CA ASP A 130 -40.96 -35.53 12.83
C ASP A 130 -40.46 -36.97 12.87
N GLY A 131 -39.15 -37.14 12.98
CA GLY A 131 -38.56 -38.45 13.18
C GLY A 131 -38.31 -39.28 11.93
N GLN A 132 -38.70 -38.80 10.76
CA GLN A 132 -38.56 -39.54 9.51
C GLN A 132 -37.89 -38.65 8.47
N PRO A 133 -37.28 -39.24 7.44
CA PRO A 133 -36.60 -38.42 6.43
C PRO A 133 -37.51 -37.38 5.81
N TRP A 134 -37.03 -36.14 5.78
CA TRP A 134 -37.73 -35.07 5.09
C TRP A 134 -37.79 -35.35 3.59
N ASP A 135 -38.78 -34.76 2.92
CA ASP A 135 -38.93 -34.93 1.48
C ASP A 135 -38.06 -33.93 0.72
N ALA A 136 -36.78 -33.92 1.08
CA ALA A 136 -35.80 -33.05 0.45
C ALA A 136 -35.64 -33.39 -1.03
N ASN A 137 -35.29 -32.38 -1.82
CA ASN A 137 -34.94 -32.63 -3.21
C ASN A 137 -33.78 -31.77 -3.69
N MET A 138 -33.16 -30.97 -2.83
CA MET A 138 -31.99 -30.17 -3.18
C MET A 138 -31.09 -30.09 -1.94
N VAL A 139 -29.81 -29.84 -2.18
CA VAL A 139 -28.81 -29.75 -1.12
C VAL A 139 -27.95 -28.52 -1.40
N LEU A 140 -27.73 -27.70 -0.37
CA LEU A 140 -26.80 -26.58 -0.41
C LEU A 140 -25.80 -26.77 0.72
N ASP A 141 -24.51 -26.85 0.39
CA ASP A 141 -23.51 -27.33 1.34
C ASP A 141 -22.27 -26.45 1.31
N ASP A 142 -21.59 -26.37 2.45
CA ASP A 142 -20.33 -25.65 2.57
C ASP A 142 -19.38 -26.55 3.35
N GLY A 143 -18.53 -27.30 2.64
CA GLY A 143 -17.54 -28.16 3.25
C GLY A 143 -17.77 -29.64 3.02
N GLY A 144 -19.01 -30.05 2.83
CA GLY A 144 -19.29 -31.43 2.45
C GLY A 144 -19.69 -32.37 3.58
N ASP A 145 -19.81 -31.90 4.82
CA ASP A 145 -20.21 -32.81 5.89
C ASP A 145 -21.63 -33.32 5.66
N LEU A 146 -22.56 -32.42 5.34
CA LEU A 146 -23.93 -32.83 5.03
C LEU A 146 -23.97 -33.77 3.83
N THR A 147 -23.24 -33.43 2.76
CA THR A 147 -23.21 -34.27 1.57
C THR A 147 -22.74 -35.68 1.89
N GLU A 148 -21.72 -35.81 2.75
CA GLU A 148 -21.21 -37.15 3.05
C GLU A 148 -22.18 -37.94 3.91
N ILE A 149 -22.83 -37.28 4.88
CA ILE A 149 -23.80 -37.95 5.73
C ILE A 149 -24.93 -38.55 4.90
N LEU A 150 -25.43 -37.79 3.93
CA LEU A 150 -26.46 -38.30 3.04
C LEU A 150 -25.97 -39.52 2.28
N HIS A 151 -24.75 -39.47 1.75
CA HIS A 151 -24.25 -40.60 0.97
C HIS A 151 -24.02 -41.84 1.82
N LYS A 152 -23.49 -41.66 3.04
CA LYS A 152 -23.21 -42.78 3.92
C LYS A 152 -24.47 -43.30 4.60
N LYS A 153 -25.37 -42.42 5.01
CA LYS A 153 -26.42 -42.82 5.94
C LYS A 153 -27.83 -42.74 5.37
N TYR A 154 -28.05 -41.92 4.34
CA TYR A 154 -29.39 -41.72 3.79
C TYR A 154 -29.40 -41.85 2.26
N PRO A 155 -28.90 -42.96 1.71
CA PRO A 155 -28.89 -43.09 0.24
C PRO A 155 -30.28 -43.07 -0.39
N GLN A 156 -31.32 -43.51 0.33
CA GLN A 156 -32.66 -43.46 -0.24
C GLN A 156 -33.16 -42.02 -0.41
N MET A 157 -32.68 -41.10 0.42
CA MET A 157 -33.03 -39.69 0.24
C MET A 157 -32.37 -39.11 -1.01
N LEU A 158 -31.15 -39.53 -1.32
CA LEU A 158 -30.46 -38.99 -2.49
C LEU A 158 -31.13 -39.38 -3.79
N GLU A 159 -31.87 -40.51 -3.81
CA GLU A 159 -32.61 -40.89 -5.00
C GLU A 159 -33.51 -39.77 -5.48
N ARG A 160 -34.09 -39.00 -4.56
CA ARG A 160 -35.07 -37.97 -4.90
C ARG A 160 -34.48 -36.57 -4.86
N ILE A 161 -33.17 -36.45 -4.74
CA ILE A 161 -32.50 -35.16 -4.68
C ILE A 161 -31.96 -34.83 -6.06
N HIS A 162 -32.20 -33.59 -6.51
CA HIS A 162 -31.84 -33.19 -7.87
C HIS A 162 -30.40 -32.69 -8.00
N GLY A 163 -29.78 -32.28 -6.90
CA GLY A 163 -28.43 -31.76 -7.03
C GLY A 163 -27.93 -31.16 -5.74
N ILE A 164 -26.61 -30.93 -5.74
CA ILE A 164 -25.89 -30.29 -4.65
C ILE A 164 -25.27 -29.02 -5.22
N THR A 165 -25.33 -27.93 -4.45
CA THR A 165 -24.58 -26.72 -4.80
C THR A 165 -23.59 -26.48 -3.66
N GLU A 166 -22.30 -26.68 -3.94
CA GLU A 166 -21.26 -26.66 -2.93
C GLU A 166 -20.49 -25.34 -2.95
N GLU A 167 -20.34 -24.73 -1.78
CA GLU A 167 -19.82 -23.38 -1.62
C GLU A 167 -18.29 -23.29 -1.68
N THR A 168 -17.56 -24.25 -1.12
CA THR A 168 -16.17 -23.97 -0.76
C THR A 168 -15.19 -24.99 -1.33
N THR A 169 -13.92 -24.57 -1.40
CA THR A 169 -12.87 -25.34 -2.04
C THR A 169 -12.78 -26.76 -1.49
N THR A 170 -12.81 -26.90 -0.16
CA THR A 170 -12.69 -28.22 0.44
C THR A 170 -13.86 -29.12 0.06
N GLY A 171 -15.08 -28.56 0.03
CA GLY A 171 -16.23 -29.36 -0.35
C GLY A 171 -16.15 -29.82 -1.80
N VAL A 172 -15.68 -28.94 -2.69
CA VAL A 172 -15.56 -29.29 -4.11
C VAL A 172 -14.59 -30.46 -4.28
N HIS A 173 -13.45 -30.40 -3.58
CA HIS A 173 -12.52 -31.52 -3.63
C HIS A 173 -13.18 -32.83 -3.21
N ARG A 174 -14.01 -32.78 -2.17
CA ARG A 174 -14.70 -33.99 -1.74
C ARG A 174 -15.68 -34.48 -2.80
N LEU A 175 -16.34 -33.56 -3.49
CA LEU A 175 -17.25 -33.95 -4.57
C LEU A 175 -16.51 -34.62 -5.71
N LEU A 176 -15.37 -34.04 -6.11
CA LEU A 176 -14.60 -34.60 -7.22
C LEU A 176 -13.99 -35.96 -6.86
N ASP A 177 -13.65 -36.16 -5.58
CA ASP A 177 -13.23 -37.49 -5.14
C ASP A 177 -14.34 -38.51 -5.37
N MET A 178 -15.56 -38.18 -4.95
CA MET A 178 -16.67 -39.13 -5.11
C MET A 178 -17.01 -39.35 -6.58
N LEU A 179 -16.88 -38.31 -7.40
CA LEU A 179 -17.16 -38.48 -8.83
C LEU A 179 -16.18 -39.45 -9.48
N LYS A 180 -14.88 -39.25 -9.25
CA LYS A 180 -13.89 -40.16 -9.84
C LYS A 180 -13.97 -41.56 -9.24
N ASN A 181 -14.46 -41.69 -8.00
CA ASN A 181 -14.69 -43.01 -7.41
C ASN A 181 -16.02 -43.61 -7.83
N GLY A 182 -16.85 -42.89 -8.58
CA GLY A 182 -18.16 -43.41 -8.95
C GLY A 182 -19.14 -43.52 -7.81
N THR A 183 -18.90 -42.81 -6.71
CA THR A 183 -19.80 -42.86 -5.57
C THR A 183 -20.70 -41.63 -5.44
N LEU A 184 -20.50 -40.61 -6.29
CA LEU A 184 -21.37 -39.44 -6.27
C LEU A 184 -22.74 -39.80 -6.83
N LYS A 185 -23.79 -39.57 -6.05
CA LYS A 185 -25.12 -40.04 -6.42
C LYS A 185 -25.97 -38.99 -7.13
N VAL A 186 -25.64 -37.71 -7.00
CA VAL A 186 -26.39 -36.63 -7.67
C VAL A 186 -25.41 -35.60 -8.19
N PRO A 187 -25.77 -34.91 -9.27
CA PRO A 187 -24.86 -33.92 -9.85
C PRO A 187 -24.68 -32.73 -8.93
N ALA A 188 -23.59 -31.99 -9.15
CA ALA A 188 -23.26 -30.88 -8.30
C ALA A 188 -22.82 -29.69 -9.14
N ILE A 189 -23.02 -28.50 -8.59
CA ILE A 189 -22.41 -27.30 -9.13
C ILE A 189 -21.33 -26.84 -8.17
N ASN A 190 -20.12 -26.69 -8.71
CA ASN A 190 -19.00 -26.06 -8.02
C ASN A 190 -19.26 -24.56 -7.97
N VAL A 191 -19.82 -24.07 -6.85
CA VAL A 191 -20.07 -22.63 -6.72
C VAL A 191 -18.76 -21.90 -6.43
N ASN A 192 -17.83 -22.57 -5.74
CA ASN A 192 -16.56 -21.93 -5.36
C ASN A 192 -15.86 -21.31 -6.56
N ASP A 193 -15.85 -22.00 -7.69
CA ASP A 193 -15.01 -21.59 -8.81
C ASP A 193 -15.69 -20.63 -9.78
N SER A 194 -16.83 -20.05 -9.43
CA SER A 194 -17.21 -18.80 -10.08
C SER A 194 -16.17 -17.74 -9.73
N VAL A 195 -15.83 -16.88 -10.69
CA VAL A 195 -14.88 -15.82 -10.38
C VAL A 195 -15.45 -14.90 -9.32
N THR A 196 -16.75 -14.60 -9.39
CA THR A 196 -17.43 -13.79 -8.38
C THR A 196 -17.59 -14.51 -7.05
N LYS A 197 -17.05 -15.72 -6.93
CA LYS A 197 -16.92 -16.39 -5.64
C LYS A 197 -15.45 -16.50 -5.27
N SER A 198 -14.71 -17.44 -5.89
CA SER A 198 -13.32 -17.70 -5.53
C SER A 198 -12.45 -16.44 -5.49
N LYS A 199 -12.53 -15.60 -6.52
CA LYS A 199 -11.65 -14.44 -6.60
C LYS A 199 -12.25 -13.20 -5.96
N ASN A 200 -13.31 -13.38 -5.19
CA ASN A 200 -13.98 -12.31 -4.46
C ASN A 200 -14.06 -12.71 -2.99
N ASP A 201 -14.95 -13.68 -2.73
CA ASP A 201 -15.13 -14.25 -1.40
C ASP A 201 -13.80 -14.75 -0.82
N ASN A 202 -13.17 -15.73 -1.47
CA ASN A 202 -12.04 -16.41 -0.84
C ASN A 202 -10.90 -15.44 -0.54
N LYS A 203 -10.68 -14.47 -1.44
CA LYS A 203 -9.56 -13.54 -1.33
C LYS A 203 -9.94 -12.30 -0.54
N TYR A 204 -10.83 -11.48 -1.10
CA TYR A 204 -11.15 -10.20 -0.45
C TYR A 204 -11.94 -10.40 0.84
N GLY A 205 -12.68 -11.50 0.96
CA GLY A 205 -13.40 -11.76 2.20
C GLY A 205 -12.44 -11.99 3.36
N CYS A 206 -11.36 -12.73 3.12
CA CYS A 206 -10.37 -12.95 4.17
C CYS A 206 -9.51 -11.70 4.39
N ARG A 207 -9.31 -10.90 3.34
CA ARG A 207 -8.66 -9.60 3.54
C ARG A 207 -9.42 -8.76 4.56
N HIS A 208 -10.74 -8.69 4.42
CA HIS A 208 -11.56 -7.91 5.34
C HIS A 208 -11.61 -8.53 6.73
N SER A 209 -11.80 -9.86 6.82
CA SER A 209 -12.21 -10.48 8.07
C SER A 209 -11.08 -11.12 8.88
N LEU A 210 -9.88 -11.33 8.33
CA LEU A 210 -8.85 -11.97 9.13
C LEU A 210 -8.32 -11.02 10.21
N ASN A 211 -7.85 -9.83 9.82
CA ASN A 211 -7.39 -8.90 10.84
CA ASN A 211 -7.39 -8.88 10.82
C ASN A 211 -8.52 -8.50 11.76
N ASP A 212 -9.75 -8.48 11.25
CA ASP A 212 -10.94 -8.21 12.07
C ASP A 212 -11.04 -9.21 13.22
N ALA A 213 -11.02 -10.51 12.92
CA ALA A 213 -11.12 -11.52 13.96
C ALA A 213 -9.95 -11.44 14.93
N ILE A 214 -8.74 -11.19 14.42
CA ILE A 214 -7.57 -11.13 15.30
C ILE A 214 -7.70 -9.97 16.28
N LYS A 215 -8.14 -8.80 15.80
CA LYS A 215 -8.35 -7.66 16.69
C LYS A 215 -9.43 -7.93 17.73
N ARG A 216 -10.57 -8.48 17.31
CA ARG A 216 -11.63 -8.74 18.28
C ARG A 216 -11.18 -9.72 19.35
N GLY A 217 -10.39 -10.72 18.98
CA GLY A 217 -9.96 -11.73 19.94
C GLY A 217 -8.89 -11.25 20.91
N THR A 218 -7.91 -10.50 20.41
CA THR A 218 -6.73 -10.14 21.18
C THR A 218 -6.51 -8.65 21.34
N ASP A 219 -7.06 -7.82 20.44
CA ASP A 219 -6.78 -6.39 20.40
C ASP A 219 -5.28 -6.12 20.28
N HIS A 220 -4.55 -7.04 19.67
CA HIS A 220 -3.12 -6.86 19.46
C HIS A 220 -2.87 -5.84 18.35
N LEU A 221 -1.91 -4.95 18.59
CA LEU A 221 -1.30 -4.21 17.50
C LEU A 221 -0.68 -5.21 16.52
N LEU A 222 -0.93 -5.00 15.24
CA LEU A 222 -0.34 -5.82 14.20
C LEU A 222 0.84 -5.14 13.50
N SER A 223 0.79 -3.82 13.35
CA SER A 223 1.86 -3.07 12.69
C SER A 223 3.22 -3.36 13.33
N GLY A 224 4.22 -3.64 12.50
CA GLY A 224 5.57 -3.85 12.97
C GLY A 224 5.87 -5.22 13.54
N LYS A 225 4.88 -6.10 13.62
CA LYS A 225 5.10 -7.45 14.12
C LYS A 225 5.26 -8.44 12.97
N GLN A 226 5.71 -9.65 13.32
CA GLN A 226 6.09 -10.67 12.35
C GLN A 226 5.00 -11.72 12.22
N ALA A 227 4.54 -11.96 10.99
CA ALA A 227 3.54 -12.98 10.71
C ALA A 227 4.10 -14.00 9.73
N LEU A 228 3.58 -15.23 9.82
CA LEU A 228 3.85 -16.28 8.84
C LEU A 228 2.52 -16.83 8.35
N VAL A 229 2.26 -16.71 7.06
CA VAL A 229 1.04 -17.22 6.46
C VAL A 229 1.38 -18.52 5.72
N ILE A 230 0.75 -19.62 6.14
CA ILE A 230 0.96 -20.91 5.49
C ILE A 230 -0.05 -21.02 4.35
N GLY A 231 0.45 -21.01 3.12
CA GLY A 231 -0.41 -21.07 1.95
C GLY A 231 -0.54 -19.72 1.28
N TYR A 232 -0.64 -19.75 -0.05
CA TYR A 232 -0.82 -18.53 -0.83
C TYR A 232 -1.75 -18.79 -2.01
N GLY A 233 -2.79 -19.60 -1.79
CA GLY A 233 -3.90 -19.66 -2.70
C GLY A 233 -4.79 -18.46 -2.51
N ASP A 234 -6.08 -18.61 -2.85
CA ASP A 234 -6.98 -17.47 -2.76
C ASP A 234 -7.13 -16.99 -1.32
N VAL A 235 -7.28 -17.91 -0.38
CA VAL A 235 -7.39 -17.54 1.03
C VAL A 235 -6.05 -16.99 1.54
N GLY A 236 -4.95 -17.65 1.20
CA GLY A 236 -3.65 -17.16 1.65
C GLY A 236 -3.31 -15.81 1.06
N LYS A 237 -3.69 -15.56 -0.19
CA LYS A 237 -3.47 -14.25 -0.80
C LYS A 237 -4.24 -13.16 -0.04
N GLY A 238 -5.52 -13.41 0.22
CA GLY A 238 -6.32 -12.43 0.94
C GLY A 238 -5.85 -12.26 2.38
N SER A 239 -5.47 -13.36 3.02
CA SER A 239 -4.98 -13.30 4.39
C SER A 239 -3.68 -12.52 4.49
N SER A 240 -2.74 -12.77 3.55
CA SER A 240 -1.49 -12.02 3.53
C SER A 240 -1.74 -10.52 3.40
N GLN A 241 -2.66 -10.12 2.53
CA GLN A 241 -2.95 -8.70 2.39
CA GLN A 241 -2.97 -8.70 2.38
C GLN A 241 -3.60 -8.14 3.65
N SER A 242 -4.44 -8.94 4.31
CA SER A 242 -5.11 -8.49 5.54
C SER A 242 -4.09 -8.05 6.58
N LEU A 243 -2.97 -8.78 6.67
CA LEU A 243 -1.93 -8.50 7.65
C LEU A 243 -0.95 -7.45 7.15
N ARG A 244 -0.53 -7.55 5.88
CA ARG A 244 0.43 -6.60 5.33
C ARG A 244 -0.16 -5.20 5.29
N GLN A 245 -1.44 -5.06 4.93
CA GLN A 245 -2.01 -3.72 4.89
C GLN A 245 -2.08 -3.06 6.27
N GLU A 246 -2.05 -3.87 7.34
CA GLU A 246 -1.98 -3.37 8.71
C GLU A 246 -0.57 -3.04 9.15
N GLY A 247 0.43 -3.28 8.31
CA GLY A 247 1.82 -3.03 8.66
C GLY A 247 2.57 -4.22 9.20
N MET A 248 2.02 -5.43 9.12
CA MET A 248 2.79 -6.60 9.53
C MET A 248 3.92 -6.87 8.54
N ILE A 249 5.02 -7.43 9.06
CA ILE A 249 6.08 -7.99 8.23
C ILE A 249 5.71 -9.45 7.99
N VAL A 250 5.20 -9.73 6.80
CA VAL A 250 4.57 -11.01 6.48
C VAL A 250 5.52 -11.87 5.69
N LYS A 251 5.71 -13.11 6.13
CA LYS A 251 6.39 -14.16 5.40
C LYS A 251 5.36 -15.19 4.96
N VAL A 252 5.62 -15.85 3.82
CA VAL A 252 4.65 -16.75 3.21
C VAL A 252 5.31 -18.10 2.96
N ALA A 253 4.59 -19.17 3.29
CA ALA A 253 5.02 -20.53 3.00
C ALA A 253 4.11 -21.14 1.94
N GLU A 254 4.69 -21.99 1.09
CA GLU A 254 3.92 -22.58 0.02
C GLU A 254 4.61 -23.87 -0.44
N VAL A 255 3.80 -24.82 -0.90
CA VAL A 255 4.32 -25.96 -1.63
C VAL A 255 4.21 -25.75 -3.15
N ASP A 256 3.37 -24.82 -3.59
CA ASP A 256 3.16 -24.59 -5.02
C ASP A 256 4.12 -23.50 -5.49
N PRO A 257 5.11 -23.82 -6.32
CA PRO A 257 6.06 -22.77 -6.74
C PRO A 257 5.42 -21.65 -7.53
N ILE A 258 4.32 -21.90 -8.23
CA ILE A 258 3.64 -20.82 -8.94
C ILE A 258 3.05 -19.83 -7.94
N CYS A 259 2.33 -20.35 -6.94
CA CYS A 259 1.79 -19.47 -5.89
C CYS A 259 2.92 -18.78 -5.13
N ALA A 260 4.02 -19.50 -4.90
CA ALA A 260 5.19 -18.90 -4.27
C ALA A 260 5.75 -17.77 -5.12
N MET A 261 5.75 -17.95 -6.45
N MET A 261 5.76 -17.94 -6.44
CA MET A 261 6.21 -16.87 -7.32
CA MET A 261 6.21 -16.86 -7.31
C MET A 261 5.36 -15.62 -7.13
C MET A 261 5.36 -15.62 -7.13
N GLN A 262 4.04 -15.79 -7.04
CA GLN A 262 3.15 -14.65 -6.84
C GLN A 262 3.43 -13.96 -5.50
N ALA A 263 3.70 -14.74 -4.45
CA ALA A 263 4.04 -14.14 -3.17
C ALA A 263 5.28 -13.26 -3.29
N CYS A 264 6.32 -13.78 -3.96
CA CYS A 264 7.53 -12.99 -4.17
C CYS A 264 7.21 -11.69 -4.90
N MET A 265 6.53 -11.78 -6.05
CA MET A 265 6.20 -10.58 -6.81
C MET A 265 5.31 -9.62 -6.03
N ASP A 266 4.45 -10.15 -5.16
CA ASP A 266 3.60 -9.34 -4.29
C ASP A 266 4.36 -8.70 -3.14
N GLY A 267 5.66 -8.96 -3.01
CA GLY A 267 6.49 -8.30 -2.03
C GLY A 267 6.66 -9.03 -0.72
N PHE A 268 6.48 -10.34 -0.70
CA PHE A 268 6.66 -11.17 0.50
C PHE A 268 7.90 -12.04 0.37
N GLU A 269 8.55 -12.28 1.51
CA GLU A 269 9.62 -13.26 1.61
C GLU A 269 9.00 -14.64 1.75
N VAL A 270 9.43 -15.59 0.91
CA VAL A 270 8.87 -16.95 0.89
C VAL A 270 9.80 -17.85 1.68
N VAL A 271 9.28 -18.44 2.77
CA VAL A 271 10.07 -19.24 3.70
C VAL A 271 9.32 -20.53 3.99
N SER A 272 10.03 -21.50 4.54
CA SER A 272 9.42 -22.74 4.98
C SER A 272 9.66 -22.93 6.47
N PRO A 273 8.70 -23.51 7.20
CA PRO A 273 8.95 -23.84 8.61
C PRO A 273 10.04 -24.89 8.78
N TYR A 274 10.42 -25.60 7.71
CA TYR A 274 11.42 -26.65 7.78
C TYR A 274 12.68 -26.22 7.04
N LYS A 275 13.84 -26.61 7.56
CA LYS A 275 15.10 -26.31 6.91
C LYS A 275 15.11 -26.88 5.50
N ASN A 276 15.38 -26.02 4.51
CA ASN A 276 15.32 -26.39 3.10
C ASN A 276 13.94 -26.88 2.67
N GLY A 277 12.91 -26.58 3.47
CA GLY A 277 11.56 -27.03 3.18
C GLY A 277 11.30 -28.51 3.41
N ILE A 278 12.19 -29.25 4.06
CA ILE A 278 12.12 -30.70 4.17
C ILE A 278 11.88 -31.10 5.61
N ASN A 279 10.73 -31.74 5.87
CA ASN A 279 10.41 -32.32 7.16
C ASN A 279 11.08 -33.70 7.26
N ASP A 280 12.08 -33.83 8.13
CA ASP A 280 12.77 -35.10 8.31
C ASP A 280 12.16 -35.95 9.42
N GLY A 281 11.00 -35.56 9.95
CA GLY A 281 10.33 -36.30 10.99
C GLY A 281 10.80 -36.00 12.40
N THR A 282 11.74 -35.07 12.58
CA THR A 282 12.27 -34.73 13.89
C THR A 282 12.20 -33.22 14.11
N GLU A 283 12.37 -32.82 15.37
CA GLU A 283 12.46 -31.40 15.69
C GLU A 283 13.67 -30.73 15.02
N ALA A 284 14.69 -31.51 14.66
CA ALA A 284 15.92 -30.94 14.12
C ALA A 284 15.72 -30.33 12.74
N SER A 285 14.68 -30.71 12.01
CA SER A 285 14.40 -30.12 10.71
C SER A 285 13.55 -28.86 10.82
N ILE A 286 13.14 -28.46 12.03
CA ILE A 286 12.42 -27.22 12.22
C ILE A 286 13.41 -26.05 12.19
N ASP A 287 13.07 -25.02 11.43
CA ASP A 287 13.81 -23.76 11.45
C ASP A 287 13.42 -23.04 12.73
N ALA A 288 14.12 -23.35 13.82
CA ALA A 288 13.79 -22.79 15.11
C ALA A 288 14.07 -21.29 15.17
N ALA A 289 15.11 -20.84 14.46
CA ALA A 289 15.40 -19.40 14.42
C ALA A 289 14.30 -18.63 13.74
N LEU A 290 13.76 -19.17 12.65
CA LEU A 290 12.66 -18.53 11.95
C LEU A 290 11.42 -18.43 12.82
N LEU A 291 10.96 -19.57 13.34
CA LEU A 291 9.71 -19.59 14.09
C LEU A 291 9.84 -18.86 15.42
N GLY A 292 11.05 -18.80 15.97
CA GLY A 292 11.26 -18.04 17.19
C GLY A 292 11.06 -16.55 17.06
N LYS A 293 10.84 -16.05 15.84
CA LYS A 293 10.63 -14.63 15.58
C LYS A 293 9.21 -14.31 15.15
N ILE A 294 8.35 -15.32 15.00
CA ILE A 294 7.01 -15.15 14.45
C ILE A 294 6.04 -14.82 15.58
N ASP A 295 5.33 -13.70 15.45
CA ASP A 295 4.32 -13.28 16.40
C ASP A 295 2.93 -13.81 16.08
N LEU A 296 2.69 -14.25 14.84
CA LEU A 296 1.37 -14.67 14.41
C LEU A 296 1.53 -15.66 13.27
N ILE A 297 0.89 -16.81 13.37
CA ILE A 297 0.89 -17.79 12.29
C ILE A 297 -0.56 -18.07 11.91
N VAL A 298 -0.83 -18.08 10.61
CA VAL A 298 -2.16 -18.29 10.06
C VAL A 298 -2.08 -19.38 9.01
N THR A 299 -2.93 -20.41 9.12
CA THR A 299 -2.98 -21.49 8.15
C THR A 299 -4.14 -21.24 7.19
N THR A 300 -3.88 -21.42 5.88
CA THR A 300 -4.88 -21.08 4.85
C THR A 300 -4.99 -22.13 3.76
N THR A 301 -4.61 -23.38 4.03
CA THR A 301 -4.28 -24.34 2.97
C THR A 301 -5.41 -25.30 2.60
N GLY A 302 -6.31 -25.62 3.51
CA GLY A 302 -7.19 -26.76 3.26
C GLY A 302 -6.48 -28.09 3.32
N ASN A 303 -5.26 -28.14 3.85
CA ASN A 303 -4.47 -29.36 3.97
C ASN A 303 -4.43 -29.80 5.44
N VAL A 304 -3.71 -30.88 5.71
CA VAL A 304 -3.66 -31.47 7.05
C VAL A 304 -2.29 -31.18 7.66
N ASN A 305 -2.30 -30.75 8.92
CA ASN A 305 -1.09 -30.64 9.73
C ASN A 305 -0.01 -29.79 9.06
N VAL A 306 -0.39 -28.60 8.62
CA VAL A 306 0.58 -27.66 8.07
C VAL A 306 1.16 -26.74 9.13
N CYS A 307 0.62 -26.75 10.34
CA CYS A 307 1.24 -26.14 11.52
C CYS A 307 1.27 -27.24 12.56
N ASP A 308 2.36 -28.01 12.58
CA ASP A 308 2.40 -29.27 13.32
C ASP A 308 2.95 -29.05 14.73
N ALA A 309 3.07 -30.15 15.48
CA ALA A 309 3.47 -30.09 16.88
C ALA A 309 4.85 -29.47 17.05
N ASN A 310 5.81 -29.89 16.21
CA ASN A 310 7.17 -29.36 16.35
C ASN A 310 7.23 -27.88 15.99
N MET A 311 6.39 -27.44 15.05
CA MET A 311 6.30 -26.00 14.78
C MET A 311 5.72 -25.26 15.97
N LEU A 312 4.67 -25.81 16.58
CA LEU A 312 4.06 -25.16 17.74
C LEU A 312 5.04 -25.05 18.90
N LYS A 313 5.93 -26.03 19.04
CA LYS A 313 6.92 -25.99 20.12
C LYS A 313 7.98 -24.92 19.90
N ALA A 314 8.29 -24.60 18.63
CA ALA A 314 9.35 -23.66 18.31
C ALA A 314 8.86 -22.23 18.13
N LEU A 315 7.56 -21.99 18.15
CA LEU A 315 7.06 -20.63 17.96
C LEU A 315 7.51 -19.72 19.08
N LYS A 316 7.75 -18.46 18.72
CA LYS A 316 8.02 -17.41 19.70
C LYS A 316 6.99 -17.42 20.81
N LYS A 317 7.46 -17.25 22.05
CA LYS A 317 6.55 -17.08 23.18
C LYS A 317 5.51 -16.01 22.88
N ARG A 318 4.26 -16.30 23.27
CA ARG A 318 3.12 -15.40 23.18
C ARG A 318 2.64 -15.18 21.75
N ALA A 319 3.10 -16.02 20.82
CA ALA A 319 2.60 -15.94 19.45
C ALA A 319 1.11 -16.30 19.40
N VAL A 320 0.42 -15.73 18.43
CA VAL A 320 -0.97 -16.05 18.15
C VAL A 320 -1.01 -17.11 17.06
N VAL A 321 -1.90 -18.08 17.23
CA VAL A 321 -2.07 -19.21 16.32
C VAL A 321 -3.53 -19.25 15.88
N CYS A 322 -3.77 -19.24 14.57
CA CYS A 322 -5.14 -19.35 14.09
C CYS A 322 -5.18 -20.03 12.72
N ASN A 323 -6.38 -20.48 12.37
CA ASN A 323 -6.63 -21.14 11.10
C ASN A 323 -7.83 -20.47 10.44
N ILE A 324 -7.73 -20.25 9.13
CA ILE A 324 -8.82 -19.69 8.36
C ILE A 324 -9.21 -20.60 7.20
N GLY A 325 -8.54 -21.74 7.04
CA GLY A 325 -9.06 -22.81 6.22
C GLY A 325 -10.29 -23.44 6.85
N HIS A 326 -10.93 -24.33 6.10
CA HIS A 326 -12.27 -24.78 6.49
C HIS A 326 -12.24 -25.66 7.73
N PHE A 327 -11.25 -26.54 7.86
CA PHE A 327 -11.22 -27.51 8.94
C PHE A 327 -10.06 -27.26 9.88
N ASP A 328 -10.28 -27.58 11.16
CA ASP A 328 -9.32 -27.25 12.21
C ASP A 328 -8.09 -28.15 12.20
N ASN A 329 -8.08 -29.24 11.45
CA ASN A 329 -6.92 -30.13 11.43
C ASN A 329 -5.72 -29.57 10.68
N GLU A 330 -5.79 -28.32 10.18
CA GLU A 330 -4.59 -27.68 9.64
C GLU A 330 -3.55 -27.49 10.73
N ILE A 331 -3.99 -27.28 11.97
CA ILE A 331 -3.14 -27.12 13.14
C ILE A 331 -3.30 -28.35 14.01
N ASP A 332 -2.20 -28.82 14.58
CA ASP A 332 -2.23 -30.00 15.47
C ASP A 332 -2.68 -29.56 16.87
N THR A 333 -3.95 -29.18 16.96
CA THR A 333 -4.49 -28.81 18.27
C THR A 333 -4.64 -30.04 19.17
N ALA A 334 -4.80 -31.22 18.58
CA ALA A 334 -4.84 -32.45 19.37
C ALA A 334 -3.59 -32.59 20.22
N PHE A 335 -2.42 -32.33 19.63
CA PHE A 335 -1.18 -32.33 20.41
C PHE A 335 -1.27 -31.37 21.58
N MET A 336 -1.81 -30.16 21.35
CA MET A 336 -1.85 -29.16 22.41
C MET A 336 -2.81 -29.55 23.52
N ARG A 337 -3.96 -30.13 23.16
CA ARG A 337 -4.88 -30.63 24.17
C ARG A 337 -4.22 -31.70 25.03
N LYS A 338 -3.41 -32.56 24.44
CA LYS A 338 -2.84 -33.69 25.17
C LYS A 338 -1.70 -33.26 26.09
N ASN A 339 -0.95 -32.23 25.71
CA ASN A 339 0.32 -31.95 26.36
C ASN A 339 0.36 -30.65 27.15
N TRP A 340 -0.47 -29.67 26.80
CA TRP A 340 -0.36 -28.33 27.38
C TRP A 340 -1.67 -27.93 28.05
N ALA A 341 -1.58 -26.93 28.92
CA ALA A 341 -2.71 -26.50 29.73
C ALA A 341 -3.39 -25.31 29.06
N TRP A 342 -4.70 -25.41 28.90
CA TRP A 342 -5.49 -24.39 28.23
C TRP A 342 -6.14 -23.49 29.28
N GLU A 343 -5.96 -22.18 29.12
CA GLU A 343 -6.61 -21.17 29.94
C GLU A 343 -7.47 -20.31 29.05
N GLU A 344 -8.79 -20.36 29.27
CA GLU A 344 -9.68 -19.52 28.48
C GLU A 344 -9.54 -18.07 28.91
N VAL A 345 -9.21 -17.20 27.95
CA VAL A 345 -9.21 -15.76 28.19
C VAL A 345 -10.63 -15.22 28.13
N LYS A 346 -11.29 -15.47 27.00
CA LYS A 346 -12.72 -15.26 26.83
C LYS A 346 -13.15 -16.27 25.78
N PRO A 347 -14.45 -16.35 25.44
CA PRO A 347 -14.88 -17.34 24.44
C PRO A 347 -14.08 -17.23 23.15
N GLN A 348 -13.63 -18.41 22.66
CA GLN A 348 -12.86 -18.54 21.44
C GLN A 348 -11.47 -17.89 21.52
N VAL A 349 -10.95 -17.68 22.72
CA VAL A 349 -9.59 -17.16 22.92
C VAL A 349 -8.99 -17.94 24.08
N HIS A 350 -7.94 -18.73 23.80
CA HIS A 350 -7.29 -19.55 24.83
C HIS A 350 -5.80 -19.30 24.83
N LYS A 351 -5.23 -19.17 26.03
CA LYS A 351 -3.78 -19.24 26.19
C LYS A 351 -3.41 -20.70 26.41
N ILE A 352 -2.51 -21.21 25.57
CA ILE A 352 -2.02 -22.58 25.67
C ILE A 352 -0.67 -22.53 26.36
N HIS A 353 -0.61 -22.98 27.62
CA HIS A 353 0.61 -22.87 28.41
C HIS A 353 1.52 -24.06 28.10
N ARG A 354 2.67 -23.78 27.51
CA ARG A 354 3.61 -24.82 27.11
C ARG A 354 4.47 -25.32 28.27
N THR A 355 4.15 -24.94 29.49
CA THR A 355 4.91 -25.36 30.66
C THR A 355 4.43 -26.69 31.23
N GLY A 356 3.35 -27.25 30.72
CA GLY A 356 2.87 -28.53 31.19
C GLY A 356 1.38 -28.66 31.00
N LYS A 357 0.89 -29.89 31.22
CA LYS A 357 -0.51 -30.23 31.03
C LYS A 357 -1.34 -30.00 32.29
N ASP A 358 -0.76 -30.21 33.48
CA ASP A 358 -1.48 -30.10 34.74
C ASP A 358 -2.12 -28.73 34.92
N GLY A 359 -1.35 -27.78 35.42
CA GLY A 359 -1.81 -26.42 35.62
C GLY A 359 -0.84 -25.44 34.99
N PHE A 360 -0.80 -24.24 35.57
CA PHE A 360 0.05 -23.18 35.06
C PHE A 360 0.08 -22.04 36.07
N ASP A 361 1.18 -21.29 36.06
CA ASP A 361 1.23 -20.02 36.77
C ASP A 361 0.49 -18.98 35.94
N ALA A 362 -0.40 -18.22 36.58
CA ALA A 362 -1.16 -17.21 35.86
C ALA A 362 -0.27 -16.18 35.17
N HIS A 363 0.95 -15.99 35.66
CA HIS A 363 1.91 -15.07 35.05
C HIS A 363 2.97 -15.81 34.24
N ASN A 364 2.70 -17.03 33.81
CA ASN A 364 3.60 -17.73 32.89
C ASN A 364 3.74 -16.92 31.61
N ASP A 365 4.98 -16.82 31.11
CA ASP A 365 5.25 -16.11 29.87
C ASP A 365 5.34 -17.04 28.67
N ASP A 366 5.43 -18.35 28.89
CA ASP A 366 5.65 -19.32 27.82
C ASP A 366 4.29 -19.92 27.43
N TYR A 367 3.53 -19.14 26.66
CA TYR A 367 2.24 -19.59 26.16
C TYR A 367 2.07 -19.15 24.72
N LEU A 368 1.11 -19.79 24.05
CA LEU A 368 0.57 -19.37 22.76
C LEU A 368 -0.89 -18.97 22.95
N ILE A 369 -1.38 -18.09 22.07
CA ILE A 369 -2.80 -17.73 22.07
C ILE A 369 -3.44 -18.37 20.86
N LEU A 370 -4.39 -19.28 21.11
CA LEU A 370 -5.12 -19.96 20.05
C LEU A 370 -6.49 -19.32 19.91
N LEU A 371 -6.89 -19.04 18.67
CA LEU A 371 -8.18 -18.43 18.37
C LEU A 371 -9.15 -19.46 17.81
N ALA A 372 -10.38 -19.44 18.32
CA ALA A 372 -11.48 -20.31 17.89
C ALA A 372 -11.13 -21.79 17.99
N GLU A 373 -10.19 -22.14 18.87
CA GLU A 373 -9.71 -23.52 19.04
C GLU A 373 -9.28 -24.14 17.71
N GLY A 374 -8.70 -23.31 16.82
CA GLY A 374 -8.29 -23.79 15.51
C GLY A 374 -9.38 -23.83 14.46
N ARG A 375 -10.62 -23.54 14.82
CA ARG A 375 -11.69 -23.45 13.83
C ARG A 375 -11.54 -22.16 13.03
N LEU A 376 -12.20 -22.10 11.88
CA LEU A 376 -11.93 -21.00 10.96
C LEU A 376 -12.19 -19.67 11.66
N VAL A 377 -11.16 -18.81 11.66
CA VAL A 377 -11.07 -17.78 12.68
C VAL A 377 -11.92 -16.54 12.34
N ASN A 378 -12.12 -16.25 11.06
CA ASN A 378 -12.92 -15.07 10.72
C ASN A 378 -14.36 -15.21 11.20
N LEU A 379 -14.94 -16.41 11.07
CA LEU A 379 -16.29 -16.64 11.56
C LEU A 379 -16.33 -16.96 13.05
N GLY A 380 -15.25 -17.51 13.61
CA GLY A 380 -15.24 -17.87 15.02
C GLY A 380 -15.04 -16.71 15.97
N ASN A 381 -14.16 -15.77 15.61
CA ASN A 381 -13.87 -14.63 16.47
C ASN A 381 -14.44 -13.32 15.96
N ALA A 382 -15.00 -13.29 14.77
CA ALA A 382 -15.73 -12.12 14.29
C ALA A 382 -17.03 -12.59 13.63
N THR A 383 -17.36 -12.03 12.45
CA THR A 383 -18.61 -12.37 11.76
C THR A 383 -18.38 -12.85 10.34
N GLY A 384 -17.16 -13.28 10.01
CA GLY A 384 -16.90 -13.72 8.66
C GLY A 384 -16.87 -12.58 7.65
N HIS A 385 -17.10 -12.94 6.38
CA HIS A 385 -17.05 -11.98 5.30
C HIS A 385 -18.22 -11.00 5.41
N PRO A 386 -18.03 -9.77 4.93
CA PRO A 386 -19.11 -8.80 4.96
C PRO A 386 -20.15 -9.08 3.90
N SER A 387 -21.35 -8.54 4.14
CA SER A 387 -22.48 -8.82 3.27
C SER A 387 -22.18 -8.54 1.81
N ARG A 388 -21.51 -7.42 1.51
CA ARG A 388 -21.37 -7.02 0.12
C ARG A 388 -20.43 -7.93 -0.65
N ILE A 389 -19.56 -8.67 0.04
CA ILE A 389 -18.77 -9.73 -0.59
C ILE A 389 -19.57 -11.02 -0.70
N MET A 390 -20.26 -11.43 0.37
CA MET A 390 -21.06 -12.65 0.31
C MET A 390 -22.19 -12.56 -0.71
N ASP A 391 -22.60 -11.34 -1.04
CA ASP A 391 -23.56 -11.10 -2.11
C ASP A 391 -23.19 -11.85 -3.39
N GLY A 392 -21.92 -11.80 -3.78
CA GLY A 392 -21.50 -12.53 -4.97
C GLY A 392 -21.63 -14.03 -4.81
N SER A 393 -21.05 -14.58 -3.73
CA SER A 393 -21.13 -16.01 -3.49
C SER A 393 -22.57 -16.50 -3.48
N PHE A 394 -23.43 -15.79 -2.76
CA PHE A 394 -24.78 -16.29 -2.55
C PHE A 394 -25.70 -16.02 -3.74
N ALA A 395 -25.41 -15.00 -4.56
CA ALA A 395 -26.10 -14.89 -5.84
C ALA A 395 -25.77 -16.10 -6.72
N ASN A 396 -24.50 -16.52 -6.71
CA ASN A 396 -24.13 -17.76 -7.40
C ASN A 396 -24.88 -18.96 -6.83
N GLN A 397 -25.01 -19.05 -5.51
CA GLN A 397 -25.73 -20.17 -4.90
C GLN A 397 -27.17 -20.24 -5.39
N VAL A 398 -27.85 -19.10 -5.45
CA VAL A 398 -29.24 -19.08 -5.91
C VAL A 398 -29.34 -19.55 -7.36
N LEU A 399 -28.47 -19.01 -8.22
CA LEU A 399 -28.50 -19.41 -9.62
C LEU A 399 -28.19 -20.89 -9.78
N ALA A 400 -27.31 -21.42 -8.93
CA ALA A 400 -26.95 -22.83 -9.01
C ALA A 400 -28.10 -23.72 -8.54
N GLN A 401 -28.79 -23.31 -7.49
CA GLN A 401 -29.99 -24.02 -7.05
C GLN A 401 -31.05 -24.04 -8.14
N ILE A 402 -31.29 -22.88 -8.77
CA ILE A 402 -32.26 -22.84 -9.87
C ILE A 402 -31.84 -23.79 -10.98
N HIS A 403 -30.56 -23.76 -11.35
CA HIS A 403 -30.07 -24.52 -12.51
C HIS A 403 -30.27 -26.02 -12.31
N LEU A 404 -29.92 -26.53 -11.13
CA LEU A 404 -30.06 -27.97 -10.90
C LEU A 404 -31.51 -28.37 -10.60
N PHE A 405 -32.26 -27.51 -9.91
CA PHE A 405 -33.65 -27.84 -9.62
C PHE A 405 -34.46 -27.93 -10.91
N GLU A 406 -34.18 -27.05 -11.87
CA GLU A 406 -34.91 -27.09 -13.13
C GLU A 406 -34.52 -28.30 -13.97
N GLN A 407 -33.28 -28.80 -13.80
CA GLN A 407 -32.86 -29.98 -14.54
C GLN A 407 -33.62 -31.23 -14.10
N LYS A 408 -34.00 -31.30 -12.82
CA LYS A 408 -34.79 -32.43 -12.30
C LYS A 408 -34.10 -33.77 -12.52
N TYR A 409 -32.83 -33.85 -12.11
CA TYR A 409 -32.05 -35.08 -12.29
C TYR A 409 -32.74 -36.30 -11.70
N ALA A 410 -33.39 -36.15 -10.53
CA ALA A 410 -33.99 -37.31 -9.86
C ALA A 410 -35.06 -37.95 -10.71
N ASP A 411 -35.70 -37.19 -11.59
CA ASP A 411 -36.77 -37.71 -12.43
C ASP A 411 -36.27 -38.25 -13.76
N LEU A 412 -34.98 -38.17 -14.02
CA LEU A 412 -34.44 -38.63 -15.28
C LEU A 412 -34.29 -40.16 -15.27
N PRO A 413 -34.52 -40.81 -16.39
CA PRO A 413 -34.18 -42.23 -16.50
C PRO A 413 -32.69 -42.47 -16.29
N ALA A 414 -32.37 -43.72 -15.96
CA ALA A 414 -30.99 -44.08 -15.64
C ALA A 414 -30.02 -43.66 -16.74
N ALA A 415 -30.38 -43.95 -18.01
CA ALA A 415 -29.50 -43.61 -19.13
C ALA A 415 -29.34 -42.11 -19.29
N GLU A 416 -30.34 -41.32 -18.89
CA GLU A 416 -30.19 -39.87 -18.96
C GLU A 416 -29.41 -39.33 -17.77
N LYS A 417 -29.60 -39.92 -16.58
CA LYS A 417 -28.80 -39.53 -15.42
C LYS A 417 -27.31 -39.68 -15.71
N ALA A 418 -26.93 -40.79 -16.35
CA ALA A 418 -25.52 -41.05 -16.61
C ALA A 418 -24.89 -39.95 -17.46
N LYS A 419 -25.64 -39.35 -18.36
CA LYS A 419 -25.15 -38.27 -19.20
C LYS A 419 -25.00 -36.95 -18.44
N ARG A 420 -25.60 -36.81 -17.26
CA ARG A 420 -25.60 -35.54 -16.55
C ARG A 420 -24.96 -35.59 -15.17
N LEU A 421 -24.41 -36.74 -14.76
CA LEU A 421 -23.79 -36.85 -13.44
C LEU A 421 -22.41 -36.22 -13.51
N SER A 422 -22.28 -35.01 -12.98
CA SER A 422 -21.05 -34.24 -13.12
C SER A 422 -20.92 -33.24 -11.98
N VAL A 423 -19.72 -32.65 -11.89
CA VAL A 423 -19.45 -31.52 -11.01
C VAL A 423 -19.03 -30.38 -11.92
N GLU A 424 -19.91 -29.39 -12.11
CA GLU A 424 -19.68 -28.35 -13.10
C GLU A 424 -19.78 -26.98 -12.45
N VAL A 425 -19.31 -25.95 -13.18
CA VAL A 425 -19.44 -24.57 -12.76
C VAL A 425 -20.57 -23.92 -13.54
N LEU A 426 -21.06 -22.79 -13.04
CA LEU A 426 -22.05 -22.02 -13.78
C LEU A 426 -21.41 -21.39 -15.02
N PRO A 427 -22.19 -21.18 -16.07
CA PRO A 427 -21.65 -20.53 -17.28
C PRO A 427 -21.12 -19.13 -17.00
N LYS A 428 -20.07 -18.76 -17.74
CA LYS A 428 -19.43 -17.46 -17.54
C LYS A 428 -20.41 -16.30 -17.66
N LYS A 429 -21.39 -16.41 -18.56
CA LYS A 429 -22.40 -15.37 -18.70
C LYS A 429 -23.08 -15.05 -17.37
N LEU A 430 -23.43 -16.09 -16.59
CA LEU A 430 -24.08 -15.83 -15.30
C LEU A 430 -23.09 -15.26 -14.30
N ASP A 431 -21.84 -15.74 -14.33
CA ASP A 431 -20.78 -15.15 -13.52
C ASP A 431 -20.64 -13.66 -13.80
N GLU A 432 -20.69 -13.27 -15.08
CA GLU A 432 -20.58 -11.86 -15.45
C GLU A 432 -21.79 -11.07 -14.95
N GLU A 433 -22.98 -11.65 -15.03
CA GLU A 433 -24.18 -10.92 -14.62
C GLU A 433 -24.23 -10.72 -13.11
N VAL A 434 -23.69 -11.66 -12.33
CA VAL A 434 -23.50 -11.42 -10.90
C VAL A 434 -22.53 -10.26 -10.69
N ALA A 435 -21.38 -10.29 -11.38
CA ALA A 435 -20.39 -9.25 -11.21
C ALA A 435 -20.96 -7.88 -11.55
N LEU A 436 -21.78 -7.80 -12.59
CA LEU A 436 -22.32 -6.51 -13.00
C LEU A 436 -23.15 -5.89 -11.89
N GLU A 437 -23.94 -6.72 -11.21
CA GLU A 437 -24.75 -6.21 -10.11
C GLU A 437 -23.87 -5.78 -8.94
N MET A 438 -22.80 -6.53 -8.67
CA MET A 438 -21.86 -6.09 -7.64
C MET A 438 -21.23 -4.76 -8.00
N VAL A 439 -20.82 -4.60 -9.26
CA VAL A 439 -20.17 -3.36 -9.70
C VAL A 439 -21.13 -2.18 -9.56
N LYS A 440 -22.37 -2.36 -10.00
CA LYS A 440 -23.38 -1.31 -9.86
C LYS A 440 -23.61 -0.96 -8.39
N GLY A 441 -23.49 -1.95 -7.49
CA GLY A 441 -23.61 -1.67 -6.08
C GLY A 441 -22.59 -0.66 -5.57
N PHE A 442 -21.39 -0.66 -6.15
CA PHE A 442 -20.37 0.32 -5.83
C PHE A 442 -20.57 1.65 -6.53
N GLY A 443 -21.56 1.76 -7.39
CA GLY A 443 -21.66 2.93 -8.25
C GLY A 443 -20.80 2.88 -9.48
N GLY A 444 -20.19 1.73 -9.78
CA GLY A 444 -19.36 1.63 -10.97
C GLY A 444 -20.18 1.59 -12.24
N VAL A 445 -19.57 2.05 -13.33
CA VAL A 445 -20.19 2.12 -14.64
C VAL A 445 -19.30 1.37 -15.63
N VAL A 446 -19.76 0.19 -16.07
CA VAL A 446 -19.05 -0.53 -17.10
C VAL A 446 -19.31 0.14 -18.45
N THR A 447 -18.31 0.07 -19.32
CA THR A 447 -18.43 0.60 -20.67
C THR A 447 -19.06 -0.46 -21.57
N GLN A 448 -19.89 0.00 -22.50
CA GLN A 448 -20.46 -0.87 -23.52
C GLN A 448 -19.59 -0.85 -24.77
N LEU A 449 -19.20 -2.04 -25.23
CA LEU A 449 -18.48 -2.13 -26.50
C LEU A 449 -19.31 -1.58 -27.64
N THR A 450 -18.66 -0.88 -28.56
CA THR A 450 -19.29 -0.58 -29.84
C THR A 450 -19.32 -1.84 -30.68
N PRO A 451 -20.20 -1.91 -31.68
CA PRO A 451 -20.20 -3.09 -32.56
C PRO A 451 -18.86 -3.34 -33.21
N LYS A 452 -18.16 -2.28 -33.64
CA LYS A 452 -16.85 -2.45 -34.25
C LYS A 452 -15.84 -3.01 -33.25
N GLN A 453 -15.89 -2.54 -32.00
CA GLN A 453 -14.99 -3.05 -30.97
C GLN A 453 -15.30 -4.51 -30.65
N ALA A 454 -16.58 -4.87 -30.54
CA ALA A 454 -16.94 -6.26 -30.27
C ALA A 454 -16.47 -7.18 -31.39
N GLU A 455 -16.66 -6.76 -32.63
CA GLU A 455 -16.16 -7.53 -33.76
C GLU A 455 -14.64 -7.66 -33.72
N TYR A 456 -13.95 -6.58 -33.34
CA TYR A 456 -12.48 -6.58 -33.34
C TYR A 456 -11.92 -7.65 -32.41
N ILE A 457 -12.47 -7.78 -31.20
CA ILE A 457 -11.97 -8.76 -30.25
C ILE A 457 -12.77 -10.05 -30.26
N GLY A 458 -13.77 -10.16 -31.12
CA GLY A 458 -14.48 -11.41 -31.32
C GLY A 458 -15.43 -11.82 -30.21
N VAL A 459 -16.16 -10.85 -29.64
CA VAL A 459 -17.14 -11.16 -28.61
C VAL A 459 -18.45 -10.46 -28.97
N SER A 460 -19.53 -10.91 -28.33
CA SER A 460 -20.79 -10.19 -28.37
C SER A 460 -20.73 -8.98 -27.44
N VAL A 461 -21.49 -7.94 -27.78
CA VAL A 461 -21.53 -6.76 -26.91
C VAL A 461 -22.14 -7.10 -25.56
N GLU A 462 -22.95 -8.16 -25.48
CA GLU A 462 -23.54 -8.61 -24.22
C GLU A 462 -22.59 -9.46 -23.41
N GLY A 463 -21.50 -9.94 -24.00
CA GLY A 463 -20.67 -10.94 -23.38
C GLY A 463 -21.17 -12.32 -23.73
N PRO A 464 -20.49 -13.37 -23.24
CA PRO A 464 -19.30 -13.34 -22.37
C PRO A 464 -18.06 -12.72 -23.03
N PHE A 465 -17.18 -12.14 -22.22
CA PHE A 465 -16.11 -11.31 -22.72
C PHE A 465 -14.76 -12.01 -22.75
N LYS A 466 -14.63 -13.16 -22.10
CA LYS A 466 -13.38 -13.90 -22.03
C LYS A 466 -13.62 -15.34 -22.43
N PRO A 467 -12.61 -16.01 -22.99
CA PRO A 467 -12.70 -17.46 -23.17
C PRO A 467 -12.70 -18.16 -21.83
N ASP A 468 -13.20 -19.40 -21.83
CA ASP A 468 -13.27 -20.19 -20.60
C ASP A 468 -11.91 -20.42 -19.97
N THR A 469 -10.83 -20.36 -20.76
CA THR A 469 -9.48 -20.54 -20.24
C THR A 469 -8.98 -19.36 -19.40
N TYR A 470 -9.66 -18.22 -19.45
CA TYR A 470 -9.12 -16.99 -18.83
C TYR A 470 -9.12 -17.10 -17.31
N ARG A 471 -8.02 -16.64 -16.70
CA ARG A 471 -7.79 -16.79 -15.26
C ARG A 471 -8.05 -15.54 -14.44
N TYR A 472 -8.26 -14.38 -15.07
CA TYR A 472 -8.47 -13.11 -14.36
C TYR A 472 -7.38 -12.82 -13.34
N PHE B 13 -13.87 -4.14 50.19
CA PHE B 13 -13.75 -2.90 49.41
C PHE B 13 -15.07 -2.57 48.73
N THR B 14 -15.55 -1.34 48.96
CA THR B 14 -16.78 -0.89 48.34
C THR B 14 -16.72 0.55 47.81
N ASP B 15 -15.56 1.20 47.86
CA ASP B 15 -15.42 2.58 47.40
C ASP B 15 -15.21 2.64 45.89
N TYR B 16 -16.23 2.19 45.16
CA TYR B 16 -16.18 2.15 43.70
C TYR B 16 -17.60 2.05 43.16
N LYS B 17 -17.73 2.12 41.84
CA LYS B 17 -18.99 1.81 41.18
C LYS B 17 -18.68 1.40 39.73
N VAL B 18 -18.89 0.12 39.42
CA VAL B 18 -18.66 -0.40 38.07
C VAL B 18 -19.90 -1.18 37.63
N ALA B 19 -19.89 -1.58 36.36
CA ALA B 19 -21.06 -2.23 35.79
C ALA B 19 -21.29 -3.62 36.38
N ASP B 20 -20.22 -4.37 36.62
CA ASP B 20 -20.34 -5.77 37.01
C ASP B 20 -19.00 -6.25 37.55
N ILE B 21 -18.91 -6.36 38.88
CA ILE B 21 -17.66 -6.79 39.51
C ILE B 21 -17.29 -8.22 39.15
N THR B 22 -18.26 -9.04 38.71
CA THR B 22 -17.93 -10.41 38.35
C THR B 22 -17.13 -10.49 37.06
N LEU B 23 -16.96 -9.39 36.36
CA LEU B 23 -16.10 -9.34 35.18
C LEU B 23 -14.63 -9.17 35.53
N ALA B 24 -14.29 -9.14 36.83
CA ALA B 24 -12.93 -8.80 37.24
C ALA B 24 -11.93 -9.86 36.80
N ALA B 25 -12.29 -11.15 36.90
CA ALA B 25 -11.36 -12.20 36.51
C ALA B 25 -11.01 -12.10 35.03
N TRP B 26 -12.00 -11.85 34.18
CA TRP B 26 -11.74 -11.63 32.75
C TRP B 26 -10.83 -10.43 32.54
N GLY B 27 -11.12 -9.31 33.20
CA GLY B 27 -10.27 -8.13 33.08
C GLY B 27 -8.85 -8.39 33.52
N ARG B 28 -8.66 -9.14 34.61
CA ARG B 28 -7.32 -9.45 35.08
C ARG B 28 -6.55 -10.29 34.06
N ARG B 29 -7.25 -11.21 33.38
CA ARG B 29 -6.58 -12.00 32.35
C ARG B 29 -6.12 -11.12 31.20
N GLU B 30 -6.96 -10.16 30.80
CA GLU B 30 -6.56 -9.26 29.71
C GLU B 30 -5.52 -8.25 30.20
N LEU B 31 -5.56 -7.87 31.47
CA LEU B 31 -4.51 -7.01 32.02
C LEU B 31 -3.14 -7.70 31.96
N ILE B 32 -3.11 -9.00 32.27
CA ILE B 32 -1.84 -9.75 32.24
C ILE B 32 -1.29 -9.81 30.82
N ILE B 33 -2.16 -10.01 29.83
CA ILE B 33 -1.72 -9.97 28.43
C ILE B 33 -1.21 -8.58 28.07
N ALA B 34 -1.96 -7.54 28.46
CA ALA B 34 -1.58 -6.17 28.13
C ALA B 34 -0.21 -5.83 28.70
N GLU B 35 0.09 -6.32 29.90
CA GLU B 35 1.42 -6.08 30.48
C GLU B 35 2.51 -6.60 29.55
N SER B 36 2.28 -7.74 28.90
CA SER B 36 3.28 -8.26 27.97
C SER B 36 3.36 -7.44 26.69
N GLU B 37 2.35 -6.60 26.43
CA GLU B 37 2.32 -5.75 25.25
C GLU B 37 2.80 -4.33 25.51
N MET B 38 3.19 -4.01 26.74
CA MET B 38 3.51 -2.64 27.14
C MET B 38 4.88 -2.61 27.81
N PRO B 39 5.95 -2.86 27.04
CA PRO B 39 7.28 -2.95 27.65
C PRO B 39 7.82 -1.64 28.19
N ALA B 40 7.46 -0.51 27.58
CA ALA B 40 7.93 0.77 28.11
C ALA B 40 7.32 1.02 29.48
N LEU B 41 6.02 0.81 29.62
CA LEU B 41 5.35 1.05 30.89
C LEU B 41 5.84 0.06 31.94
N MET B 42 5.89 -1.22 31.60
CA MET B 42 6.38 -2.23 32.55
C MET B 42 7.85 -2.02 32.86
N GLY B 43 8.61 -1.45 31.94
CA GLY B 43 10.00 -1.12 32.23
C GLY B 43 10.12 -0.06 33.32
N LEU B 44 9.25 0.96 33.27
CA LEU B 44 9.23 1.97 34.32
C LEU B 44 8.83 1.35 35.65
N ARG B 45 7.88 0.42 35.62
CA ARG B 45 7.44 -0.23 36.85
C ARG B 45 8.59 -0.96 37.54
N ARG B 46 9.47 -1.59 36.77
CA ARG B 46 10.60 -2.31 37.35
C ARG B 46 11.73 -1.36 37.74
N LYS B 47 11.93 -0.31 36.97
CA LYS B 47 13.03 0.62 37.23
C LYS B 47 12.82 1.37 38.54
N TYR B 48 11.61 1.88 38.77
CA TYR B 48 11.32 2.77 39.89
C TYR B 48 10.67 2.06 41.07
N ALA B 49 10.59 0.74 41.05
CA ALA B 49 9.87 0.01 42.09
C ALA B 49 10.46 0.25 43.47
N GLY B 50 11.74 -0.10 43.65
CA GLY B 50 12.38 0.04 44.95
C GLY B 50 12.47 1.47 45.44
N GLN B 51 12.45 2.45 44.52
CA GLN B 51 12.57 3.85 44.88
C GLN B 51 11.24 4.46 45.31
N GLN B 52 10.13 3.95 44.80
CA GLN B 52 8.80 4.44 45.12
C GLN B 52 8.65 5.95 44.90
N PRO B 53 8.93 6.44 43.68
CA PRO B 53 8.96 7.89 43.47
C PRO B 53 7.61 8.58 43.61
N LEU B 54 6.51 7.83 43.62
CA LEU B 54 5.18 8.41 43.76
C LEU B 54 4.58 8.16 45.14
N LYS B 55 5.40 7.77 46.12
CA LYS B 55 4.92 7.60 47.48
C LYS B 55 4.42 8.93 48.02
N GLY B 56 3.16 8.96 48.46
CA GLY B 56 2.52 10.19 48.89
C GLY B 56 1.69 10.88 47.83
N ALA B 57 1.84 10.50 46.56
CA ALA B 57 1.02 11.08 45.52
C ALA B 57 -0.41 10.57 45.61
N LYS B 58 -1.37 11.48 45.48
CA LYS B 58 -2.78 11.16 45.47
C LYS B 58 -3.36 11.76 44.18
N ILE B 59 -3.57 10.90 43.19
CA ILE B 59 -3.80 11.30 41.81
C ILE B 59 -5.29 11.19 41.50
N LEU B 60 -5.89 12.32 41.09
CA LEU B 60 -7.20 12.30 40.45
C LEU B 60 -6.99 11.98 38.97
N GLY B 61 -7.56 10.88 38.52
CA GLY B 61 -7.40 10.45 37.14
C GLY B 61 -8.73 10.43 36.42
N CYS B 62 -8.76 10.97 35.20
CA CYS B 62 -9.94 10.96 34.36
C CYS B 62 -9.53 10.69 32.92
N ILE B 63 -9.67 9.42 32.50
CA ILE B 63 -9.36 9.01 31.14
C ILE B 63 -10.04 7.67 30.92
N HIS B 64 -10.43 7.41 29.66
CA HIS B 64 -11.08 6.17 29.24
C HIS B 64 -10.63 4.96 30.04
N MET B 65 -11.57 4.32 30.75
CA MET B 65 -11.28 3.21 31.66
C MET B 65 -11.20 1.91 30.86
N THR B 66 -10.11 1.79 30.10
CA THR B 66 -9.79 0.63 29.27
C THR B 66 -8.80 -0.28 29.99
N ILE B 67 -8.56 -1.45 29.38
CA ILE B 67 -7.50 -2.34 29.82
C ILE B 67 -6.16 -1.61 29.84
N GLN B 68 -5.92 -0.77 28.83
CA GLN B 68 -4.66 -0.04 28.74
C GLN B 68 -4.51 0.96 29.89
N THR B 69 -5.58 1.69 30.20
CA THR B 69 -5.56 2.57 31.35
C THR B 69 -5.38 1.79 32.64
N GLY B 70 -5.90 0.56 32.70
CA GLY B 70 -5.66 -0.28 33.87
C GLY B 70 -4.19 -0.52 34.12
N VAL B 71 -3.41 -0.75 33.07
CA VAL B 71 -1.97 -0.99 33.26
C VAL B 71 -1.29 0.31 33.72
N LEU B 72 -1.74 1.44 33.18
CA LEU B 72 -1.26 2.73 33.67
C LEU B 72 -1.56 2.93 35.14
N ILE B 73 -2.81 2.66 35.54
CA ILE B 73 -3.20 2.83 36.95
C ILE B 73 -2.32 1.98 37.85
N GLU B 74 -2.18 0.70 37.53
CA GLU B 74 -1.40 -0.20 38.37
C GLU B 74 0.08 0.13 38.36
N THR B 75 0.59 0.75 37.28
CA THR B 75 1.96 1.25 37.30
C THR B 75 2.12 2.39 38.29
N LEU B 76 1.18 3.34 38.29
CA LEU B 76 1.24 4.45 39.23
C LEU B 76 1.12 3.97 40.67
N VAL B 77 0.20 3.02 40.92
CA VAL B 77 0.05 2.47 42.26
C VAL B 77 1.31 1.72 42.66
N ALA B 78 1.89 0.96 41.72
CA ALA B 78 3.09 0.17 42.05
C ALA B 78 4.27 1.08 42.38
N LEU B 79 4.28 2.30 41.86
CA LEU B 79 5.33 3.25 42.17
C LEU B 79 5.03 4.06 43.41
N GLY B 80 3.92 3.78 44.09
CA GLY B 80 3.61 4.37 45.39
C GLY B 80 2.37 5.25 45.43
N ALA B 81 1.67 5.46 44.33
CA ALA B 81 0.57 6.43 44.30
C ALA B 81 -0.74 5.82 44.76
N GLU B 82 -1.58 6.67 45.34
CA GLU B 82 -3.01 6.41 45.51
C GLU B 82 -3.76 7.20 44.45
N VAL B 83 -4.82 6.59 43.89
CA VAL B 83 -5.60 7.23 42.85
C VAL B 83 -7.09 7.07 43.13
N ARG B 84 -7.89 7.94 42.49
CA ARG B 84 -9.33 7.80 42.37
C ARG B 84 -9.69 8.12 40.92
N TRP B 85 -10.40 7.20 40.26
CA TRP B 85 -10.46 7.21 38.81
C TRP B 85 -11.89 7.28 38.28
N SER B 86 -12.01 7.90 37.11
CA SER B 86 -13.25 7.87 36.32
C SER B 86 -12.86 7.88 34.85
N SER B 87 -13.84 7.64 33.98
CA SER B 87 -13.62 7.76 32.54
C SER B 87 -13.94 9.18 32.08
N CYS B 88 -13.33 9.56 30.96
CA CYS B 88 -13.57 10.86 30.36
C CYS B 88 -14.57 10.79 29.21
N ASN B 89 -15.22 9.63 29.02
CA ASN B 89 -16.22 9.49 27.99
C ASN B 89 -17.24 8.45 28.41
N ILE B 90 -18.51 8.71 28.09
CA ILE B 90 -19.60 7.85 28.53
C ILE B 90 -19.55 6.45 27.93
N PHE B 91 -18.93 6.27 26.76
CA PHE B 91 -18.93 4.99 26.05
C PHE B 91 -17.57 4.30 26.00
N SER B 92 -16.52 4.91 26.52
CA SER B 92 -15.17 4.38 26.31
C SER B 92 -14.73 3.35 27.33
N THR B 93 -15.43 3.22 28.46
CA THR B 93 -15.02 2.24 29.46
C THR B 93 -15.15 0.81 28.93
N GLN B 94 -14.17 -0.02 29.25
CA GLN B 94 -14.27 -1.48 29.13
C GLN B 94 -14.65 -2.04 30.50
N ASP B 95 -15.85 -2.63 30.58
CA ASP B 95 -16.38 -3.00 31.89
C ASP B 95 -15.51 -4.03 32.60
N GLN B 96 -14.89 -4.95 31.87
CA GLN B 96 -14.01 -5.91 32.54
C GLN B 96 -12.77 -5.23 33.09
N ALA B 97 -12.31 -4.17 32.44
CA ALA B 97 -11.18 -3.41 32.95
C ALA B 97 -11.54 -2.69 34.24
N ALA B 98 -12.67 -1.99 34.25
CA ALA B 98 -13.10 -1.31 35.47
C ALA B 98 -13.30 -2.29 36.62
N ALA B 99 -13.81 -3.49 36.31
CA ALA B 99 -14.05 -4.48 37.36
C ALA B 99 -12.74 -5.01 37.92
N ALA B 100 -11.74 -5.23 37.08
CA ALA B 100 -10.45 -5.70 37.58
C ALA B 100 -9.80 -4.66 38.47
N ILE B 101 -9.93 -3.37 38.12
CA ILE B 101 -9.33 -2.31 38.92
C ILE B 101 -10.05 -2.21 40.27
N ALA B 102 -11.38 -2.20 40.26
CA ALA B 102 -12.12 -2.16 41.52
C ALA B 102 -11.80 -3.37 42.39
N ALA B 103 -11.68 -4.55 41.77
CA ALA B 103 -11.35 -5.75 42.52
C ALA B 103 -9.99 -5.65 43.19
N ALA B 104 -9.07 -4.87 42.61
CA ALA B 104 -7.75 -4.66 43.19
C ALA B 104 -7.74 -3.61 44.31
N GLY B 105 -8.92 -3.12 44.72
CA GLY B 105 -8.98 -2.16 45.81
C GLY B 105 -8.69 -0.73 45.42
N ILE B 106 -8.92 -0.36 44.18
CA ILE B 106 -8.65 0.98 43.67
C ILE B 106 -9.99 1.65 43.37
N PRO B 107 -10.26 2.85 43.91
CA PRO B 107 -11.55 3.51 43.64
C PRO B 107 -11.68 3.88 42.18
N VAL B 108 -12.70 3.33 41.52
CA VAL B 108 -12.97 3.62 40.12
C VAL B 108 -14.49 3.73 39.96
N PHE B 109 -14.92 4.76 39.22
CA PHE B 109 -16.33 5.03 38.99
C PHE B 109 -16.51 5.20 37.48
N ALA B 110 -16.87 4.11 36.80
CA ALA B 110 -16.91 4.11 35.34
C ALA B 110 -17.65 2.88 34.84
N TRP B 111 -18.44 3.07 33.80
CA TRP B 111 -19.04 1.95 33.10
C TRP B 111 -19.36 2.40 31.68
N LYS B 112 -19.49 1.41 30.79
CA LYS B 112 -19.84 1.69 29.41
C LYS B 112 -21.33 1.99 29.31
N GLY B 113 -21.67 3.12 28.71
CA GLY B 113 -23.03 3.52 28.56
C GLY B 113 -23.56 4.44 29.64
N GLU B 114 -22.71 5.29 30.23
CA GLU B 114 -23.17 6.26 31.20
C GLU B 114 -24.09 7.27 30.53
N THR B 115 -25.03 7.79 31.32
CA THR B 115 -25.68 9.03 30.94
C THR B 115 -24.77 10.20 31.26
N GLU B 116 -25.10 11.37 30.73
CA GLU B 116 -24.33 12.57 31.06
C GLU B 116 -24.37 12.86 32.55
N GLU B 117 -25.54 12.68 33.17
CA GLU B 117 -25.66 12.89 34.61
C GLU B 117 -24.76 11.93 35.37
N GLU B 118 -24.78 10.64 34.99
CA GLU B 118 -23.89 9.67 35.63
C GLU B 118 -22.42 10.00 35.37
N TYR B 119 -22.10 10.53 34.19
CA TYR B 119 -20.72 10.92 33.89
C TYR B 119 -20.22 11.98 34.86
N GLU B 120 -21.02 13.02 35.10
CA GLU B 120 -20.63 14.04 36.07
C GLU B 120 -20.50 13.47 37.47
N TRP B 121 -21.46 12.63 37.87
CA TRP B 121 -21.42 12.00 39.19
C TRP B 121 -20.15 11.19 39.38
N CYS B 122 -19.69 10.50 38.34
CA CYS B 122 -18.47 9.71 38.45
C CYS B 122 -17.25 10.58 38.71
N ILE B 123 -17.14 11.71 38.00
CA ILE B 123 -16.03 12.63 38.26
C ILE B 123 -16.08 13.14 39.69
N GLU B 124 -17.29 13.40 40.20
CA GLU B 124 -17.44 13.90 41.56
C GLU B 124 -17.05 12.85 42.60
N GLN B 125 -17.30 11.57 42.31
CA GLN B 125 -16.94 10.53 43.26
C GLN B 125 -15.43 10.40 43.40
N THR B 126 -14.66 10.77 42.38
CA THR B 126 -13.21 10.78 42.53
C THR B 126 -12.75 12.00 43.32
N ILE B 127 -13.38 13.16 43.06
CA ILE B 127 -13.00 14.39 43.74
C ILE B 127 -13.32 14.32 45.22
N LEU B 128 -14.46 13.74 45.58
CA LEU B 128 -14.89 13.63 46.97
C LEU B 128 -14.65 12.23 47.48
N LYS B 129 -14.21 12.13 48.74
CA LYS B 129 -14.07 10.85 49.41
C LYS B 129 -14.85 10.91 50.72
N ASP B 130 -15.81 10.01 50.87
CA ASP B 130 -16.63 9.92 52.07
C ASP B 130 -17.26 11.27 52.42
N GLY B 131 -17.74 11.97 51.39
CA GLY B 131 -18.51 13.19 51.56
C GLY B 131 -17.71 14.47 51.55
N GLN B 132 -16.39 14.41 51.66
CA GLN B 132 -15.54 15.59 51.71
C GLN B 132 -14.50 15.53 50.60
N PRO B 133 -13.95 16.68 50.21
CA PRO B 133 -12.90 16.67 49.18
C PRO B 133 -11.73 15.78 49.60
N TRP B 134 -11.28 14.96 48.66
CA TRP B 134 -10.08 14.16 48.85
C TRP B 134 -8.86 15.07 48.98
N ASP B 135 -7.84 14.58 49.69
CA ASP B 135 -6.58 15.30 49.80
C ASP B 135 -5.68 15.00 48.59
N ALA B 136 -6.25 15.20 47.42
CA ALA B 136 -5.52 15.00 46.17
C ALA B 136 -4.39 16.01 46.05
N ASN B 137 -3.33 15.61 45.32
CA ASN B 137 -2.23 16.51 45.03
C ASN B 137 -1.69 16.36 43.62
N MET B 138 -2.29 15.51 42.78
CA MET B 138 -1.90 15.36 41.39
C MET B 138 -3.15 15.11 40.55
N VAL B 139 -3.06 15.45 39.26
CA VAL B 139 -4.17 15.31 38.33
C VAL B 139 -3.65 14.69 37.04
N LEU B 140 -4.34 13.66 36.55
CA LEU B 140 -4.11 13.08 35.24
C LEU B 140 -5.41 13.16 34.45
N ASP B 141 -5.37 13.83 33.30
CA ASP B 141 -6.58 14.21 32.58
C ASP B 141 -6.47 13.89 31.10
N ASP B 142 -7.61 13.61 30.48
CA ASP B 142 -7.72 13.38 29.04
C ASP B 142 -8.90 14.19 28.52
N GLY B 143 -8.64 15.40 28.02
CA GLY B 143 -9.66 16.25 27.46
C GLY B 143 -9.93 17.51 28.27
N GLY B 144 -9.67 17.48 29.57
CA GLY B 144 -9.74 18.67 30.39
C GLY B 144 -11.03 18.90 31.15
N ASP B 145 -11.99 17.97 31.08
CA ASP B 145 -13.22 18.13 31.86
C ASP B 145 -12.93 18.19 33.35
N LEU B 146 -12.13 17.24 33.86
CA LEU B 146 -11.80 17.22 35.27
C LEU B 146 -11.01 18.47 35.67
N THR B 147 -10.03 18.84 34.85
CA THR B 147 -9.25 20.05 35.09
C THR B 147 -10.16 21.27 35.25
N GLU B 148 -11.16 21.39 34.37
CA GLU B 148 -12.02 22.57 34.41
C GLU B 148 -12.93 22.55 35.64
N ILE B 149 -13.47 21.38 35.99
CA ILE B 149 -14.33 21.29 37.18
C ILE B 149 -13.56 21.72 38.43
N LEU B 150 -12.31 21.29 38.54
CA LEU B 150 -11.49 21.68 39.69
C LEU B 150 -11.31 23.20 39.74
N HIS B 151 -10.97 23.81 38.61
CA HIS B 151 -10.77 25.26 38.58
C HIS B 151 -12.07 26.01 38.88
N LYS B 152 -13.18 25.56 38.31
CA LYS B 152 -14.43 26.29 38.45
C LYS B 152 -15.14 25.98 39.78
N LYS B 153 -15.09 24.72 40.22
CA LYS B 153 -15.96 24.27 41.31
C LYS B 153 -15.20 23.90 42.59
N TYR B 154 -13.91 23.58 42.51
CA TYR B 154 -13.12 23.19 43.69
C TYR B 154 -11.77 23.88 43.70
N PRO B 155 -11.73 25.22 43.59
CA PRO B 155 -10.43 25.90 43.46
C PRO B 155 -9.54 25.74 44.67
N GLN B 156 -10.11 25.51 45.86
CA GLN B 156 -9.29 25.32 47.06
C GLN B 156 -8.48 24.04 46.99
N MET B 157 -8.96 23.04 46.26
CA MET B 157 -8.19 21.80 46.13
C MET B 157 -6.92 22.01 45.30
N LEU B 158 -6.97 22.94 44.35
CA LEU B 158 -5.79 23.22 43.52
C LEU B 158 -4.67 23.83 44.32
N GLU B 159 -4.97 24.41 45.48
CA GLU B 159 -3.92 24.89 46.37
C GLU B 159 -3.01 23.76 46.86
N ARG B 160 -3.51 22.52 46.86
CA ARG B 160 -2.76 21.37 47.34
C ARG B 160 -2.25 20.49 46.20
N ILE B 161 -2.45 20.88 44.95
CA ILE B 161 -2.17 20.04 43.81
C ILE B 161 -0.87 20.51 43.15
N HIS B 162 0.04 19.56 42.90
CA HIS B 162 1.37 19.89 42.39
C HIS B 162 1.42 20.01 40.87
N GLY B 163 0.48 19.40 40.15
CA GLY B 163 0.52 19.52 38.70
C GLY B 163 -0.54 18.70 38.03
N ILE B 164 -0.70 18.97 36.73
CA ILE B 164 -1.63 18.27 35.85
C ILE B 164 -0.81 17.65 34.71
N THR B 165 -1.12 16.41 34.35
CA THR B 165 -0.53 15.77 33.19
C THR B 165 -1.66 15.45 32.22
N GLU B 166 -1.68 16.14 31.09
CA GLU B 166 -2.80 16.12 30.14
C GLU B 166 -2.44 15.30 28.91
N GLU B 167 -3.36 14.43 28.49
CA GLU B 167 -3.10 13.42 27.48
C GLU B 167 -3.32 13.89 26.05
N THR B 168 -4.33 14.72 25.79
CA THR B 168 -4.84 14.82 24.43
C THR B 168 -4.84 16.25 23.92
N THR B 169 -4.94 16.38 22.59
CA THR B 169 -4.78 17.67 21.93
C THR B 169 -5.79 18.69 22.44
N THR B 170 -7.06 18.30 22.50
CA THR B 170 -8.10 19.19 23.00
C THR B 170 -7.80 19.67 24.41
N GLY B 171 -7.35 18.76 25.27
CA GLY B 171 -7.02 19.16 26.64
C GLY B 171 -5.87 20.15 26.70
N VAL B 172 -4.87 19.98 25.82
CA VAL B 172 -3.75 20.91 25.79
C VAL B 172 -4.22 22.30 25.38
N HIS B 173 -5.07 22.36 24.35
CA HIS B 173 -5.65 23.64 23.94
C HIS B 173 -6.32 24.33 25.11
N ARG B 174 -7.13 23.60 25.87
CA ARG B 174 -7.83 24.18 27.01
C ARG B 174 -6.86 24.65 28.08
N LEU B 175 -5.74 23.94 28.26
CA LEU B 175 -4.73 24.39 29.22
C LEU B 175 -4.06 25.68 28.77
N LEU B 176 -3.71 25.78 27.49
CA LEU B 176 -3.06 26.97 26.98
C LEU B 176 -3.97 28.19 27.05
N ASP B 177 -5.29 27.99 26.90
CA ASP B 177 -6.23 29.08 27.09
C ASP B 177 -6.21 29.58 28.53
N MET B 178 -6.21 28.66 29.50
CA MET B 178 -6.13 29.07 30.89
C MET B 178 -4.84 29.83 31.18
N LEU B 179 -3.72 29.29 30.69
CA LEU B 179 -2.43 29.95 30.90
C LEU B 179 -2.44 31.35 30.28
N LYS B 180 -3.03 31.48 29.10
CA LYS B 180 -3.09 32.79 28.43
C LYS B 180 -3.97 33.76 29.20
N ASN B 181 -5.05 33.26 29.82
CA ASN B 181 -5.97 34.11 30.57
C ASN B 181 -5.55 34.31 32.02
N GLY B 182 -4.44 33.71 32.44
CA GLY B 182 -4.02 33.82 33.83
C GLY B 182 -4.89 33.08 34.81
N THR B 183 -5.61 32.06 34.36
CA THR B 183 -6.51 31.30 35.22
C THR B 183 -5.99 29.93 35.60
N LEU B 184 -4.95 29.43 34.93
CA LEU B 184 -4.35 28.15 35.29
C LEU B 184 -3.70 28.27 36.67
N LYS B 185 -4.12 27.41 37.60
CA LYS B 185 -3.69 27.51 38.99
C LYS B 185 -2.52 26.59 39.34
N VAL B 186 -2.26 25.55 38.54
CA VAL B 186 -1.13 24.66 38.77
C VAL B 186 -0.45 24.37 37.44
N PRO B 187 0.84 24.07 37.47
CA PRO B 187 1.56 23.78 36.24
C PRO B 187 1.09 22.47 35.61
N ALA B 188 1.41 22.30 34.34
CA ALA B 188 0.96 21.13 33.61
C ALA B 188 2.04 20.65 32.66
N ILE B 189 2.02 19.36 32.36
CA ILE B 189 2.86 18.78 31.33
C ILE B 189 1.95 18.37 30.18
N ASN B 190 2.26 18.87 28.99
CA ASN B 190 1.62 18.49 27.73
C ASN B 190 2.17 17.13 27.33
N VAL B 191 1.46 16.07 27.71
CA VAL B 191 1.89 14.72 27.35
C VAL B 191 1.62 14.44 25.88
N ASN B 192 0.60 15.07 25.31
CA ASN B 192 0.25 14.81 23.91
C ASN B 192 1.43 15.03 22.98
N ASP B 193 2.23 16.08 23.21
CA ASP B 193 3.24 16.49 22.25
C ASP B 193 4.59 15.82 22.45
N SER B 194 4.67 14.76 23.26
CA SER B 194 5.77 13.83 23.08
C SER B 194 5.62 13.17 21.72
N VAL B 195 6.75 12.93 21.05
CA VAL B 195 6.65 12.26 19.75
C VAL B 195 6.13 10.84 19.93
N THR B 196 6.51 10.17 21.03
CA THR B 196 6.00 8.84 21.31
C THR B 196 4.55 8.86 21.78
N LYS B 197 3.93 10.02 21.80
CA LYS B 197 2.48 10.13 21.99
C LYS B 197 1.83 10.58 20.69
N SER B 198 1.95 11.86 20.33
CA SER B 198 1.20 12.42 19.20
C SER B 198 1.49 11.67 17.91
N LYS B 199 2.75 11.37 17.64
CA LYS B 199 3.09 10.73 16.37
C LYS B 199 3.07 9.22 16.47
N ASN B 200 2.58 8.69 17.59
CA ASN B 200 2.38 7.25 17.76
C ASN B 200 0.90 6.98 18.01
N ASP B 201 0.41 7.34 19.20
CA ASP B 201 -0.99 7.25 19.60
C ASP B 201 -1.92 7.90 18.59
N ASN B 202 -1.83 9.23 18.42
CA ASN B 202 -2.85 9.94 17.66
C ASN B 202 -2.94 9.43 16.23
N LYS B 203 -1.81 9.03 15.64
CA LYS B 203 -1.79 8.62 14.22
C LYS B 203 -2.00 7.11 14.09
N TYR B 204 -1.02 6.33 14.57
CA TYR B 204 -1.09 4.88 14.36
C TYR B 204 -2.21 4.24 15.18
N GLY B 205 -2.55 4.82 16.33
CA GLY B 205 -3.67 4.28 17.10
C GLY B 205 -4.96 4.31 16.32
N CYS B 206 -5.23 5.44 15.66
CA CYS B 206 -6.44 5.57 14.86
C CYS B 206 -6.35 4.73 13.58
N ARG B 207 -5.14 4.54 13.05
CA ARG B 207 -4.97 3.60 11.95
C ARG B 207 -5.45 2.21 12.34
N HIS B 208 -5.09 1.75 13.53
CA HIS B 208 -5.51 0.43 13.99
C HIS B 208 -6.99 0.39 14.32
N SER B 209 -7.52 1.42 14.98
CA SER B 209 -8.80 1.28 15.67
C SER B 209 -9.99 1.89 14.92
N LEU B 210 -9.78 2.69 13.88
CA LEU B 210 -10.94 3.27 13.20
C LEU B 210 -11.66 2.22 12.36
N ASN B 211 -10.96 1.55 11.43
CA ASN B 211 -11.64 0.49 10.68
CA ASN B 211 -11.61 0.48 10.67
C ASN B 211 -12.11 -0.61 11.61
N ASP B 212 -11.38 -0.85 12.70
CA ASP B 212 -11.82 -1.82 13.71
C ASP B 212 -13.22 -1.48 14.21
N ALA B 213 -13.42 -0.23 14.64
CA ALA B 213 -14.69 0.17 15.20
C ALA B 213 -15.81 0.12 14.16
N ILE B 214 -15.52 0.53 12.92
CA ILE B 214 -16.54 0.53 11.87
C ILE B 214 -16.99 -0.89 11.57
N LYS B 215 -16.03 -1.84 11.50
CA LYS B 215 -16.38 -3.23 11.28
C LYS B 215 -17.25 -3.79 12.40
N ARG B 216 -16.89 -3.52 13.66
CA ARG B 216 -17.66 -4.08 14.76
C ARG B 216 -19.08 -3.53 14.78
N GLY B 217 -19.26 -2.27 14.42
CA GLY B 217 -20.56 -1.64 14.47
C GLY B 217 -21.48 -2.05 13.33
N THR B 218 -20.92 -2.15 12.12
CA THR B 218 -21.72 -2.35 10.92
C THR B 218 -21.39 -3.61 10.14
N ASP B 219 -20.16 -4.14 10.29
CA ASP B 219 -19.65 -5.23 9.46
C ASP B 219 -19.74 -4.88 7.97
N HIS B 220 -19.63 -3.59 7.66
CA HIS B 220 -19.62 -3.13 6.27
C HIS B 220 -18.28 -3.43 5.61
N LEU B 221 -18.35 -3.96 4.40
CA LEU B 221 -17.20 -3.92 3.51
C LEU B 221 -16.81 -2.46 3.26
N LEU B 222 -15.51 -2.19 3.34
CA LEU B 222 -14.98 -0.86 3.08
C LEU B 222 -14.32 -0.74 1.70
N SER B 223 -13.70 -1.81 1.23
CA SER B 223 -13.04 -1.80 -0.07
C SER B 223 -13.99 -1.37 -1.17
N GLY B 224 -13.52 -0.45 -2.03
CA GLY B 224 -14.31 -0.01 -3.17
C GLY B 224 -15.33 1.08 -2.88
N LYS B 225 -15.54 1.45 -1.62
CA LYS B 225 -16.51 2.47 -1.26
C LYS B 225 -15.82 3.82 -1.07
N GLN B 226 -16.64 4.88 -0.98
CA GLN B 226 -16.15 6.26 -0.94
C GLN B 226 -16.19 6.80 0.49
N ALA B 227 -15.06 7.32 0.95
CA ALA B 227 -14.98 7.94 2.28
C ALA B 227 -14.61 9.41 2.18
N LEU B 228 -15.08 10.20 3.14
CA LEU B 228 -14.65 11.57 3.30
C LEU B 228 -14.16 11.75 4.72
N VAL B 229 -12.87 12.06 4.88
CA VAL B 229 -12.27 12.30 6.19
C VAL B 229 -12.10 13.79 6.37
N ILE B 230 -12.75 14.36 7.38
CA ILE B 230 -12.64 15.78 7.68
C ILE B 230 -11.48 15.98 8.64
N GLY B 231 -10.41 16.57 8.15
CA GLY B 231 -9.23 16.84 8.94
C GLY B 231 -8.09 15.92 8.53
N TYR B 232 -6.87 16.44 8.57
CA TYR B 232 -5.68 15.68 8.21
C TYR B 232 -4.53 16.04 9.15
N GLY B 233 -4.86 16.26 10.42
CA GLY B 233 -3.87 16.30 11.48
C GLY B 233 -3.40 14.89 11.78
N ASP B 234 -2.89 14.69 13.00
CA ASP B 234 -2.38 13.37 13.36
C ASP B 234 -3.51 12.33 13.34
N VAL B 235 -4.67 12.67 13.90
CA VAL B 235 -5.80 11.75 13.87
C VAL B 235 -6.31 11.57 12.44
N GLY B 236 -6.42 12.68 11.69
CA GLY B 236 -6.89 12.58 10.32
C GLY B 236 -5.96 11.76 9.44
N LYS B 237 -4.64 11.89 9.65
CA LYS B 237 -3.68 11.11 8.88
C LYS B 237 -3.85 9.61 9.13
N GLY B 238 -3.92 9.22 10.41
CA GLY B 238 -4.07 7.81 10.72
C GLY B 238 -5.43 7.27 10.34
N SER B 239 -6.46 8.11 10.45
CA SER B 239 -7.81 7.68 10.07
C SER B 239 -7.89 7.43 8.58
N SER B 240 -7.34 8.34 7.77
CA SER B 240 -7.31 8.16 6.33
C SER B 240 -6.59 6.88 5.93
N GLN B 241 -5.46 6.57 6.60
CA GLN B 241 -4.73 5.35 6.26
CA GLN B 241 -4.72 5.35 6.27
C GLN B 241 -5.52 4.12 6.68
N SER B 242 -6.22 4.19 7.82
CA SER B 242 -7.06 3.09 8.27
C SER B 242 -8.07 2.68 7.22
N LEU B 243 -8.64 3.66 6.50
CA LEU B 243 -9.61 3.42 5.45
C LEU B 243 -8.96 3.09 4.11
N ARG B 244 -7.90 3.82 3.75
CA ARG B 244 -7.24 3.58 2.47
C ARG B 244 -6.65 2.18 2.41
N GLN B 245 -6.04 1.71 3.51
CA GLN B 245 -5.41 0.40 3.49
C GLN B 245 -6.41 -0.73 3.32
N GLU B 246 -7.69 -0.48 3.65
CA GLU B 246 -8.79 -1.41 3.38
C GLU B 246 -9.34 -1.27 1.97
N GLY B 247 -8.80 -0.35 1.17
CA GLY B 247 -9.26 -0.18 -0.18
C GLY B 247 -10.37 0.82 -0.39
N MET B 248 -10.67 1.67 0.60
CA MET B 248 -11.61 2.75 0.34
C MET B 248 -10.99 3.79 -0.59
N ILE B 249 -11.83 4.44 -1.37
CA ILE B 249 -11.46 5.66 -2.10
C ILE B 249 -11.70 6.82 -1.14
N VAL B 250 -10.63 7.36 -0.58
CA VAL B 250 -10.69 8.35 0.48
C VAL B 250 -10.44 9.74 -0.10
N LYS B 251 -11.33 10.67 0.21
CA LYS B 251 -11.12 12.09 0.00
C LYS B 251 -10.95 12.77 1.36
N VAL B 252 -10.17 13.85 1.38
CA VAL B 252 -9.76 14.51 2.61
C VAL B 252 -10.16 15.98 2.55
N ALA B 253 -10.73 16.49 3.63
CA ALA B 253 -11.03 17.91 3.74
C ALA B 253 -10.14 18.52 4.81
N GLU B 254 -9.67 19.74 4.54
CA GLU B 254 -8.78 20.42 5.47
C GLU B 254 -8.96 21.92 5.34
N VAL B 255 -8.75 22.62 6.46
CA VAL B 255 -8.61 24.06 6.41
C VAL B 255 -7.16 24.49 6.45
N ASP B 256 -6.24 23.60 6.82
CA ASP B 256 -4.82 23.93 6.90
C ASP B 256 -4.15 23.52 5.60
N PRO B 257 -3.67 24.47 4.79
CA PRO B 257 -3.11 24.11 3.47
C PRO B 257 -1.89 23.22 3.56
N ILE B 258 -1.14 23.30 4.66
CA ILE B 258 0.02 22.41 4.81
C ILE B 258 -0.44 20.97 5.00
N CYS B 259 -1.44 20.75 5.87
CA CYS B 259 -1.96 19.40 6.04
C CYS B 259 -2.62 18.90 4.76
N ALA B 260 -3.25 19.81 4.01
CA ALA B 260 -3.82 19.43 2.71
C ALA B 260 -2.74 19.04 1.73
N MET B 261 -1.60 19.73 1.75
N MET B 261 -1.60 19.73 1.75
CA MET B 261 -0.49 19.36 0.88
CA MET B 261 -0.49 19.36 0.88
C MET B 261 -0.01 17.94 1.17
C MET B 261 -0.03 17.94 1.17
N GLN B 262 0.11 17.60 2.46
CA GLN B 262 0.49 16.24 2.84
C GLN B 262 -0.54 15.23 2.33
N ALA B 263 -1.83 15.55 2.44
CA ALA B 263 -2.86 14.65 1.95
C ALA B 263 -2.72 14.41 0.46
N CYS B 264 -2.47 15.46 -0.32
CA CYS B 264 -2.25 15.30 -1.75
C CYS B 264 -1.09 14.35 -2.02
N MET B 265 0.07 14.62 -1.40
CA MET B 265 1.26 13.81 -1.65
C MET B 265 1.08 12.38 -1.17
N ASP B 266 0.26 12.18 -0.14
CA ASP B 266 -0.07 10.83 0.32
C ASP B 266 -1.03 10.11 -0.60
N GLY B 267 -1.51 10.75 -1.66
CA GLY B 267 -2.34 10.10 -2.63
C GLY B 267 -3.84 10.29 -2.45
N PHE B 268 -4.27 11.35 -1.79
CA PHE B 268 -5.68 11.60 -1.54
C PHE B 268 -6.15 12.83 -2.32
N GLU B 269 -7.35 12.75 -2.86
CA GLU B 269 -7.99 13.93 -3.44
C GLU B 269 -8.49 14.81 -2.30
N VAL B 270 -8.19 16.11 -2.37
CA VAL B 270 -8.55 17.07 -1.32
C VAL B 270 -9.78 17.86 -1.79
N VAL B 271 -10.86 17.78 -1.01
CA VAL B 271 -12.14 18.34 -1.40
C VAL B 271 -12.74 19.06 -0.20
N SER B 272 -13.74 19.89 -0.47
CA SER B 272 -14.48 20.53 0.59
C SER B 272 -15.96 20.17 0.50
N PRO B 273 -16.66 20.04 1.63
CA PRO B 273 -18.12 19.85 1.57
C PRO B 273 -18.85 21.06 1.01
N TYR B 274 -18.20 22.22 0.96
CA TYR B 274 -18.81 23.46 0.51
C TYR B 274 -18.19 23.90 -0.81
N LYS B 275 -19.04 24.44 -1.69
CA LYS B 275 -18.55 24.91 -2.99
C LYS B 275 -17.50 26.00 -2.79
N ASN B 276 -16.33 25.80 -3.40
CA ASN B 276 -15.17 26.68 -3.27
C ASN B 276 -14.69 26.77 -1.83
N GLY B 277 -15.08 25.81 -0.99
CA GLY B 277 -14.68 25.79 0.41
C GLY B 277 -15.34 26.83 1.28
N ILE B 278 -16.36 27.53 0.78
CA ILE B 278 -16.97 28.65 1.48
C ILE B 278 -18.32 28.20 2.03
N ASN B 279 -18.43 28.10 3.35
CA ASN B 279 -19.69 27.77 4.01
C ASN B 279 -20.40 29.06 4.35
N ASP B 280 -21.38 29.44 3.54
CA ASP B 280 -22.17 30.64 3.80
C ASP B 280 -23.41 30.33 4.65
N GLY B 281 -23.50 29.14 5.22
CA GLY B 281 -24.62 28.76 6.05
C GLY B 281 -25.85 28.29 5.31
N THR B 282 -25.93 28.51 4.00
CA THR B 282 -27.09 28.11 3.21
C THR B 282 -26.89 26.73 2.60
N GLU B 283 -28.01 26.05 2.37
CA GLU B 283 -27.94 24.76 1.68
C GLU B 283 -27.33 24.89 0.30
N ALA B 284 -27.46 26.07 -0.34
CA ALA B 284 -26.91 26.28 -1.67
C ALA B 284 -25.40 26.12 -1.69
N SER B 285 -24.72 26.34 -0.56
CA SER B 285 -23.27 26.24 -0.53
C SER B 285 -22.79 24.80 -0.41
N ILE B 286 -23.67 23.83 -0.23
CA ILE B 286 -23.27 22.44 -0.09
C ILE B 286 -22.95 21.87 -1.46
N ASP B 287 -21.81 21.21 -1.57
CA ASP B 287 -21.49 20.44 -2.78
C ASP B 287 -22.31 19.15 -2.72
N ALA B 288 -23.56 19.23 -3.21
CA ALA B 288 -24.49 18.11 -3.11
C ALA B 288 -24.03 16.92 -3.95
N ALA B 289 -23.46 17.18 -5.12
CA ALA B 289 -22.96 16.10 -5.95
C ALA B 289 -21.86 15.31 -5.24
N LEU B 290 -20.97 16.02 -4.54
CA LEU B 290 -19.90 15.34 -3.81
C LEU B 290 -20.47 14.51 -2.66
N LEU B 291 -21.26 15.14 -1.78
CA LEU B 291 -21.73 14.45 -0.59
C LEU B 291 -22.70 13.33 -0.94
N GLY B 292 -23.39 13.44 -2.08
CA GLY B 292 -24.27 12.38 -2.53
C GLY B 292 -23.57 11.10 -2.96
N LYS B 293 -22.23 11.10 -3.01
CA LYS B 293 -21.46 9.93 -3.37
C LYS B 293 -20.72 9.33 -2.18
N ILE B 294 -20.81 9.93 -1.00
CA ILE B 294 -19.98 9.54 0.13
C ILE B 294 -20.70 8.44 0.92
N ASP B 295 -20.01 7.30 1.11
CA ASP B 295 -20.54 6.19 1.89
C ASP B 295 -20.15 6.26 3.35
N LEU B 296 -19.16 7.08 3.71
CA LEU B 296 -18.64 7.13 5.06
C LEU B 296 -17.99 8.49 5.29
N ILE B 297 -18.39 9.17 6.35
CA ILE B 297 -17.74 10.42 6.75
C ILE B 297 -17.21 10.25 8.16
N VAL B 298 -15.98 10.73 8.38
CA VAL B 298 -15.28 10.62 9.65
C VAL B 298 -14.72 11.99 9.99
N THR B 299 -15.07 12.52 11.16
CA THR B 299 -14.55 13.79 11.62
C THR B 299 -13.39 13.57 12.58
N THR B 300 -12.31 14.37 12.40
CA THR B 300 -11.06 14.15 13.14
C THR B 300 -10.43 15.47 13.60
N THR B 301 -11.23 16.52 13.75
CA THR B 301 -10.67 17.87 13.77
C THR B 301 -10.43 18.45 15.17
N GLY B 302 -11.18 18.03 16.17
CA GLY B 302 -11.18 18.77 17.41
C GLY B 302 -11.86 20.13 17.32
N ASN B 303 -12.55 20.41 16.22
CA ASN B 303 -13.27 21.66 16.00
C ASN B 303 -14.77 21.42 16.20
N VAL B 304 -15.57 22.44 15.94
CA VAL B 304 -17.00 22.37 16.19
C VAL B 304 -17.75 22.36 14.85
N ASN B 305 -18.76 21.48 14.76
CA ASN B 305 -19.74 21.50 13.67
C ASN B 305 -19.06 21.41 12.30
N VAL B 306 -18.14 20.45 12.17
CA VAL B 306 -17.45 20.21 10.91
C VAL B 306 -18.20 19.23 10.02
N CYS B 307 -19.22 18.55 10.55
CA CYS B 307 -20.18 17.79 9.75
C CYS B 307 -21.55 18.32 10.17
N ASP B 308 -22.05 19.31 9.45
CA ASP B 308 -23.19 20.09 9.91
C ASP B 308 -24.51 19.52 9.36
N ALA B 309 -25.60 20.22 9.68
CA ALA B 309 -26.93 19.72 9.35
C ALA B 309 -27.15 19.64 7.84
N ASN B 310 -26.69 20.66 7.10
CA ASN B 310 -26.87 20.64 5.64
C ASN B 310 -26.06 19.52 5.00
N MET B 311 -24.85 19.27 5.50
CA MET B 311 -24.08 18.12 5.04
C MET B 311 -24.82 16.82 5.30
N LEU B 312 -25.37 16.67 6.51
CA LEU B 312 -26.09 15.45 6.88
C LEU B 312 -27.31 15.25 5.99
N LYS B 313 -27.98 16.33 5.61
CA LYS B 313 -29.11 16.24 4.70
C LYS B 313 -28.69 15.76 3.31
N ALA B 314 -27.49 16.14 2.88
CA ALA B 314 -27.04 15.86 1.52
C ALA B 314 -26.31 14.54 1.38
N LEU B 315 -25.95 13.89 2.49
CA LEU B 315 -25.20 12.65 2.39
C LEU B 315 -25.99 11.59 1.64
N LYS B 316 -25.24 10.74 0.94
CA LYS B 316 -25.80 9.57 0.26
C LYS B 316 -26.60 8.73 1.25
N LYS B 317 -27.70 8.16 0.76
CA LYS B 317 -28.51 7.29 1.60
C LYS B 317 -27.67 6.16 2.16
N ARG B 318 -27.85 5.89 3.46
CA ARG B 318 -27.23 4.77 4.17
C ARG B 318 -25.75 4.97 4.41
N ALA B 319 -25.27 6.20 4.27
CA ALA B 319 -23.90 6.51 4.62
C ALA B 319 -23.68 6.35 6.12
N VAL B 320 -22.46 6.00 6.50
CA VAL B 320 -22.05 5.90 7.89
C VAL B 320 -21.44 7.22 8.33
N VAL B 321 -21.83 7.69 9.52
CA VAL B 321 -21.33 8.94 10.10
C VAL B 321 -20.68 8.60 11.43
N CYS B 322 -19.44 9.04 11.62
CA CYS B 322 -18.79 8.79 12.91
C CYS B 322 -17.76 9.88 13.17
N ASN B 323 -17.38 9.97 14.45
CA ASN B 323 -16.44 10.97 14.92
C ASN B 323 -15.37 10.28 15.75
N ILE B 324 -14.11 10.60 15.47
CA ILE B 324 -12.99 10.10 16.25
C ILE B 324 -12.22 11.23 16.93
N GLY B 325 -12.67 12.48 16.76
CA GLY B 325 -12.23 13.55 17.62
C GLY B 325 -12.77 13.40 19.03
N HIS B 326 -12.24 14.21 19.94
CA HIS B 326 -12.49 13.95 21.35
C HIS B 326 -13.93 14.20 21.75
N PHE B 327 -14.55 15.25 21.21
CA PHE B 327 -15.90 15.62 21.63
C PHE B 327 -16.91 15.44 20.50
N ASP B 328 -18.13 15.06 20.87
CA ASP B 328 -19.15 14.72 19.89
C ASP B 328 -19.68 15.92 19.12
N ASN B 329 -19.42 17.14 19.57
CA ASN B 329 -19.96 18.29 18.84
C ASN B 329 -19.27 18.53 17.48
N GLU B 330 -18.37 17.65 17.01
CA GLU B 330 -17.89 17.77 15.63
C GLU B 330 -19.01 17.53 14.63
N ILE B 331 -19.99 16.71 15.01
CA ILE B 331 -21.18 16.43 14.21
C ILE B 331 -22.36 17.08 14.89
N ASP B 332 -23.28 17.64 14.11
CA ASP B 332 -24.49 18.23 14.64
C ASP B 332 -25.52 17.13 14.94
N THR B 333 -25.24 16.36 16.00
CA THR B 333 -26.20 15.31 16.38
C THR B 333 -27.46 15.92 17.00
N ALA B 334 -27.34 17.12 17.56
CA ALA B 334 -28.51 17.78 18.12
C ALA B 334 -29.56 18.01 17.04
N PHE B 335 -29.14 18.42 15.84
CA PHE B 335 -30.07 18.55 14.73
C PHE B 335 -30.77 17.24 14.43
N MET B 336 -30.03 16.13 14.42
CA MET B 336 -30.64 14.83 14.11
C MET B 336 -31.59 14.38 15.20
N ARG B 337 -31.28 14.67 16.47
CA ARG B 337 -32.22 14.35 17.54
C ARG B 337 -33.51 15.16 17.40
N LYS B 338 -33.40 16.40 16.93
CA LYS B 338 -34.58 17.26 16.86
C LYS B 338 -35.47 16.93 15.67
N ASN B 339 -34.91 16.40 14.58
CA ASN B 339 -35.64 16.29 13.33
C ASN B 339 -35.85 14.87 12.83
N TRP B 340 -35.02 13.91 13.22
CA TRP B 340 -35.02 12.59 12.60
C TRP B 340 -35.20 11.52 13.66
N ALA B 341 -35.71 10.36 13.22
CA ALA B 341 -36.05 9.27 14.12
C ALA B 341 -34.86 8.34 14.30
N TRP B 342 -34.55 7.99 15.54
CA TRP B 342 -33.39 7.16 15.85
C TRP B 342 -33.83 5.72 16.10
N GLU B 343 -33.24 4.79 15.37
CA GLU B 343 -33.49 3.37 15.55
C GLU B 343 -32.20 2.71 16.05
N GLU B 344 -32.21 2.21 17.29
CA GLU B 344 -31.05 1.50 17.78
C GLU B 344 -30.94 0.14 17.10
N VAL B 345 -29.87 -0.06 16.34
CA VAL B 345 -29.59 -1.40 15.83
C VAL B 345 -29.08 -2.28 16.96
N LYS B 346 -28.10 -1.80 17.69
CA LYS B 346 -27.49 -2.44 18.85
C LYS B 346 -26.77 -1.32 19.59
N PRO B 347 -26.22 -1.55 20.78
CA PRO B 347 -25.55 -0.45 21.50
C PRO B 347 -24.51 0.24 20.63
N GLN B 348 -24.54 1.58 20.67
CA GLN B 348 -23.64 2.45 19.93
C GLN B 348 -23.77 2.33 18.41
N VAL B 349 -24.90 1.82 17.92
CA VAL B 349 -25.17 1.77 16.48
C VAL B 349 -26.63 2.19 16.29
N HIS B 350 -26.84 3.38 15.72
CA HIS B 350 -28.18 3.88 15.45
C HIS B 350 -28.38 4.17 13.96
N LYS B 351 -29.53 3.78 13.44
CA LYS B 351 -29.99 4.25 12.15
C LYS B 351 -30.78 5.54 12.37
N ILE B 352 -30.48 6.57 11.60
CA ILE B 352 -31.14 7.86 11.70
C ILE B 352 -31.98 8.02 10.44
N HIS B 353 -33.29 7.93 10.59
CA HIS B 353 -34.22 7.96 9.46
C HIS B 353 -34.58 9.40 9.13
N ARG B 354 -34.22 9.83 7.92
CA ARG B 354 -34.43 11.21 7.49
C ARG B 354 -35.83 11.48 6.96
N THR B 355 -36.76 10.56 7.20
CA THR B 355 -38.14 10.70 6.73
C THR B 355 -39.04 11.38 7.75
N GLY B 356 -38.59 11.60 8.96
CA GLY B 356 -39.41 12.21 9.98
C GLY B 356 -38.89 11.92 11.36
N LYS B 357 -39.53 12.53 12.35
CA LYS B 357 -39.10 12.43 13.73
C LYS B 357 -39.87 11.40 14.53
N ASP B 358 -41.19 11.33 14.33
CA ASP B 358 -42.07 10.57 15.21
C ASP B 358 -42.38 9.16 14.70
N GLY B 359 -41.60 8.66 13.76
CA GLY B 359 -41.78 7.29 13.33
C GLY B 359 -40.98 7.04 12.07
N PHE B 360 -40.82 5.76 11.73
CA PHE B 360 -40.10 5.39 10.52
C PHE B 360 -40.63 4.04 10.06
N ASP B 361 -40.63 3.85 8.74
CA ASP B 361 -40.88 2.52 8.18
C ASP B 361 -39.74 1.60 8.55
N ALA B 362 -40.05 0.41 9.07
CA ALA B 362 -39.00 -0.56 9.42
C ALA B 362 -38.10 -0.86 8.23
N HIS B 363 -38.63 -0.77 7.01
CA HIS B 363 -37.87 -1.04 5.79
C HIS B 363 -37.53 0.24 5.03
N ASN B 364 -37.53 1.39 5.71
CA ASN B 364 -37.10 2.63 5.09
C ASN B 364 -35.68 2.49 4.57
N ASP B 365 -35.43 3.08 3.39
CA ASP B 365 -34.11 3.09 2.79
C ASP B 365 -33.36 4.40 3.00
N ASP B 366 -34.03 5.46 3.42
CA ASP B 366 -33.40 6.78 3.55
C ASP B 366 -33.03 7.01 5.02
N TYR B 367 -31.87 6.47 5.39
CA TYR B 367 -31.35 6.61 6.74
C TYR B 367 -29.83 6.74 6.68
N LEU B 368 -29.27 7.29 7.75
CA LEU B 368 -27.84 7.27 7.99
C LEU B 368 -27.55 6.34 9.15
N ILE B 369 -26.33 5.79 9.19
CA ILE B 369 -25.89 5.00 10.34
C ILE B 369 -24.90 5.85 11.13
N LEU B 370 -25.26 6.13 12.38
CA LEU B 370 -24.43 6.91 13.30
C LEU B 370 -23.82 5.96 14.33
N LEU B 371 -22.51 6.06 14.50
CA LEU B 371 -21.80 5.19 15.43
C LEU B 371 -21.48 5.94 16.71
N ALA B 372 -21.72 5.28 17.85
CA ALA B 372 -21.41 5.79 19.19
C ALA B 372 -22.07 7.13 19.47
N GLU B 373 -23.20 7.39 18.81
CA GLU B 373 -23.95 8.64 18.98
C GLU B 373 -23.06 9.86 18.80
N GLY B 374 -22.04 9.73 17.94
CA GLY B 374 -21.13 10.83 17.68
C GLY B 374 -19.95 10.94 18.62
N ARG B 375 -19.90 10.14 19.68
CA ARG B 375 -18.75 10.11 20.58
C ARG B 375 -17.61 9.36 19.91
N LEU B 376 -16.39 9.50 20.46
CA LEU B 376 -15.22 8.95 19.78
C LEU B 376 -15.42 7.49 19.42
N VAL B 377 -15.38 7.20 18.13
CA VAL B 377 -15.90 5.94 17.64
C VAL B 377 -14.96 4.78 17.96
N ASN B 378 -13.63 5.01 18.01
CA ASN B 378 -12.73 3.88 18.23
C ASN B 378 -12.91 3.30 19.63
N LEU B 379 -13.13 4.15 20.63
CA LEU B 379 -13.39 3.66 21.98
C LEU B 379 -14.85 3.27 22.16
N GLY B 380 -15.77 3.93 21.46
CA GLY B 380 -17.19 3.66 21.62
C GLY B 380 -17.65 2.35 21.01
N ASN B 381 -17.17 2.03 19.81
CA ASN B 381 -17.60 0.84 19.10
C ASN B 381 -16.55 -0.27 19.06
N ALA B 382 -15.33 -0.01 19.55
CA ALA B 382 -14.37 -1.09 19.71
C ALA B 382 -13.66 -0.93 21.05
N THR B 383 -12.33 -1.03 21.07
CA THR B 383 -11.59 -0.95 22.34
C THR B 383 -10.52 0.14 22.30
N GLY B 384 -10.63 1.09 21.39
CA GLY B 384 -9.60 2.11 21.25
C GLY B 384 -8.27 1.57 20.74
N HIS B 385 -7.21 2.32 21.05
CA HIS B 385 -5.87 1.96 20.59
C HIS B 385 -5.39 0.67 21.26
N PRO B 386 -4.55 -0.10 20.57
CA PRO B 386 -4.01 -1.32 21.17
C PRO B 386 -2.97 -1.03 22.22
N SER B 387 -2.78 -2.01 23.11
CA SER B 387 -1.86 -1.87 24.25
C SER B 387 -0.47 -1.43 23.81
N ARG B 388 0.07 -2.01 22.73
CA ARG B 388 1.46 -1.70 22.38
C ARG B 388 1.62 -0.26 21.91
N ILE B 389 0.56 0.36 21.41
CA ILE B 389 0.61 1.79 21.09
C ILE B 389 0.43 2.63 22.36
N MET B 390 -0.57 2.29 23.19
CA MET B 390 -0.82 3.08 24.39
C MET B 390 0.35 3.01 25.37
N ASP B 391 1.19 1.99 25.25
CA ASP B 391 2.41 1.87 26.05
C ASP B 391 3.25 3.14 25.97
N GLY B 392 3.38 3.71 24.78
CA GLY B 392 4.14 4.95 24.64
C GLY B 392 3.48 6.11 25.36
N SER B 393 2.19 6.35 25.07
CA SER B 393 1.49 7.46 25.69
C SER B 393 1.55 7.38 27.22
N PHE B 394 1.37 6.19 27.76
CA PHE B 394 1.26 6.03 29.20
C PHE B 394 2.61 5.91 29.90
N ALA B 395 3.67 5.53 29.20
CA ALA B 395 5.00 5.68 29.77
C ALA B 395 5.33 7.15 29.95
N ASN B 396 4.89 7.99 29.01
CA ASN B 396 5.02 9.43 29.14
C ASN B 396 4.22 9.95 30.33
N GLN B 397 2.96 9.51 30.48
CA GLN B 397 2.14 9.93 31.61
C GLN B 397 2.85 9.67 32.94
N VAL B 398 3.39 8.45 33.12
CA VAL B 398 4.06 8.12 34.38
C VAL B 398 5.27 9.02 34.60
N LEU B 399 6.05 9.26 33.54
CA LEU B 399 7.21 10.16 33.66
C LEU B 399 6.77 11.59 33.96
N ALA B 400 5.64 12.02 33.39
CA ALA B 400 5.14 13.36 33.66
C ALA B 400 4.62 13.49 35.09
N GLN B 401 3.95 12.44 35.59
CA GLN B 401 3.52 12.43 36.98
C GLN B 401 4.72 12.50 37.94
N ILE B 402 5.75 11.69 37.67
CA ILE B 402 6.94 11.72 38.50
C ILE B 402 7.60 13.10 38.45
N HIS B 403 7.68 13.69 37.26
CA HIS B 403 8.36 14.97 37.10
C HIS B 403 7.67 16.06 37.92
N LEU B 404 6.35 16.17 37.81
CA LEU B 404 5.64 17.25 38.51
C LEU B 404 5.51 16.97 40.00
N PHE B 405 5.31 15.70 40.38
CA PHE B 405 5.23 15.38 41.81
C PHE B 405 6.53 15.71 42.53
N GLU B 406 7.66 15.35 41.92
CA GLU B 406 8.96 15.67 42.53
C GLU B 406 9.19 17.17 42.64
N GLN B 407 8.52 17.97 41.83
CA GLN B 407 8.70 19.42 41.85
C GLN B 407 8.02 20.06 43.06
N LYS B 408 6.91 19.48 43.53
CA LYS B 408 6.20 19.96 44.72
C LYS B 408 5.81 21.43 44.59
N TYR B 409 5.16 21.76 43.47
CA TYR B 409 4.76 23.14 43.19
C TYR B 409 3.93 23.72 44.32
N ALA B 410 3.00 22.94 44.87
CA ALA B 410 2.09 23.44 45.90
C ALA B 410 2.82 23.82 47.19
N ASP B 411 4.02 23.29 47.41
CA ASP B 411 4.80 23.60 48.60
C ASP B 411 5.82 24.70 48.37
N LEU B 412 5.79 25.37 47.23
CA LEU B 412 6.82 26.36 46.96
C LEU B 412 6.35 27.76 47.35
N PRO B 413 7.28 28.66 47.66
CA PRO B 413 6.89 30.04 47.92
C PRO B 413 6.23 30.66 46.70
N ALA B 414 5.34 31.63 46.95
CA ALA B 414 4.64 32.30 45.86
C ALA B 414 5.62 32.84 44.81
N ALA B 415 6.79 33.29 45.26
CA ALA B 415 7.81 33.75 44.32
C ALA B 415 8.25 32.64 43.38
N GLU B 416 8.60 31.48 43.93
CA GLU B 416 9.07 30.38 43.09
C GLU B 416 7.96 29.81 42.21
N LYS B 417 6.70 29.88 42.67
CA LYS B 417 5.59 29.35 41.87
C LYS B 417 5.48 30.06 40.53
N ALA B 418 5.64 31.39 40.53
CA ALA B 418 5.52 32.15 39.29
C ALA B 418 6.51 31.66 38.23
N LYS B 419 7.71 31.27 38.65
CA LYS B 419 8.72 30.82 37.70
C LYS B 419 8.43 29.42 37.16
N ARG B 420 7.56 28.65 37.81
CA ARG B 420 7.28 27.28 37.40
C ARG B 420 5.85 27.07 36.91
N LEU B 421 5.04 28.12 36.84
CA LEU B 421 3.67 28.01 36.34
C LEU B 421 3.70 28.02 34.83
N SER B 422 3.66 26.83 34.21
CA SER B 422 3.83 26.72 32.76
C SER B 422 3.10 25.49 32.25
N VAL B 423 3.11 25.34 30.93
CA VAL B 423 2.63 24.16 30.24
C VAL B 423 3.79 23.69 29.36
N GLU B 424 4.49 22.65 29.80
CA GLU B 424 5.71 22.22 29.15
C GLU B 424 5.62 20.75 28.73
N VAL B 425 6.48 20.36 27.80
CA VAL B 425 6.59 18.99 27.37
C VAL B 425 7.75 18.33 28.10
N LEU B 426 7.84 17.02 28.00
CA LEU B 426 8.95 16.29 28.59
C LEU B 426 10.22 16.49 27.76
N PRO B 427 11.40 16.38 28.37
CA PRO B 427 12.64 16.49 27.61
C PRO B 427 12.72 15.44 26.51
N LYS B 428 13.37 15.81 25.40
CA LYS B 428 13.49 14.87 24.28
C LYS B 428 14.21 13.60 24.68
N LYS B 429 15.15 13.68 25.63
CA LYS B 429 15.85 12.50 26.08
C LYS B 429 14.89 11.45 26.63
N LEU B 430 13.88 11.89 27.39
CA LEU B 430 12.90 10.94 27.91
C LEU B 430 12.00 10.41 26.80
N ASP B 431 11.64 11.29 25.86
CA ASP B 431 10.93 10.86 24.66
C ASP B 431 11.68 9.73 23.97
N GLU B 432 13.00 9.88 23.84
CA GLU B 432 13.83 8.87 23.17
C GLU B 432 13.90 7.59 23.99
N GLU B 433 13.98 7.70 25.32
CA GLU B 433 14.09 6.50 26.14
C GLU B 433 12.79 5.68 26.12
N VAL B 434 11.64 6.35 26.08
CA VAL B 434 10.39 5.63 25.83
C VAL B 434 10.43 4.93 24.48
N ALA B 435 10.85 5.65 23.43
CA ALA B 435 10.86 5.08 22.09
C ALA B 435 11.77 3.86 22.02
N LEU B 436 12.90 3.89 22.73
CA LEU B 436 13.80 2.74 22.69
C LEU B 436 13.13 1.48 23.24
N GLU B 437 12.41 1.61 24.36
CA GLU B 437 11.73 0.44 24.92
C GLU B 437 10.64 -0.06 23.99
N MET B 438 9.97 0.85 23.27
CA MET B 438 8.99 0.43 22.27
C MET B 438 9.66 -0.33 21.14
N VAL B 439 10.80 0.18 20.65
CA VAL B 439 11.51 -0.48 19.55
C VAL B 439 11.96 -1.87 19.95
N LYS B 440 12.52 -2.00 21.16
CA LYS B 440 12.93 -3.30 21.66
C LYS B 440 11.74 -4.26 21.77
N GLY B 441 10.55 -3.74 22.10
CA GLY B 441 9.37 -4.58 22.14
C GLY B 441 9.05 -5.23 20.81
N PHE B 442 9.40 -4.58 19.70
CA PHE B 442 9.23 -5.15 18.37
C PHE B 442 10.38 -6.07 17.98
N GLY B 443 11.39 -6.25 18.84
CA GLY B 443 12.60 -6.91 18.43
C GLY B 443 13.54 -6.06 17.61
N GLY B 444 13.30 -4.75 17.52
CA GLY B 444 14.18 -3.88 16.77
C GLY B 444 15.49 -3.63 17.49
N VAL B 445 16.54 -3.44 16.70
CA VAL B 445 17.90 -3.22 17.19
C VAL B 445 18.37 -1.86 16.68
N VAL B 446 18.46 -0.90 17.59
CA VAL B 446 19.00 0.42 17.26
C VAL B 446 20.52 0.34 17.16
N THR B 447 21.08 1.07 16.21
CA THR B 447 22.53 1.14 16.04
C THR B 447 23.11 2.18 17.00
N GLN B 448 24.29 1.90 17.53
CA GLN B 448 25.01 2.83 18.40
C GLN B 448 26.02 3.63 17.57
N LEU B 449 25.93 4.96 17.66
CA LEU B 449 26.89 5.81 16.98
C LEU B 449 28.30 5.56 17.50
N THR B 450 29.27 5.58 16.60
CA THR B 450 30.67 5.60 17.02
C THR B 450 31.04 7.00 17.50
N PRO B 451 32.10 7.12 18.31
CA PRO B 451 32.54 8.46 18.71
C PRO B 451 32.76 9.40 17.54
N LYS B 452 33.36 8.91 16.46
CA LYS B 452 33.57 9.76 15.28
C LYS B 452 32.25 10.23 14.69
N GLN B 453 31.28 9.33 14.57
CA GLN B 453 29.99 9.71 14.00
C GLN B 453 29.23 10.68 14.91
N ALA B 454 29.27 10.44 16.22
CA ALA B 454 28.59 11.34 17.14
C ALA B 454 29.17 12.75 17.05
N GLU B 455 30.50 12.85 16.98
CA GLU B 455 31.14 14.15 16.80
C GLU B 455 30.80 14.74 15.44
N TYR B 456 30.70 13.91 14.40
CA TYR B 456 30.43 14.41 13.05
C TYR B 456 29.09 15.14 12.99
N ILE B 457 28.04 14.59 13.61
CA ILE B 457 26.73 15.20 13.58
C ILE B 457 26.42 15.99 14.85
N GLY B 458 27.37 16.11 15.76
CA GLY B 458 27.23 17.01 16.89
C GLY B 458 26.29 16.57 17.98
N VAL B 459 26.18 15.26 18.22
CA VAL B 459 25.34 14.75 19.30
C VAL B 459 26.19 13.89 20.22
N SER B 460 25.63 13.57 21.38
CA SER B 460 26.19 12.56 22.25
C SER B 460 25.78 11.17 21.77
N VAL B 461 26.67 10.19 22.01
CA VAL B 461 26.33 8.80 21.69
C VAL B 461 25.06 8.38 22.41
N GLU B 462 24.77 8.99 23.56
CA GLU B 462 23.58 8.68 24.34
C GLU B 462 22.33 9.37 23.82
N GLY B 463 22.46 10.41 23.00
CA GLY B 463 21.35 11.26 22.67
C GLY B 463 21.28 12.45 23.61
N PRO B 464 20.37 13.40 23.37
CA PRO B 464 19.35 13.44 22.31
C PRO B 464 19.95 13.51 20.91
N PHE B 465 19.24 12.97 19.93
CA PHE B 465 19.78 12.87 18.57
C PHE B 465 19.27 13.95 17.64
N LYS B 466 18.29 14.72 18.05
CA LYS B 466 17.68 15.73 17.19
C LYS B 466 17.55 17.05 17.95
N PRO B 467 17.68 18.17 17.25
CA PRO B 467 17.36 19.46 17.89
C PRO B 467 15.88 19.55 18.19
N ASP B 468 15.53 20.44 19.12
CA ASP B 468 14.14 20.57 19.54
C ASP B 468 13.23 20.99 18.38
N THR B 469 13.77 21.64 17.37
CA THR B 469 12.97 22.05 16.21
C THR B 469 12.58 20.89 15.30
N TYR B 470 13.14 19.70 15.49
CA TYR B 470 12.92 18.59 14.58
C TYR B 470 11.48 18.09 14.66
N ARG B 471 10.89 17.82 13.49
CA ARG B 471 9.48 17.48 13.41
C ARG B 471 9.21 16.00 13.16
N TYR B 472 10.24 15.21 12.85
CA TYR B 472 10.06 13.77 12.61
C TYR B 472 9.05 13.50 11.50
N GLY C 12 26.87 37.83 -28.26
CA GLY C 12 28.10 38.34 -27.67
C GLY C 12 28.35 37.83 -26.25
N PHE C 13 27.47 36.95 -25.77
CA PHE C 13 27.55 36.43 -24.41
C PHE C 13 28.38 35.16 -24.40
N THR C 14 29.47 35.17 -23.63
CA THR C 14 30.36 34.02 -23.50
C THR C 14 30.67 33.70 -22.04
N ASP C 15 29.96 34.28 -21.09
CA ASP C 15 30.33 34.21 -19.68
C ASP C 15 29.64 33.02 -19.02
N TYR C 16 30.05 31.83 -19.45
CA TYR C 16 29.46 30.57 -18.99
C TYR C 16 30.37 29.43 -19.43
N LYS C 17 30.08 28.24 -18.92
CA LYS C 17 30.68 27.01 -19.46
C LYS C 17 29.72 25.87 -19.20
N VAL C 18 29.18 25.29 -20.27
CA VAL C 18 28.26 24.16 -20.19
C VAL C 18 28.78 23.05 -21.10
N ALA C 19 28.16 21.88 -21.00
CA ALA C 19 28.63 20.73 -21.78
C ALA C 19 28.40 20.92 -23.28
N ASP C 20 27.23 21.45 -23.66
CA ASP C 20 26.85 21.51 -25.07
C ASP C 20 25.74 22.54 -25.21
N ILE C 21 26.08 23.73 -25.71
CA ILE C 21 25.10 24.81 -25.81
C ILE C 21 24.00 24.46 -26.80
N THR C 22 24.23 23.51 -27.71
CA THR C 22 23.20 23.13 -28.67
C THR C 22 22.03 22.42 -28.02
N LEU C 23 22.15 22.01 -26.76
CA LEU C 23 21.04 21.41 -26.04
C LEU C 23 20.05 22.43 -25.49
N ALA C 24 20.24 23.73 -25.79
CA ALA C 24 19.43 24.76 -25.13
C ALA C 24 17.96 24.67 -25.55
N ALA C 25 17.69 24.41 -26.84
CA ALA C 25 16.30 24.32 -27.29
C ALA C 25 15.56 23.20 -26.57
N TRP C 26 16.20 22.04 -26.43
CA TRP C 26 15.60 20.94 -25.66
C TRP C 26 15.37 21.36 -24.22
N GLY C 27 16.39 21.95 -23.57
CA GLY C 27 16.21 22.42 -22.21
C GLY C 27 15.10 23.45 -22.08
N ARG C 28 14.95 24.31 -23.10
CA ARG C 28 13.90 25.32 -23.06
C ARG C 28 12.52 24.68 -23.16
N ARG C 29 12.38 23.62 -23.98
CA ARG C 29 11.10 22.93 -24.05
C ARG C 29 10.73 22.32 -22.69
N GLU C 30 11.72 21.75 -21.99
CA GLU C 30 11.44 21.15 -20.69
C GLU C 30 11.23 22.21 -19.60
N LEU C 31 11.86 23.39 -19.73
CA LEU C 31 11.57 24.48 -18.80
C LEU C 31 10.13 24.96 -18.92
N ILE C 32 9.63 25.07 -20.15
CA ILE C 32 8.25 25.50 -20.37
C ILE C 32 7.26 24.50 -19.77
N ILE C 33 7.55 23.21 -19.91
CA ILE C 33 6.72 22.20 -19.27
C ILE C 33 6.79 22.35 -17.76
N ALA C 34 8.01 22.52 -17.22
CA ALA C 34 8.18 22.59 -15.78
C ALA C 34 7.44 23.77 -15.17
N GLU C 35 7.41 24.90 -15.90
CA GLU C 35 6.65 26.05 -15.41
C GLU C 35 5.20 25.67 -15.11
N SER C 36 4.58 24.87 -15.98
CA SER C 36 3.21 24.44 -15.74
C SER C 36 3.10 23.45 -14.59
N GLU C 37 4.22 22.87 -14.15
CA GLU C 37 4.24 21.97 -13.01
C GLU C 37 4.63 22.66 -11.71
N MET C 38 4.89 23.96 -11.73
CA MET C 38 5.39 24.67 -10.56
C MET C 38 4.54 25.91 -10.31
N PRO C 39 3.29 25.73 -9.86
CA PRO C 39 2.38 26.88 -9.71
C PRO C 39 2.77 27.81 -8.56
N ALA C 40 3.34 27.29 -7.47
CA ALA C 40 3.77 28.16 -6.39
C ALA C 40 4.88 29.11 -6.85
N LEU C 41 5.87 28.57 -7.56
CA LEU C 41 6.95 29.39 -8.10
C LEU C 41 6.42 30.36 -9.15
N MET C 42 5.61 29.86 -10.10
N MET C 42 5.59 29.88 -10.08
CA MET C 42 4.99 30.73 -11.09
CA MET C 42 5.06 30.79 -11.09
C MET C 42 4.12 31.78 -10.44
C MET C 42 4.02 31.74 -10.51
N GLY C 43 3.40 31.39 -9.38
CA GLY C 43 2.57 32.36 -8.68
C GLY C 43 3.37 33.52 -8.11
N LEU C 44 4.57 33.22 -7.57
CA LEU C 44 5.45 34.28 -7.09
C LEU C 44 5.90 35.19 -8.23
N ARG C 45 6.19 34.61 -9.39
CA ARG C 45 6.52 35.41 -10.57
C ARG C 45 5.43 36.41 -10.89
N ARG C 46 4.18 35.96 -10.96
CA ARG C 46 3.10 36.87 -11.32
C ARG C 46 2.82 37.87 -10.20
N LYS C 47 2.98 37.46 -8.95
CA LYS C 47 2.63 38.33 -7.83
C LYS C 47 3.63 39.48 -7.68
N TYR C 48 4.92 39.22 -7.88
CA TYR C 48 5.96 40.17 -7.54
C TYR C 48 6.62 40.82 -8.75
N ALA C 49 6.19 40.49 -9.98
CA ALA C 49 6.91 40.96 -11.16
C ALA C 49 6.91 42.49 -11.24
N GLY C 50 5.76 43.12 -11.03
CA GLY C 50 5.70 44.57 -11.11
C GLY C 50 6.49 45.26 -10.03
N GLN C 51 6.57 44.65 -8.85
CA GLN C 51 7.26 45.24 -7.70
C GLN C 51 8.78 45.09 -7.77
N GLN C 52 9.28 44.09 -8.49
CA GLN C 52 10.71 43.86 -8.65
C GLN C 52 11.45 43.81 -7.31
N PRO C 53 11.05 42.91 -6.39
CA PRO C 53 11.63 42.94 -5.05
C PRO C 53 13.11 42.57 -5.00
N LEU C 54 13.64 41.95 -6.06
CA LEU C 54 15.06 41.59 -6.11
C LEU C 54 15.86 42.49 -7.04
N LYS C 55 15.29 43.59 -7.50
CA LYS C 55 16.06 44.58 -8.25
C LYS C 55 17.26 45.02 -7.42
N GLY C 56 18.46 44.85 -7.96
CA GLY C 56 19.69 45.13 -7.27
C GLY C 56 20.35 43.91 -6.63
N ALA C 57 19.62 42.81 -6.47
CA ALA C 57 20.20 41.61 -5.90
C ALA C 57 21.14 40.95 -6.89
N LYS C 58 22.30 40.51 -6.38
CA LYS C 58 23.30 39.79 -7.17
C LYS C 58 23.62 38.51 -6.41
N ILE C 59 23.09 37.39 -6.91
CA ILE C 59 23.00 36.15 -6.15
C ILE C 59 24.07 35.18 -6.64
N LEU C 60 24.94 34.75 -5.72
CA LEU C 60 25.78 33.60 -5.98
C LEU C 60 24.97 32.35 -5.71
N GLY C 61 24.78 31.52 -6.74
CA GLY C 61 23.97 30.32 -6.60
C GLY C 61 24.75 29.04 -6.79
N CYS C 62 24.59 28.09 -5.87
CA CYS C 62 25.25 26.79 -5.99
C CYS C 62 24.25 25.71 -5.58
N ILE C 63 23.61 25.10 -6.58
CA ILE C 63 22.68 23.99 -6.35
C ILE C 63 22.50 23.28 -7.68
N HIS C 64 22.30 21.96 -7.62
CA HIS C 64 22.08 21.07 -8.77
C HIS C 64 21.45 21.76 -9.98
N MET C 65 22.19 21.85 -11.09
CA MET C 65 21.76 22.61 -12.27
C MET C 65 20.79 21.78 -13.11
N THR C 66 19.60 21.58 -12.55
CA THR C 66 18.52 20.81 -13.14
C THR C 66 17.50 21.72 -13.81
N ILE C 67 16.55 21.11 -14.51
CA ILE C 67 15.44 21.87 -15.10
C ILE C 67 14.71 22.66 -14.02
N GLN C 68 14.52 22.05 -12.85
CA GLN C 68 13.82 22.71 -11.76
C GLN C 68 14.60 23.91 -11.24
N THR C 69 15.92 23.77 -11.09
CA THR C 69 16.74 24.93 -10.72
C THR C 69 16.64 26.02 -11.79
N GLY C 70 16.54 25.62 -13.07
CA GLY C 70 16.34 26.60 -14.12
C GLY C 70 15.13 27.48 -13.90
N VAL C 71 14.02 26.88 -13.45
CA VAL C 71 12.82 27.67 -13.19
C VAL C 71 13.01 28.58 -11.99
N LEU C 72 13.74 28.09 -10.97
CA LEU C 72 14.12 28.92 -9.83
C LEU C 72 14.96 30.12 -10.28
N ILE C 73 16.02 29.85 -11.06
CA ILE C 73 16.90 30.92 -11.54
C ILE C 73 16.11 31.98 -12.30
N GLU C 74 15.23 31.54 -13.20
CA GLU C 74 14.51 32.50 -14.01
C GLU C 74 13.43 33.24 -13.23
N THR C 75 12.91 32.63 -12.15
CA THR C 75 12.04 33.38 -11.25
C THR C 75 12.80 34.49 -10.54
N LEU C 76 13.98 34.18 -10.00
CA LEU C 76 14.80 35.22 -9.37
C LEU C 76 15.11 36.34 -10.33
N VAL C 77 15.49 36.01 -11.57
CA VAL C 77 15.79 37.02 -12.58
C VAL C 77 14.54 37.82 -12.94
N ALA C 78 13.40 37.14 -13.08
CA ALA C 78 12.16 37.83 -13.39
C ALA C 78 11.76 38.81 -12.30
N LEU C 79 12.19 38.56 -11.06
CA LEU C 79 11.93 39.47 -9.96
C LEU C 79 13.00 40.54 -9.80
N GLY C 80 13.98 40.59 -10.71
CA GLY C 80 14.96 41.67 -10.74
C GLY C 80 16.39 41.27 -10.44
N ALA C 81 16.68 40.03 -10.09
CA ALA C 81 18.03 39.68 -9.66
C ALA C 81 18.93 39.39 -10.86
N GLU C 82 20.24 39.54 -10.63
CA GLU C 82 21.26 38.91 -11.45
C GLU C 82 21.89 37.79 -10.65
N VAL C 83 22.31 36.73 -11.34
CA VAL C 83 22.89 35.57 -10.67
C VAL C 83 24.15 35.11 -11.40
N ARG C 84 24.97 34.35 -10.69
CA ARG C 84 26.04 33.55 -11.27
C ARG C 84 25.95 32.17 -10.64
N TRP C 85 25.87 31.13 -11.45
CA TRP C 85 25.38 29.84 -10.99
C TRP C 85 26.38 28.71 -11.23
N SER C 86 26.39 27.76 -10.29
CA SER C 86 27.12 26.52 -10.42
C SER C 86 26.30 25.41 -9.76
N SER C 87 26.70 24.17 -10.01
CA SER C 87 26.06 23.03 -9.36
C SER C 87 26.81 22.68 -8.07
N CYS C 88 26.09 22.11 -7.12
CA CYS C 88 26.70 21.68 -5.88
C CYS C 88 27.14 20.23 -5.91
N ASN C 89 27.07 19.57 -7.07
CA ASN C 89 27.45 18.17 -7.19
C ASN C 89 27.95 17.91 -8.61
N ILE C 90 28.93 17.01 -8.71
CA ILE C 90 29.61 16.79 -9.99
C ILE C 90 28.75 16.05 -11.01
N PHE C 91 27.71 15.33 -10.55
CA PHE C 91 26.86 14.51 -11.41
C PHE C 91 25.41 14.99 -11.53
N SER C 92 25.01 16.04 -10.82
CA SER C 92 23.58 16.36 -10.74
C SER C 92 23.09 17.26 -11.86
N THR C 93 23.97 17.94 -12.58
CA THR C 93 23.53 18.82 -13.65
C THR C 93 22.80 18.04 -14.74
N GLN C 94 21.72 18.63 -15.24
CA GLN C 94 21.12 18.25 -16.51
C GLN C 94 21.66 19.19 -17.58
N ASP C 95 22.44 18.65 -18.52
CA ASP C 95 23.14 19.49 -19.48
C ASP C 95 22.19 20.34 -20.31
N GLN C 96 20.99 19.83 -20.61
CA GLN C 96 20.05 20.65 -21.38
C GLN C 96 19.53 21.82 -20.56
N ALA C 97 19.41 21.64 -19.25
CA ALA C 97 19.03 22.73 -18.37
C ALA C 97 20.12 23.80 -18.32
N ALA C 98 21.38 23.37 -18.09
CA ALA C 98 22.48 24.32 -18.08
C ALA C 98 22.56 25.09 -19.39
N ALA C 99 22.42 24.38 -20.52
CA ALA C 99 22.51 25.02 -21.83
C ALA C 99 21.39 26.05 -22.02
N ALA C 100 20.16 25.71 -21.62
CA ALA C 100 19.05 26.66 -21.77
C ALA C 100 19.29 27.92 -20.95
N ILE C 101 19.86 27.77 -19.75
CA ILE C 101 20.13 28.93 -18.90
C ILE C 101 21.21 29.79 -19.52
N ALA C 102 22.29 29.16 -20.01
CA ALA C 102 23.36 29.92 -20.66
C ALA C 102 22.84 30.63 -21.90
N ALA C 103 21.94 30.00 -22.66
CA ALA C 103 21.39 30.64 -23.85
C ALA C 103 20.53 31.83 -23.49
N ALA C 104 20.02 31.89 -22.26
CA ALA C 104 19.23 33.02 -21.80
C ALA C 104 20.08 34.21 -21.37
N GLY C 105 21.40 34.13 -21.51
CA GLY C 105 22.28 35.19 -21.08
C GLY C 105 22.66 35.17 -19.61
N ILE C 106 22.55 34.03 -18.95
CA ILE C 106 22.78 33.91 -17.50
C ILE C 106 24.07 33.14 -17.27
N PRO C 107 25.02 33.69 -16.53
CA PRO C 107 26.28 32.96 -16.25
C PRO C 107 26.02 31.69 -15.45
N VAL C 108 26.36 30.55 -16.06
CA VAL C 108 26.24 29.24 -15.40
C VAL C 108 27.48 28.43 -15.76
N PHE C 109 28.03 27.74 -14.76
CA PHE C 109 29.24 26.93 -14.92
C PHE C 109 28.93 25.56 -14.33
N ALA C 110 28.50 24.64 -15.19
CA ALA C 110 28.00 23.37 -14.68
C ALA C 110 27.84 22.38 -15.83
N TRP C 111 28.21 21.13 -15.59
CA TRP C 111 27.92 20.05 -16.52
C TRP C 111 27.94 18.74 -15.76
N LYS C 112 27.23 17.74 -16.31
CA LYS C 112 27.19 16.43 -15.68
C LYS C 112 28.52 15.72 -15.90
N GLY C 113 29.08 15.19 -14.80
CA GLY C 113 30.34 14.48 -14.89
C GLY C 113 31.58 15.34 -14.71
N GLU C 114 31.49 16.40 -13.91
CA GLU C 114 32.68 17.19 -13.61
C GLU C 114 33.66 16.35 -12.82
N THR C 115 34.95 16.69 -12.94
CA THR C 115 35.92 16.23 -11.97
C THR C 115 35.87 17.13 -10.74
N GLU C 116 36.48 16.65 -9.65
CA GLU C 116 36.53 17.45 -8.43
C GLU C 116 37.22 18.79 -8.67
N GLU C 117 38.26 18.80 -9.51
CA GLU C 117 38.95 20.04 -9.83
C GLU C 117 38.05 20.98 -10.63
N GLU C 118 37.27 20.44 -11.57
CA GLU C 118 36.36 21.26 -12.35
C GLU C 118 35.22 21.79 -11.47
N TYR C 119 34.80 21.00 -10.48
CA TYR C 119 33.77 21.45 -9.56
C TYR C 119 34.19 22.72 -8.82
N GLU C 120 35.40 22.71 -8.25
CA GLU C 120 35.91 23.90 -7.57
C GLU C 120 36.06 25.08 -8.53
N TRP C 121 36.54 24.80 -9.75
CA TRP C 121 36.70 25.85 -10.75
C TRP C 121 35.38 26.51 -11.08
N CYS C 122 34.31 25.73 -11.20
CA CYS C 122 32.99 26.28 -11.51
C CYS C 122 32.50 27.21 -10.41
N ILE C 123 32.69 26.81 -9.14
CA ILE C 123 32.28 27.67 -8.04
C ILE C 123 33.05 28.99 -8.08
N GLU C 124 34.37 28.91 -8.33
CA GLU C 124 35.18 30.12 -8.43
CA GLU C 124 35.17 30.12 -8.42
C GLU C 124 34.78 30.99 -9.61
N GLN C 125 34.28 30.38 -10.68
CA GLN C 125 33.82 31.19 -11.82
C GLN C 125 32.56 31.98 -11.48
N THR C 126 31.79 31.55 -10.48
CA THR C 126 30.66 32.37 -10.04
C THR C 126 31.12 33.47 -9.09
N ILE C 127 32.12 33.17 -8.26
CA ILE C 127 32.61 34.14 -7.29
C ILE C 127 33.34 35.29 -7.99
N LEU C 128 34.13 34.98 -9.00
CA LEU C 128 34.92 35.97 -9.72
C LEU C 128 34.24 36.33 -11.02
N LYS C 129 34.29 37.61 -11.37
CA LYS C 129 33.86 38.08 -12.69
C LYS C 129 35.01 38.87 -13.29
N ASP C 130 35.49 38.42 -14.45
CA ASP C 130 36.64 39.04 -15.11
C ASP C 130 37.87 39.06 -14.20
N GLY C 131 38.08 37.96 -13.47
CA GLY C 131 39.26 37.79 -12.64
C GLY C 131 39.23 38.50 -11.30
N GLN C 132 38.14 39.17 -10.96
CA GLN C 132 38.01 39.92 -9.71
C GLN C 132 36.70 39.56 -9.05
N PRO C 133 36.59 39.75 -7.72
CA PRO C 133 35.34 39.44 -7.03
C PRO C 133 34.14 40.14 -7.66
N TRP C 134 33.11 39.35 -7.95
CA TRP C 134 31.82 39.88 -8.36
C TRP C 134 31.22 40.69 -7.21
N ASP C 135 30.36 41.66 -7.56
CA ASP C 135 29.68 42.49 -6.57
C ASP C 135 28.43 41.78 -6.04
N ALA C 136 28.65 40.57 -5.57
CA ALA C 136 27.60 39.74 -5.02
C ALA C 136 27.06 40.35 -3.72
N ASN C 137 25.78 40.11 -3.44
CA ASN C 137 25.22 40.54 -2.16
C ASN C 137 24.20 39.56 -1.60
N MET C 138 24.05 38.37 -2.21
CA MET C 138 23.17 37.32 -1.74
C MET C 138 23.79 35.97 -2.09
N VAL C 139 23.48 34.96 -1.29
CA VAL C 139 23.98 33.61 -1.50
C VAL C 139 22.81 32.64 -1.42
N LEU C 140 22.68 31.77 -2.42
CA LEU C 140 21.76 30.64 -2.38
C LEU C 140 22.59 29.37 -2.46
N ASP C 141 22.43 28.48 -1.48
CA ASP C 141 23.36 27.37 -1.31
C ASP C 141 22.60 26.09 -0.99
N ASP C 142 23.17 24.97 -1.43
CA ASP C 142 22.63 23.63 -1.17
C ASP C 142 23.83 22.78 -0.75
N GLY C 143 24.05 22.67 0.56
CA GLY C 143 25.10 21.84 1.11
C GLY C 143 26.17 22.61 1.86
N GLY C 144 26.40 23.86 1.49
CA GLY C 144 27.32 24.72 2.22
C GLY C 144 28.73 24.84 1.65
N ASP C 145 29.05 24.19 0.53
CA ASP C 145 30.40 24.30 -0.02
C ASP C 145 30.71 25.74 -0.42
N LEU C 146 29.81 26.36 -1.18
CA LEU C 146 30.00 27.77 -1.55
C LEU C 146 30.09 28.65 -0.31
N THR C 147 29.24 28.40 0.69
CA THR C 147 29.26 29.21 1.91
C THR C 147 30.61 29.11 2.61
N GLU C 148 31.17 27.91 2.70
CA GLU C 148 32.45 27.77 3.40
C GLU C 148 33.58 28.43 2.62
N ILE C 149 33.60 28.27 1.29
CA ILE C 149 34.65 28.89 0.47
C ILE C 149 34.66 30.41 0.67
N LEU C 150 33.48 31.03 0.71
CA LEU C 150 33.40 32.47 0.93
C LEU C 150 33.96 32.86 2.30
N HIS C 151 33.58 32.11 3.34
CA HIS C 151 34.07 32.41 4.69
C HIS C 151 35.57 32.19 4.82
N LYS C 152 36.11 31.16 4.16
CA LYS C 152 37.54 30.87 4.30
C LYS C 152 38.39 31.74 3.40
N LYS C 153 37.89 32.07 2.20
CA LYS C 153 38.74 32.64 1.16
C LYS C 153 38.32 34.02 0.69
N TYR C 154 37.06 34.42 0.87
CA TYR C 154 36.59 35.72 0.39
C TYR C 154 35.82 36.48 1.48
N PRO C 155 36.41 36.67 2.66
CA PRO C 155 35.68 37.39 3.72
C PRO C 155 35.33 38.82 3.35
N GLN C 156 36.13 39.48 2.51
CA GLN C 156 35.78 40.83 2.07
C GLN C 156 34.48 40.85 1.27
N MET C 157 34.20 39.78 0.52
CA MET C 157 32.94 39.70 -0.20
C MET C 157 31.76 39.57 0.75
N LEU C 158 31.93 38.79 1.82
CA LEU C 158 30.83 38.60 2.76
C LEU C 158 30.41 39.91 3.42
N GLU C 159 31.33 40.88 3.52
CA GLU C 159 30.99 42.17 4.11
C GLU C 159 29.77 42.80 3.43
N ARG C 160 29.64 42.61 2.12
CA ARG C 160 28.58 43.23 1.34
C ARG C 160 27.45 42.28 1.01
N ILE C 161 27.43 41.09 1.61
CA ILE C 161 26.40 40.07 1.35
C ILE C 161 25.36 40.16 2.45
N HIS C 162 24.09 40.19 2.07
CA HIS C 162 23.00 40.40 3.01
C HIS C 162 22.49 39.12 3.65
N GLY C 163 22.74 37.96 3.04
CA GLY C 163 22.19 36.74 3.61
C GLY C 163 22.52 35.53 2.77
N ILE C 164 22.33 34.37 3.40
CA ILE C 164 22.45 33.06 2.78
C ILE C 164 21.11 32.35 2.91
N THR C 165 20.63 31.76 1.83
CA THR C 165 19.43 30.91 1.90
C THR C 165 19.86 29.49 1.56
N GLU C 166 19.80 28.59 2.55
CA GLU C 166 20.38 27.26 2.46
C GLU C 166 19.29 26.20 2.32
N GLU C 167 19.50 25.29 1.36
CA GLU C 167 18.44 24.40 0.91
C GLU C 167 18.33 23.13 1.76
N THR C 168 19.44 22.59 2.25
CA THR C 168 19.42 21.19 2.66
C THR C 168 19.93 21.01 4.09
N THR C 169 19.50 19.87 4.67
CA THR C 169 19.78 19.56 6.08
C THR C 169 21.25 19.70 6.41
N THR C 170 22.11 19.13 5.55
CA THR C 170 23.55 19.16 5.81
C THR C 170 24.07 20.59 5.83
N GLY C 171 23.61 21.42 4.89
CA GLY C 171 24.04 22.81 4.88
C GLY C 171 23.62 23.55 6.12
N VAL C 172 22.39 23.30 6.60
CA VAL C 172 21.90 23.96 7.80
C VAL C 172 22.77 23.59 9.00
N HIS C 173 23.15 22.32 9.10
CA HIS C 173 24.03 21.90 10.19
C HIS C 173 25.34 22.67 10.16
N ARG C 174 25.92 22.84 8.97
CA ARG C 174 27.17 23.58 8.86
C ARG C 174 26.98 25.06 9.25
N LEU C 175 25.86 25.67 8.85
CA LEU C 175 25.57 27.04 9.26
C LEU C 175 25.48 27.15 10.77
N LEU C 176 24.79 26.20 11.41
CA LEU C 176 24.63 26.24 12.86
C LEU C 176 25.96 26.04 13.58
N ASP C 177 26.86 25.24 13.02
CA ASP C 177 28.21 25.14 13.60
C ASP C 177 28.90 26.49 13.57
N MET C 178 28.83 27.19 12.44
CA MET C 178 29.48 28.49 12.33
C MET C 178 28.88 29.49 13.31
N LEU C 179 27.55 29.49 13.44
CA LEU C 179 26.89 30.40 14.37
C LEU C 179 27.29 30.11 15.81
N LYS C 180 27.38 28.81 16.16
CA LYS C 180 27.82 28.43 17.50
C LYS C 180 29.26 28.88 17.76
N ASN C 181 30.13 28.78 16.75
CA ASN C 181 31.53 29.15 16.91
C ASN C 181 31.77 30.64 16.82
N GLY C 182 30.76 31.42 16.43
CA GLY C 182 30.98 32.83 16.20
C GLY C 182 31.69 33.15 14.91
N THR C 183 31.63 32.25 13.93
CA THR C 183 32.32 32.46 12.66
C THR C 183 31.38 32.73 11.49
N LEU C 184 30.07 32.57 11.67
CA LEU C 184 29.12 32.92 10.64
C LEU C 184 29.11 34.43 10.45
N LYS C 185 29.30 34.89 9.21
CA LYS C 185 29.49 36.32 8.95
C LYS C 185 28.22 37.03 8.49
N VAL C 186 27.24 36.29 7.97
CA VAL C 186 25.98 36.88 7.50
C VAL C 186 24.83 35.98 7.89
N PRO C 187 23.66 36.56 8.12
CA PRO C 187 22.50 35.75 8.55
C PRO C 187 22.05 34.81 7.45
N ALA C 188 21.33 33.78 7.88
CA ALA C 188 20.89 32.75 6.96
C ALA C 188 19.44 32.39 7.25
N ILE C 189 18.73 31.97 6.21
CA ILE C 189 17.42 31.36 6.37
CA ILE C 189 17.41 31.37 6.34
C ILE C 189 17.57 29.86 6.13
N ASN C 190 17.07 29.08 7.08
CA ASN C 190 17.02 27.62 7.00
C ASN C 190 15.79 27.30 6.15
N VAL C 191 16.02 27.14 4.83
CA VAL C 191 14.92 26.84 3.93
C VAL C 191 14.49 25.39 4.09
N ASN C 192 15.40 24.52 4.50
CA ASN C 192 15.09 23.10 4.62
C ASN C 192 13.90 22.85 5.55
N ASP C 193 13.82 23.59 6.66
CA ASP C 193 12.85 23.28 7.71
C ASP C 193 11.52 24.02 7.55
N SER C 194 11.23 24.61 6.38
CA SER C 194 9.85 24.84 6.02
C SER C 194 9.16 23.50 5.85
N VAL C 195 7.90 23.38 6.29
CA VAL C 195 7.22 22.11 6.13
C VAL C 195 7.05 21.78 4.65
N THR C 196 6.79 22.78 3.83
CA THR C 196 6.67 22.58 2.38
C THR C 196 8.02 22.34 1.70
N LYS C 197 9.09 22.21 2.49
CA LYS C 197 10.36 21.69 2.00
C LYS C 197 10.66 20.36 2.67
N SER C 198 11.03 20.36 3.96
CA SER C 198 11.45 19.15 4.64
C SER C 198 10.44 18.00 4.51
N LYS C 199 9.17 18.28 4.77
CA LYS C 199 8.15 17.23 4.76
C LYS C 199 7.51 17.06 3.39
N ASN C 200 8.07 17.69 2.37
CA ASN C 200 7.63 17.51 0.98
C ASN C 200 8.80 17.03 0.14
N ASP C 201 9.79 17.90 -0.09
CA ASP C 201 10.99 17.59 -0.85
C ASP C 201 11.73 16.38 -0.27
N ASN C 202 12.15 16.46 0.99
CA ASN C 202 13.07 15.45 1.53
C ASN C 202 12.42 14.07 1.54
N LYS C 203 11.12 14.01 1.81
CA LYS C 203 10.40 12.74 1.91
C LYS C 203 9.84 12.30 0.56
N TYR C 204 8.85 13.02 0.04
CA TYR C 204 8.17 12.57 -1.17
C TYR C 204 9.06 12.66 -2.40
N GLY C 205 10.00 13.61 -2.43
CA GLY C 205 10.92 13.67 -3.57
C GLY C 205 11.74 12.40 -3.70
N CYS C 206 12.26 11.92 -2.59
CA CYS C 206 13.04 10.67 -2.62
C CYS C 206 12.14 9.46 -2.87
N ARG C 207 10.90 9.53 -2.40
CA ARG C 207 9.93 8.51 -2.75
C ARG C 207 9.81 8.39 -4.27
N HIS C 208 9.68 9.52 -4.95
CA HIS C 208 9.57 9.53 -6.40
C HIS C 208 10.87 9.09 -7.07
N SER C 209 12.02 9.65 -6.63
CA SER C 209 13.22 9.61 -7.44
C SER C 209 14.21 8.50 -7.07
N LEU C 210 14.10 7.87 -5.90
CA LEU C 210 15.04 6.80 -5.56
C LEU C 210 14.85 5.57 -6.45
N ASN C 211 13.64 4.99 -6.47
CA ASN C 211 13.43 3.83 -7.34
CA ASN C 211 13.41 3.84 -7.35
C ASN C 211 13.59 4.20 -8.80
N ASP C 212 13.30 5.46 -9.16
CA ASP C 212 13.56 5.97 -10.50
C ASP C 212 15.03 5.79 -10.88
N ALA C 213 15.94 6.30 -10.03
CA ALA C 213 17.37 6.22 -10.34
C ALA C 213 17.85 4.78 -10.40
N ILE C 214 17.37 3.93 -9.49
CA ILE C 214 17.81 2.53 -9.49
C ILE C 214 17.39 1.84 -10.78
N LYS C 215 16.16 2.09 -11.24
CA LYS C 215 15.71 1.51 -12.49
C LYS C 215 16.53 1.99 -13.67
N ARG C 216 16.80 3.30 -13.76
CA ARG C 216 17.55 3.81 -14.91
C ARG C 216 18.96 3.24 -14.93
N GLY C 217 19.58 3.12 -13.75
CA GLY C 217 20.94 2.64 -13.69
C GLY C 217 21.10 1.16 -13.95
N THR C 218 20.18 0.34 -13.42
CA THR C 218 20.32 -1.11 -13.45
C THR C 218 19.17 -1.85 -14.13
N ASP C 219 18.00 -1.24 -14.22
CA ASP C 219 16.76 -1.89 -14.68
C ASP C 219 16.48 -3.19 -13.90
N HIS C 220 16.89 -3.23 -12.63
CA HIS C 220 16.63 -4.38 -11.78
C HIS C 220 15.18 -4.40 -11.32
N LEU C 221 14.54 -5.56 -11.39
CA LEU C 221 13.31 -5.76 -10.66
C LEU C 221 13.56 -5.53 -9.18
N LEU C 222 12.68 -4.78 -8.53
CA LEU C 222 12.80 -4.54 -7.10
C LEU C 222 11.86 -5.41 -6.28
N SER C 223 10.69 -5.73 -6.82
CA SER C 223 9.71 -6.56 -6.12
C SER C 223 10.34 -7.88 -5.69
N GLY C 224 10.10 -8.25 -4.44
CA GLY C 224 10.55 -9.53 -3.92
C GLY C 224 11.96 -9.56 -3.40
N LYS C 225 12.75 -8.49 -3.62
CA LYS C 225 14.13 -8.47 -3.18
C LYS C 225 14.26 -7.77 -1.83
N GLN C 226 15.43 -7.97 -1.20
CA GLN C 226 15.70 -7.46 0.14
C GLN C 226 16.46 -6.14 0.04
N ALA C 227 15.96 -5.11 0.72
CA ALA C 227 16.64 -3.82 0.81
C ALA C 227 16.96 -3.51 2.26
N LEU C 228 18.03 -2.74 2.46
CA LEU C 228 18.37 -2.20 3.77
C LEU C 228 18.57 -0.69 3.62
N VAL C 229 17.73 0.09 4.30
CA VAL C 229 17.86 1.54 4.29
C VAL C 229 18.55 1.98 5.58
N ILE C 230 19.64 2.72 5.45
CA ILE C 230 20.35 3.22 6.62
C ILE C 230 19.82 4.62 6.92
N GLY C 231 19.04 4.73 7.98
CA GLY C 231 18.47 6.01 8.38
C GLY C 231 16.98 6.05 8.13
N TYR C 232 16.27 6.81 8.97
CA TYR C 232 14.82 6.93 8.82
C TYR C 232 14.36 8.32 9.23
N GLY C 233 15.15 9.33 8.90
CA GLY C 233 14.69 10.70 8.95
C GLY C 233 13.82 10.96 7.74
N ASP C 234 13.78 12.20 7.25
CA ASP C 234 12.85 12.50 6.16
C ASP C 234 13.25 11.78 4.88
N VAL C 235 14.55 11.80 4.54
CA VAL C 235 15.02 11.09 3.36
C VAL C 235 14.88 9.58 3.53
N GLY C 236 15.20 9.06 4.71
CA GLY C 236 15.06 7.63 4.93
C GLY C 236 13.61 7.18 4.89
N LYS C 237 12.70 7.98 5.43
CA LYS C 237 11.28 7.68 5.31
C LYS C 237 10.85 7.61 3.86
N GLY C 238 11.21 8.64 3.07
CA GLY C 238 10.79 8.66 1.68
C GLY C 238 11.45 7.56 0.87
N SER C 239 12.73 7.29 1.16
CA SER C 239 13.45 6.22 0.48
C SER C 239 12.85 4.86 0.78
N SER C 240 12.53 4.57 2.05
CA SER C 240 11.92 3.29 2.39
C SER C 240 10.61 3.10 1.64
N GLN C 241 9.80 4.15 1.53
CA GLN C 241 8.52 4.03 0.83
CA GLN C 241 8.53 4.04 0.83
C GLN C 241 8.74 3.81 -0.66
N SER C 242 9.74 4.48 -1.24
CA SER C 242 10.07 4.31 -2.65
C SER C 242 10.33 2.85 -2.99
N LEU C 243 10.93 2.13 -2.05
CA LEU C 243 11.27 0.72 -2.25
C LEU C 243 10.13 -0.21 -1.84
N ARG C 244 9.51 0.03 -0.69
CA ARG C 244 8.40 -0.81 -0.24
C ARG C 244 7.24 -0.78 -1.21
N GLN C 245 6.95 0.40 -1.80
CA GLN C 245 5.82 0.48 -2.74
C GLN C 245 6.09 -0.30 -4.02
N GLU C 246 7.35 -0.59 -4.32
CA GLU C 246 7.72 -1.44 -5.43
C GLU C 246 7.66 -2.92 -5.07
N GLY C 247 7.42 -3.25 -3.81
CA GLY C 247 7.40 -4.62 -3.36
C GLY C 247 8.69 -5.12 -2.76
N MET C 248 9.63 -4.24 -2.44
CA MET C 248 10.82 -4.71 -1.75
C MET C 248 10.48 -5.09 -0.32
N ILE C 249 11.24 -6.05 0.22
CA ILE C 249 11.22 -6.35 1.65
C ILE C 249 12.28 -5.45 2.28
N VAL C 250 11.84 -4.42 2.99
CA VAL C 250 12.71 -3.33 3.42
C VAL C 250 12.96 -3.44 4.92
N LYS C 251 14.24 -3.44 5.29
CA LYS C 251 14.68 -3.31 6.68
C LYS C 251 15.32 -1.95 6.85
N VAL C 252 15.25 -1.42 8.07
CA VAL C 252 15.67 -0.05 8.37
C VAL C 252 16.66 -0.07 9.53
N ALA C 253 17.73 0.70 9.40
CA ALA C 253 18.68 0.92 10.50
C ALA C 253 18.56 2.36 10.99
N GLU C 254 18.69 2.54 12.30
CA GLU C 254 18.59 3.87 12.89
C GLU C 254 19.39 3.93 14.18
N VAL C 255 19.94 5.12 14.44
CA VAL C 255 20.51 5.42 15.76
C VAL C 255 19.52 6.19 16.64
N ASP C 256 18.46 6.75 16.05
CA ASP C 256 17.46 7.51 16.78
C ASP C 256 16.30 6.60 17.12
N PRO C 257 16.07 6.26 18.39
CA PRO C 257 14.96 5.35 18.72
C PRO C 257 13.59 5.92 18.39
N ILE C 258 13.43 7.25 18.35
CA ILE C 258 12.15 7.81 17.92
C ILE C 258 11.90 7.52 16.44
N CYS C 259 12.89 7.79 15.59
CA CYS C 259 12.72 7.45 14.17
C CYS C 259 12.59 5.95 13.98
N ALA C 260 13.27 5.15 14.81
CA ALA C 260 13.14 3.70 14.70
C ALA C 260 11.73 3.27 15.06
N MET C 261 11.14 3.89 16.09
N MET C 261 11.14 3.90 16.09
CA MET C 261 9.76 3.59 16.43
CA MET C 261 9.76 3.60 16.46
C MET C 261 8.82 3.87 15.27
C MET C 261 8.81 3.88 15.30
N GLN C 262 9.06 4.96 14.56
CA GLN C 262 8.23 5.27 13.39
C GLN C 262 8.39 4.20 12.31
N ALA C 263 9.62 3.72 12.12
CA ALA C 263 9.85 2.65 11.14
C ALA C 263 9.06 1.40 11.50
N CYS C 264 9.11 0.99 12.77
CA CYS C 264 8.34 -0.18 13.21
C CYS C 264 6.86 0.01 12.92
N MET C 265 6.29 1.13 13.36
CA MET C 265 4.88 1.39 13.14
C MET C 265 4.53 1.49 11.66
N ASP C 266 5.46 1.97 10.84
CA ASP C 266 5.25 2.01 9.39
C ASP C 266 5.38 0.64 8.73
N GLY C 267 5.67 -0.40 9.49
CA GLY C 267 5.67 -1.75 8.95
C GLY C 267 7.02 -2.28 8.52
N PHE C 268 8.10 -1.71 9.03
CA PHE C 268 9.45 -2.14 8.69
C PHE C 268 10.09 -2.85 9.87
N GLU C 269 10.90 -3.85 9.56
CA GLU C 269 11.77 -4.48 10.54
C GLU C 269 13.00 -3.60 10.74
N VAL C 270 13.31 -3.28 11.99
CA VAL C 270 14.42 -2.41 12.33
C VAL C 270 15.60 -3.26 12.76
N VAL C 271 16.70 -3.18 12.01
CA VAL C 271 17.88 -4.01 12.21
C VAL C 271 19.11 -3.13 12.23
N SER C 272 20.22 -3.70 12.72
CA SER C 272 21.49 -3.02 12.70
C SER C 272 22.51 -3.84 11.92
N PRO C 273 23.39 -3.20 11.14
CA PRO C 273 24.47 -3.96 10.49
C PRO C 273 25.41 -4.62 11.47
N TYR C 274 25.37 -4.23 12.74
CA TYR C 274 26.31 -4.70 13.75
C TYR C 274 25.56 -5.49 14.82
N LYS C 275 26.22 -6.53 15.33
CA LYS C 275 25.62 -7.37 16.36
C LYS C 275 25.31 -6.54 17.60
N ASN C 276 24.05 -6.57 18.03
CA ASN C 276 23.55 -5.74 19.13
C ASN C 276 23.72 -4.25 18.85
N GLY C 277 23.89 -3.87 17.59
CA GLY C 277 24.09 -2.47 17.24
C GLY C 277 25.40 -1.87 17.69
N ILE C 278 26.34 -2.68 18.16
CA ILE C 278 27.62 -2.20 18.66
C ILE C 278 28.65 -2.36 17.55
N ASN C 279 29.10 -1.26 16.98
CA ASN C 279 30.18 -1.31 15.99
C ASN C 279 31.50 -1.10 16.73
N ASP C 280 32.20 -2.21 17.01
CA ASP C 280 33.49 -2.14 17.68
C ASP C 280 34.65 -2.05 16.69
N GLY C 281 34.36 -1.86 15.40
CA GLY C 281 35.39 -1.74 14.39
C GLY C 281 35.90 -3.04 13.83
N THR C 282 35.55 -4.18 14.43
CA THR C 282 36.05 -5.47 14.00
C THR C 282 35.07 -6.14 13.05
N GLU C 283 35.60 -7.00 12.17
CA GLU C 283 34.74 -7.80 11.31
C GLU C 283 33.82 -8.72 12.12
N ALA C 284 34.22 -9.05 13.35
CA ALA C 284 33.39 -9.94 14.17
C ALA C 284 32.07 -9.30 14.55
N SER C 285 32.03 -7.97 14.65
CA SER C 285 30.79 -7.29 15.03
C SER C 285 29.78 -7.18 13.89
N ILE C 286 30.19 -7.47 12.65
CA ILE C 286 29.26 -7.40 11.53
C ILE C 286 28.28 -8.56 11.61
N ASP C 287 26.99 -8.25 11.41
CA ASP C 287 25.96 -9.27 11.25
C ASP C 287 26.05 -9.79 9.82
N ALA C 288 26.91 -10.80 9.62
CA ALA C 288 27.15 -11.33 8.29
C ALA C 288 25.92 -12.02 7.71
N ALA C 289 25.16 -12.71 8.57
CA ALA C 289 23.95 -13.37 8.10
C ALA C 289 22.94 -12.37 7.54
N LEU C 290 22.78 -11.24 8.24
CA LEU C 290 21.87 -10.19 7.76
C LEU C 290 22.37 -9.61 6.44
N LEU C 291 23.61 -9.10 6.42
CA LEU C 291 24.10 -8.42 5.23
C LEU C 291 24.21 -9.38 4.05
N GLY C 292 24.47 -10.66 4.30
CA GLY C 292 24.52 -11.66 3.25
C GLY C 292 23.21 -11.88 2.52
N LYS C 293 22.10 -11.28 2.97
CA LYS C 293 20.81 -11.42 2.31
C LYS C 293 20.36 -10.17 1.58
N ILE C 294 21.09 -9.07 1.71
CA ILE C 294 20.63 -7.77 1.24
C ILE C 294 20.97 -7.62 -0.24
N ASP C 295 19.97 -7.30 -1.05
CA ASP C 295 20.17 -7.04 -2.48
C ASP C 295 20.47 -5.58 -2.76
N LEU C 296 20.12 -4.67 -1.85
CA LEU C 296 20.21 -3.24 -2.09
C LEU C 296 20.37 -2.55 -0.76
N ILE C 297 21.39 -1.70 -0.64
CA ILE C 297 21.57 -0.87 0.55
C ILE C 297 21.58 0.59 0.11
N VAL C 298 20.87 1.43 0.84
CA VAL C 298 20.75 2.86 0.56
C VAL C 298 21.06 3.64 1.83
N THR C 299 21.99 4.58 1.74
CA THR C 299 22.34 5.43 2.88
C THR C 299 21.62 6.77 2.75
N THR C 300 21.04 7.24 3.87
CA THR C 300 20.19 8.42 3.86
C THR C 300 20.45 9.34 5.06
N THR C 301 21.65 9.27 5.65
CA THR C 301 21.83 9.81 6.99
C THR C 301 22.40 11.22 7.05
N GLY C 302 23.17 11.65 6.04
CA GLY C 302 23.95 12.85 6.25
C GLY C 302 25.08 12.69 7.24
N ASN C 303 25.42 11.46 7.62
CA ASN C 303 26.49 11.14 8.53
C ASN C 303 27.66 10.55 7.74
N VAL C 304 28.68 10.08 8.45
CA VAL C 304 29.91 9.59 7.83
C VAL C 304 30.05 8.10 8.07
N ASN C 305 30.35 7.37 7.00
CA ASN C 305 30.80 5.97 7.09
C ASN C 305 29.72 5.09 7.72
N VAL C 306 28.48 5.23 7.24
CA VAL C 306 27.38 4.40 7.74
C VAL C 306 27.19 3.14 6.92
N CYS C 307 27.83 3.03 5.76
CA CYS C 307 27.98 1.78 5.02
C CYS C 307 29.48 1.56 4.89
N ASP C 308 30.08 0.85 5.86
CA ASP C 308 31.53 0.88 5.99
C ASP C 308 32.18 -0.27 5.21
N ALA C 309 33.50 -0.38 5.33
CA ALA C 309 34.25 -1.39 4.60
C ALA C 309 33.82 -2.79 4.99
N ASN C 310 33.67 -3.04 6.30
CA ASN C 310 33.29 -4.38 6.75
C ASN C 310 31.89 -4.76 6.27
N MET C 311 30.96 -3.81 6.26
CA MET C 311 29.65 -4.07 5.67
C MET C 311 29.76 -4.37 4.19
N LEU C 312 30.60 -3.62 3.47
CA LEU C 312 30.75 -3.83 2.04
C LEU C 312 31.33 -5.21 1.73
N LYS C 313 32.27 -5.68 2.56
CA LYS C 313 32.81 -7.02 2.40
C LYS C 313 31.76 -8.10 2.62
N ALA C 314 30.81 -7.87 3.52
CA ALA C 314 29.84 -8.88 3.90
C ALA C 314 28.58 -8.88 3.04
N LEU C 315 28.41 -7.88 2.18
CA LEU C 315 27.18 -7.78 1.40
C LEU C 315 27.02 -8.97 0.46
N LYS C 316 25.77 -9.40 0.30
CA LYS C 316 25.40 -10.39 -0.69
C LYS C 316 26.01 -10.06 -2.05
N LYS C 317 26.51 -11.09 -2.73
CA LYS C 317 27.11 -10.87 -4.05
C LYS C 317 26.09 -10.23 -4.98
N ARG C 318 26.59 -9.31 -5.82
CA ARG C 318 25.80 -8.56 -6.80
C ARG C 318 24.82 -7.59 -6.17
N ALA C 319 25.00 -7.25 -4.89
CA ALA C 319 24.16 -6.24 -4.27
C ALA C 319 24.42 -4.87 -4.86
N VAL C 320 23.38 -4.05 -4.89
CA VAL C 320 23.47 -2.66 -5.34
C VAL C 320 23.72 -1.77 -4.14
N VAL C 321 24.64 -0.82 -4.28
CA VAL C 321 25.02 0.09 -3.20
C VAL C 321 24.82 1.52 -3.71
N CYS C 322 24.06 2.32 -2.97
CA CYS C 322 23.89 3.71 -3.38
C CYS C 322 23.63 4.60 -2.18
N ASN C 323 23.91 5.89 -2.37
CA ASN C 323 23.71 6.91 -1.35
C ASN C 323 22.79 8.00 -1.90
N ILE C 324 21.87 8.46 -1.06
CA ILE C 324 20.99 9.57 -1.40
C ILE C 324 21.10 10.72 -0.40
N GLY C 325 21.97 10.59 0.60
CA GLY C 325 22.39 11.75 1.36
C GLY C 325 23.24 12.68 0.52
N HIS C 326 23.56 13.84 1.11
CA HIS C 326 24.16 14.90 0.31
C HIS C 326 25.60 14.60 -0.11
N PHE C 327 26.39 13.91 0.73
CA PHE C 327 27.80 13.71 0.45
C PHE C 327 28.14 12.23 0.35
N ASP C 328 29.13 11.92 -0.50
CA ASP C 328 29.43 10.53 -0.82
C ASP C 328 30.15 9.79 0.29
N ASN C 329 30.67 10.48 1.31
CA ASN C 329 31.38 9.81 2.38
C ASN C 329 30.46 8.99 3.30
N GLU C 330 29.15 8.92 3.03
CA GLU C 330 28.31 7.98 3.78
C GLU C 330 28.72 6.54 3.51
N ILE C 331 29.24 6.26 2.32
CA ILE C 331 29.76 4.95 1.94
C ILE C 331 31.27 5.05 1.86
N ASP C 332 31.97 4.00 2.30
CA ASP C 332 33.43 3.98 2.23
C ASP C 332 33.87 3.57 0.83
N THR C 333 33.65 4.48 -0.12
CA THR C 333 34.11 4.23 -1.49
C THR C 333 35.63 4.26 -1.59
N ALA C 334 36.29 5.03 -0.72
CA ALA C 334 37.75 5.08 -0.73
C ALA C 334 38.35 3.69 -0.50
N PHE C 335 37.77 2.93 0.43
CA PHE C 335 38.20 1.55 0.63
C PHE C 335 38.02 0.74 -0.65
N MET C 336 36.89 0.92 -1.34
CA MET C 336 36.65 0.19 -2.58
C MET C 336 37.62 0.60 -3.69
N ARG C 337 38.00 1.88 -3.74
CA ARG C 337 39.00 2.30 -4.73
C ARG C 337 40.36 1.72 -4.41
N LYS C 338 40.69 1.59 -3.12
CA LYS C 338 42.00 1.10 -2.72
C LYS C 338 42.13 -0.40 -2.97
N ASN C 339 41.05 -1.16 -2.84
CA ASN C 339 41.14 -2.61 -2.76
C ASN C 339 40.52 -3.37 -3.91
N TRP C 340 39.53 -2.81 -4.60
CA TRP C 340 38.73 -3.56 -5.56
C TRP C 340 38.80 -2.93 -6.94
N ALA C 341 38.45 -3.71 -7.95
CA ALA C 341 38.56 -3.32 -9.35
C ALA C 341 37.22 -2.80 -9.85
N TRP C 342 37.23 -1.59 -10.41
CA TRP C 342 36.02 -0.92 -10.88
C TRP C 342 35.85 -1.15 -12.37
N GLU C 343 34.72 -1.70 -12.77
CA GLU C 343 34.36 -1.89 -14.17
C GLU C 343 33.13 -1.04 -14.48
N GLU C 344 33.28 -0.07 -15.37
CA GLU C 344 32.16 0.80 -15.73
C GLU C 344 31.19 0.04 -16.62
N VAL C 345 29.95 -0.14 -16.14
CA VAL C 345 28.89 -0.64 -17.00
C VAL C 345 28.47 0.43 -18.00
N LYS C 346 28.16 1.60 -17.47
CA LYS C 346 27.78 2.78 -18.23
C LYS C 346 27.95 3.98 -17.30
N PRO C 347 27.85 5.21 -17.80
CA PRO C 347 28.07 6.37 -16.93
C PRO C 347 27.25 6.27 -15.64
N GLN C 348 27.95 6.44 -14.51
CA GLN C 348 27.39 6.41 -13.16
C GLN C 348 26.89 5.03 -12.75
N VAL C 349 27.39 3.96 -13.37
CA VAL C 349 27.09 2.59 -12.97
C VAL C 349 28.38 1.78 -13.03
N HIS C 350 28.87 1.32 -11.87
CA HIS C 350 30.12 0.58 -11.81
C HIS C 350 29.92 -0.76 -11.12
N LYS C 351 30.46 -1.82 -11.73
CA LYS C 351 30.65 -3.08 -11.03
C LYS C 351 31.97 -3.02 -10.29
N ILE C 352 31.95 -3.37 -9.01
CA ILE C 352 33.14 -3.30 -8.17
C ILE C 352 33.48 -4.74 -7.79
N HIS C 353 34.53 -5.27 -8.41
CA HIS C 353 34.87 -6.68 -8.26
C HIS C 353 35.68 -6.87 -6.98
N ARG C 354 35.12 -7.63 -6.04
CA ARG C 354 35.78 -7.89 -4.76
C ARG C 354 36.87 -8.93 -4.86
N THR C 355 37.24 -9.32 -6.07
CA THR C 355 38.27 -10.34 -6.31
C THR C 355 39.67 -9.76 -6.37
N GLY C 356 39.83 -8.44 -6.23
CA GLY C 356 41.14 -7.84 -6.26
C GLY C 356 41.18 -6.47 -6.92
N LYS C 357 42.30 -5.77 -6.73
CA LYS C 357 42.44 -4.40 -7.23
C LYS C 357 42.86 -4.36 -8.68
N ASP C 358 43.65 -5.33 -9.12
CA ASP C 358 44.31 -5.30 -10.44
C ASP C 358 43.62 -6.30 -11.35
N GLY C 359 42.78 -5.80 -12.25
CA GLY C 359 42.09 -6.64 -13.21
C GLY C 359 40.94 -7.42 -12.58
N PHE C 360 40.20 -8.09 -13.44
CA PHE C 360 39.04 -8.89 -13.03
C PHE C 360 38.64 -9.79 -14.19
N ASP C 361 37.97 -10.89 -13.85
CA ASP C 361 37.33 -11.73 -14.85
C ASP C 361 35.99 -11.11 -15.24
N ALA C 362 35.77 -10.94 -16.55
CA ALA C 362 34.54 -10.32 -17.03
C ALA C 362 33.30 -11.09 -16.59
N HIS C 363 33.44 -12.38 -16.26
CA HIS C 363 32.32 -13.19 -15.80
C HIS C 363 32.38 -13.47 -14.31
N ASN C 364 33.16 -12.68 -13.56
CA ASN C 364 33.17 -12.80 -12.10
C ASN C 364 31.78 -12.53 -11.54
N ASP C 365 31.43 -13.25 -10.48
CA ASP C 365 30.14 -13.09 -9.84
C ASP C 365 30.24 -12.43 -8.47
N ASP C 366 31.44 -12.23 -7.95
CA ASP C 366 31.66 -11.59 -6.66
C ASP C 366 31.95 -10.10 -6.90
N TYR C 367 30.87 -9.35 -7.14
CA TYR C 367 30.97 -7.91 -7.33
C TYR C 367 29.77 -7.23 -6.68
N LEU C 368 29.90 -5.93 -6.46
CA LEU C 368 28.80 -5.07 -6.09
C LEU C 368 28.58 -4.07 -7.21
N ILE C 369 27.38 -3.50 -7.26
CA ILE C 369 27.06 -2.45 -8.22
C ILE C 369 26.90 -1.15 -7.45
N LEU C 370 27.80 -0.20 -7.73
CA LEU C 370 27.76 1.13 -7.13
C LEU C 370 27.14 2.11 -8.10
N LEU C 371 26.18 2.89 -7.63
CA LEU C 371 25.53 3.93 -8.43
C LEU C 371 26.13 5.30 -8.15
N ALA C 372 26.36 6.07 -9.22
CA ALA C 372 26.81 7.46 -9.12
C ALA C 372 28.08 7.61 -8.29
N GLU C 373 28.91 6.56 -8.25
CA GLU C 373 30.15 6.55 -7.48
C GLU C 373 29.94 7.00 -6.04
N GLY C 374 28.75 6.70 -5.49
CA GLY C 374 28.43 7.10 -4.13
C GLY C 374 27.83 8.48 -3.97
N ARG C 375 27.76 9.29 -5.04
CA ARG C 375 27.11 10.60 -4.97
C ARG C 375 25.60 10.42 -4.96
N LEU C 376 24.87 11.50 -4.63
CA LEU C 376 23.41 11.38 -4.46
C LEU C 376 22.78 10.73 -5.68
N VAL C 377 22.15 9.59 -5.45
CA VAL C 377 21.79 8.71 -6.56
C VAL C 377 20.60 9.24 -7.35
N ASN C 378 19.66 9.93 -6.71
CA ASN C 378 18.49 10.38 -7.45
C ASN C 378 18.87 11.40 -8.52
N LEU C 379 19.79 12.30 -8.21
CA LEU C 379 20.30 13.26 -9.19
C LEU C 379 21.41 12.69 -10.07
N GLY C 380 22.17 11.74 -9.57
CA GLY C 380 23.26 11.15 -10.34
C GLY C 380 22.82 10.21 -11.45
N ASN C 381 21.87 9.33 -11.17
CA ASN C 381 21.40 8.34 -12.15
C ASN C 381 20.02 8.63 -12.72
N ALA C 382 19.33 9.68 -12.24
CA ALA C 382 18.08 10.10 -12.85
C ALA C 382 18.04 11.62 -12.96
N THR C 383 16.94 12.26 -12.54
CA THR C 383 16.81 13.71 -12.63
C THR C 383 16.44 14.34 -11.29
N GLY C 384 16.65 13.64 -10.18
CA GLY C 384 16.21 14.19 -8.91
C GLY C 384 14.71 14.29 -8.78
N HIS C 385 14.28 15.17 -7.86
CA HIS C 385 12.87 15.35 -7.56
C HIS C 385 12.12 15.93 -8.75
N PRO C 386 10.84 15.60 -8.92
CA PRO C 386 10.05 16.17 -10.00
C PRO C 386 9.69 17.63 -9.74
N SER C 387 9.35 18.33 -10.84
CA SER C 387 9.11 19.78 -10.76
C SER C 387 8.04 20.11 -9.74
N ARG C 388 6.94 19.37 -9.71
CA ARG C 388 5.83 19.75 -8.85
C ARG C 388 6.17 19.61 -7.37
N ILE C 389 7.20 18.82 -7.03
CA ILE C 389 7.69 18.78 -5.66
C ILE C 389 8.69 19.90 -5.41
N MET C 390 9.66 20.09 -6.31
CA MET C 390 10.63 21.17 -6.14
C MET C 390 9.96 22.54 -6.11
N ASP C 391 8.75 22.64 -6.67
CA ASP C 391 7.95 23.86 -6.58
C ASP C 391 7.89 24.39 -5.15
N GLY C 392 7.63 23.50 -4.18
CA GLY C 392 7.55 23.95 -2.80
C GLY C 392 8.87 24.46 -2.27
N SER C 393 9.93 23.68 -2.47
CA SER C 393 11.25 24.07 -1.96
C SER C 393 11.70 25.40 -2.56
N PHE C 394 11.48 25.57 -3.86
CA PHE C 394 12.02 26.73 -4.56
C PHE C 394 11.15 27.96 -4.41
N ALA C 395 9.86 27.78 -4.12
CA ALA C 395 9.04 28.91 -3.70
C ALA C 395 9.54 29.45 -2.36
N ASN C 396 9.91 28.56 -1.43
CA ASN C 396 10.54 29.00 -0.19
C ASN C 396 11.85 29.73 -0.47
N GLN C 397 12.66 29.21 -1.40
CA GLN C 397 13.93 29.86 -1.73
C GLN C 397 13.71 31.30 -2.17
N VAL C 398 12.73 31.53 -3.04
CA VAL C 398 12.46 32.88 -3.51
C VAL C 398 11.98 33.77 -2.36
N LEU C 399 11.06 33.26 -1.52
CA LEU C 399 10.61 34.04 -0.39
C LEU C 399 11.75 34.35 0.58
N ALA C 400 12.70 33.43 0.73
CA ALA C 400 13.82 33.63 1.64
C ALA C 400 14.81 34.65 1.08
N GLN C 401 15.05 34.60 -0.23
CA GLN C 401 15.88 35.63 -0.86
C GLN C 401 15.26 37.01 -0.69
N ILE C 402 13.94 37.12 -0.92
CA ILE C 402 13.28 38.41 -0.73
C ILE C 402 13.42 38.88 0.70
N HIS C 403 13.23 37.96 1.67
CA HIS C 403 13.23 38.34 3.07
C HIS C 403 14.58 38.89 3.51
N LEU C 404 15.66 38.19 3.17
CA LEU C 404 16.99 38.62 3.59
C LEU C 404 17.49 39.81 2.78
N PHE C 405 17.13 39.89 1.49
CA PHE C 405 17.58 41.02 0.69
C PHE C 405 16.92 42.31 1.16
N GLU C 406 15.64 42.26 1.50
CA GLU C 406 14.96 43.46 1.99
C GLU C 406 15.52 43.92 3.33
N GLN C 407 16.00 42.98 4.15
CA GLN C 407 16.56 43.34 5.46
C GLN C 407 17.86 44.13 5.32
N LYS C 408 18.64 43.88 4.26
CA LYS C 408 19.86 44.63 3.97
C LYS C 408 20.86 44.58 5.14
N TYR C 409 21.15 43.36 5.58
CA TYR C 409 22.07 43.14 6.70
C TYR C 409 23.40 43.85 6.52
N ALA C 410 24.01 43.71 5.33
CA ALA C 410 25.34 44.30 5.11
C ALA C 410 25.37 45.79 5.37
N ASP C 411 24.25 46.49 5.17
CA ASP C 411 24.20 47.93 5.37
C ASP C 411 23.91 48.34 6.81
N LEU C 412 23.64 47.37 7.70
CA LEU C 412 23.33 47.73 9.07
C LEU C 412 24.59 48.09 9.85
N PRO C 413 24.49 48.99 10.82
CA PRO C 413 25.62 49.24 11.73
C PRO C 413 25.97 47.99 12.52
N ALA C 414 27.16 48.00 13.12
CA ALA C 414 27.65 46.82 13.83
C ALA C 414 26.69 46.38 14.92
N ALA C 415 26.17 47.33 15.70
CA ALA C 415 25.28 46.97 16.80
C ALA C 415 23.96 46.39 16.31
N GLU C 416 23.50 46.82 15.13
CA GLU C 416 22.27 46.26 14.58
C GLU C 416 22.49 44.91 13.92
N LYS C 417 23.65 44.72 13.28
CA LYS C 417 23.99 43.41 12.73
C LYS C 417 23.94 42.34 13.82
N ALA C 418 24.49 42.66 15.00
CA ALA C 418 24.59 41.67 16.07
C ALA C 418 23.22 41.17 16.49
N LYS C 419 22.19 42.02 16.47
CA LYS C 419 20.85 41.60 16.84
C LYS C 419 20.17 40.75 15.78
N ARG C 420 20.68 40.72 14.55
CA ARG C 420 20.02 39.97 13.48
C ARG C 420 20.90 38.87 12.90
N LEU C 421 22.07 38.61 13.47
CA LEU C 421 22.93 37.52 13.00
C LEU C 421 22.37 36.20 13.55
N SER C 422 21.63 35.48 12.71
CA SER C 422 20.92 34.29 13.15
C SER C 422 20.71 33.36 11.97
N VAL C 423 20.30 32.13 12.29
CA VAL C 423 19.85 31.15 11.31
C VAL C 423 18.38 30.86 11.66
N GLU C 424 17.46 31.31 10.82
CA GLU C 424 16.04 31.22 11.15
C GLU C 424 15.26 30.61 9.99
N VAL C 425 14.02 30.25 10.27
CA VAL C 425 13.12 29.72 9.26
C VAL C 425 12.14 30.81 8.85
N LEU C 426 11.48 30.61 7.71
CA LEU C 426 10.44 31.52 7.27
C LEU C 426 9.23 31.42 8.20
N PRO C 427 8.43 32.49 8.28
CA PRO C 427 7.21 32.42 9.09
C PRO C 427 6.22 31.39 8.57
N LYS C 428 5.48 30.79 9.50
CA LYS C 428 4.52 29.74 9.14
C LYS C 428 3.49 30.22 8.14
N LYS C 429 3.08 31.49 8.22
CA LYS C 429 2.11 32.02 7.27
C LYS C 429 2.60 31.84 5.83
N LEU C 430 3.90 32.09 5.59
CA LEU C 430 4.42 31.91 4.24
C LEU C 430 4.50 30.43 3.87
N ASP C 431 4.87 29.59 4.83
CA ASP C 431 4.85 28.14 4.62
C ASP C 431 3.47 27.70 4.17
N GLU C 432 2.42 28.19 4.83
CA GLU C 432 1.06 27.84 4.45
C GLU C 432 0.71 28.39 3.07
N GLU C 433 1.18 29.58 2.73
CA GLU C 433 0.81 30.17 1.45
C GLU C 433 1.48 29.44 0.29
N VAL C 434 2.70 28.94 0.49
CA VAL C 434 3.31 28.05 -0.50
C VAL C 434 2.48 26.77 -0.63
N ALA C 435 2.13 26.16 0.51
CA ALA C 435 1.33 24.93 0.49
C ALA C 435 0.01 25.13 -0.24
N LEU C 436 -0.64 26.28 -0.05
CA LEU C 436 -1.94 26.50 -0.68
C LEU C 436 -1.84 26.45 -2.19
N GLU C 437 -0.82 27.11 -2.77
CA GLU C 437 -0.63 27.05 -4.20
C GLU C 437 -0.32 25.63 -4.66
N MET C 438 0.43 24.86 -3.87
CA MET C 438 0.65 23.46 -4.22
C MET C 438 -0.67 22.69 -4.25
N VAL C 439 -1.51 22.90 -3.24
CA VAL C 439 -2.78 22.17 -3.16
C VAL C 439 -3.66 22.52 -4.36
N LYS C 440 -3.77 23.81 -4.67
CA LYS C 440 -4.53 24.22 -5.85
C LYS C 440 -3.97 23.62 -7.13
N GLY C 441 -2.65 23.42 -7.21
CA GLY C 441 -2.07 22.81 -8.39
C GLY C 441 -2.58 21.39 -8.63
N PHE C 442 -2.95 20.69 -7.57
CA PHE C 442 -3.56 19.38 -7.68
C PHE C 442 -5.06 19.46 -7.92
N GLY C 443 -5.65 20.66 -7.98
CA GLY C 443 -7.08 20.78 -7.98
C GLY C 443 -7.74 20.63 -6.63
N GLY C 444 -6.96 20.64 -5.54
CA GLY C 444 -7.54 20.51 -4.22
C GLY C 444 -8.24 21.79 -3.77
N VAL C 445 -9.24 21.62 -2.92
CA VAL C 445 -10.04 22.74 -2.41
C VAL C 445 -9.96 22.70 -0.90
N VAL C 446 -9.26 23.67 -0.31
CA VAL C 446 -9.24 23.79 1.15
C VAL C 446 -10.53 24.43 1.60
N THR C 447 -10.98 24.06 2.80
CA THR C 447 -12.18 24.62 3.40
C THR C 447 -11.83 25.89 4.15
N GLN C 448 -12.73 26.88 4.08
CA GLN C 448 -12.59 28.09 4.86
C GLN C 448 -13.29 27.90 6.20
N LEU C 449 -12.56 28.15 7.29
CA LEU C 449 -13.18 28.18 8.61
C LEU C 449 -14.28 29.22 8.69
N THR C 450 -15.38 28.88 9.38
CA THR C 450 -16.35 29.90 9.75
C THR C 450 -15.78 30.75 10.88
N PRO C 451 -16.32 31.96 11.09
CA PRO C 451 -15.86 32.76 12.25
C PRO C 451 -16.01 32.03 13.57
N LYS C 452 -17.14 31.33 13.77
CA LYS C 452 -17.30 30.53 14.99
C LYS C 452 -16.23 29.47 15.11
N GLN C 453 -15.91 28.79 14.01
CA GLN C 453 -14.91 27.73 14.07
C GLN C 453 -13.52 28.29 14.36
N ALA C 454 -13.17 29.39 13.69
CA ALA C 454 -11.87 30.02 13.92
C ALA C 454 -11.72 30.45 15.37
N GLU C 455 -12.77 31.02 15.95
CA GLU C 455 -12.74 31.40 17.36
C GLU C 455 -12.67 30.18 18.26
N TYR C 456 -13.34 29.09 17.87
CA TYR C 456 -13.36 27.89 18.69
C TYR C 456 -11.96 27.26 18.83
N ILE C 457 -11.18 27.22 17.75
CA ILE C 457 -9.82 26.69 17.82
C ILE C 457 -8.77 27.78 17.96
N GLY C 458 -9.18 29.03 18.05
CA GLY C 458 -8.27 30.12 18.39
C GLY C 458 -7.30 30.54 17.31
N VAL C 459 -7.74 30.57 16.05
CA VAL C 459 -6.90 31.01 14.94
C VAL C 459 -7.67 32.02 14.11
N SER C 460 -6.94 32.75 13.28
CA SER C 460 -7.56 33.60 12.27
C SER C 460 -8.06 32.75 11.12
N VAL C 461 -9.10 33.24 10.44
CA VAL C 461 -9.62 32.56 9.26
C VAL C 461 -8.54 32.47 8.19
N GLU C 462 -7.57 33.40 8.21
CA GLU C 462 -6.47 33.43 7.26
C GLU C 462 -5.31 32.54 7.66
N GLY C 463 -5.28 32.06 8.91
CA GLY C 463 -4.13 31.39 9.43
C GLY C 463 -3.17 32.39 10.04
N PRO C 464 -2.03 31.92 10.60
CA PRO C 464 -1.56 30.52 10.70
C PRO C 464 -2.48 29.60 11.50
N PHE C 465 -2.57 28.35 11.08
CA PHE C 465 -3.54 27.43 11.66
C PHE C 465 -2.95 26.54 12.75
N LYS C 466 -1.64 26.56 12.96
CA LYS C 466 -0.99 25.70 13.92
C LYS C 466 0.00 26.52 14.74
N PRO C 467 0.22 26.15 16.01
CA PRO C 467 1.30 26.77 16.77
C PRO C 467 2.65 26.37 16.21
N ASP C 468 3.67 27.18 16.53
CA ASP C 468 5.02 26.94 16.03
C ASP C 468 5.57 25.59 16.49
N THR C 469 5.07 25.04 17.59
CA THR C 469 5.51 23.74 18.07
C THR C 469 4.98 22.57 17.24
N TYR C 470 4.06 22.80 16.31
CA TYR C 470 3.37 21.70 15.64
C TYR C 470 4.31 20.97 14.69
N ARG C 471 4.25 19.64 14.73
CA ARG C 471 5.20 18.82 13.95
C ARG C 471 4.63 18.25 12.65
N TYR C 472 3.32 18.33 12.42
CA TYR C 472 2.70 17.82 11.19
C TYR C 472 3.00 16.33 10.96
N PHE D 13 31.75 -10.62 -40.74
CA PHE D 13 30.30 -10.75 -40.66
C PHE D 13 29.60 -9.45 -41.04
N THR D 14 28.59 -9.55 -41.91
CA THR D 14 27.86 -8.38 -42.36
C THR D 14 26.35 -8.62 -42.44
N ASP D 15 25.86 -9.77 -42.00
CA ASP D 15 24.45 -10.13 -42.18
C ASP D 15 23.62 -9.58 -41.02
N TYR D 16 23.57 -8.24 -40.96
CA TYR D 16 22.84 -7.54 -39.90
C TYR D 16 22.68 -6.07 -40.30
N LYS D 17 21.78 -5.39 -39.59
CA LYS D 17 21.72 -3.94 -39.65
C LYS D 17 21.28 -3.45 -38.28
N VAL D 18 22.21 -2.82 -37.56
CA VAL D 18 21.91 -2.21 -36.27
C VAL D 18 22.26 -0.73 -36.35
N ALA D 19 21.82 0.02 -35.33
CA ALA D 19 22.04 1.46 -35.34
C ALA D 19 23.53 1.79 -35.22
N ASP D 20 24.26 1.07 -34.37
CA ASP D 20 25.65 1.42 -34.09
C ASP D 20 26.32 0.19 -33.48
N ILE D 21 27.12 -0.51 -34.29
CA ILE D 21 27.79 -1.73 -33.84
C ILE D 21 28.75 -1.45 -32.70
N THR D 22 29.22 -0.20 -32.55
CA THR D 22 30.18 0.12 -31.49
C THR D 22 29.54 0.11 -30.10
N LEU D 23 28.22 -0.05 -30.02
CA LEU D 23 27.55 -0.21 -28.74
C LEU D 23 27.59 -1.65 -28.24
N ALA D 24 28.31 -2.54 -28.94
CA ALA D 24 28.28 -3.95 -28.61
C ALA D 24 28.86 -4.23 -27.23
N ALA D 25 30.01 -3.63 -26.91
CA ALA D 25 30.66 -3.91 -25.63
C ALA D 25 29.77 -3.53 -24.46
N TRP D 26 29.11 -2.36 -24.55
CA TRP D 26 28.17 -1.95 -23.50
C TRP D 26 27.03 -2.96 -23.37
N GLY D 27 26.46 -3.39 -24.50
CA GLY D 27 25.38 -4.36 -24.44
C GLY D 27 25.83 -5.68 -23.84
N ARG D 28 27.05 -6.10 -24.15
CA ARG D 28 27.59 -7.33 -23.57
C ARG D 28 27.70 -7.21 -22.05
N ARG D 29 28.11 -6.04 -21.54
CA ARG D 29 28.16 -5.86 -20.10
C ARG D 29 26.79 -6.00 -19.47
N GLU D 30 25.76 -5.42 -20.11
CA GLU D 30 24.41 -5.56 -19.59
C GLU D 30 23.87 -6.97 -19.77
N LEU D 31 24.31 -7.68 -20.82
CA LEU D 31 23.89 -9.07 -21.00
C LEU D 31 24.45 -9.94 -19.87
N ILE D 32 25.70 -9.69 -19.47
CA ILE D 32 26.29 -10.46 -18.38
C ILE D 32 25.53 -10.23 -17.08
N ILE D 33 25.09 -8.99 -16.84
CA ILE D 33 24.25 -8.71 -15.67
C ILE D 33 22.89 -9.38 -15.81
N ALA D 34 22.28 -9.30 -17.00
CA ALA D 34 20.97 -9.90 -17.19
C ALA D 34 20.99 -11.41 -16.95
N GLU D 35 22.07 -12.07 -17.35
CA GLU D 35 22.20 -13.50 -17.10
C GLU D 35 22.07 -13.80 -15.60
N SER D 36 22.67 -12.96 -14.76
CA SER D 36 22.56 -13.16 -13.32
C SER D 36 21.17 -12.86 -12.79
N GLU D 37 20.33 -12.18 -13.57
CA GLU D 37 18.95 -11.87 -13.17
C GLU D 37 17.95 -12.84 -13.76
N MET D 38 18.37 -13.84 -14.54
CA MET D 38 17.47 -14.73 -15.26
C MET D 38 17.84 -16.18 -14.97
N PRO D 39 17.60 -16.64 -13.73
CA PRO D 39 18.04 -18.00 -13.36
C PRO D 39 17.24 -19.11 -14.02
N ALA D 40 15.95 -18.91 -14.31
CA ALA D 40 15.19 -19.94 -15.00
C ALA D 40 15.74 -20.14 -16.41
N LEU D 41 16.01 -19.03 -17.10
CA LEU D 41 16.54 -19.11 -18.46
C LEU D 41 17.96 -19.68 -18.45
N MET D 42 18.80 -19.19 -17.53
N MET D 42 18.81 -19.23 -17.52
CA MET D 42 20.15 -19.74 -17.39
CA MET D 42 20.16 -19.76 -17.45
C MET D 42 20.12 -21.21 -17.03
C MET D 42 20.20 -21.18 -16.92
N GLY D 43 19.20 -21.61 -16.15
CA GLY D 43 19.10 -23.00 -15.76
C GLY D 43 18.79 -23.91 -16.93
N LEU D 44 17.93 -23.45 -17.85
CA LEU D 44 17.67 -24.22 -19.06
C LEU D 44 18.90 -24.30 -19.94
N ARG D 45 19.65 -23.20 -20.04
CA ARG D 45 20.88 -23.20 -20.83
C ARG D 45 21.83 -24.28 -20.34
N ARG D 46 21.95 -24.45 -19.02
CA ARG D 46 22.91 -25.41 -18.49
C ARG D 46 22.36 -26.83 -18.50
N LYS D 47 21.06 -26.99 -18.23
CA LYS D 47 20.46 -28.31 -18.22
C LYS D 47 20.47 -28.97 -19.60
N TYR D 48 20.34 -28.17 -20.66
CA TYR D 48 20.16 -28.71 -22.01
C TYR D 48 21.36 -28.51 -22.92
N ALA D 49 22.45 -27.91 -22.43
CA ALA D 49 23.57 -27.57 -23.31
C ALA D 49 24.17 -28.82 -23.95
N GLY D 50 24.45 -29.85 -23.14
CA GLY D 50 25.05 -31.05 -23.68
C GLY D 50 24.14 -31.78 -24.65
N GLN D 51 22.84 -31.81 -24.36
CA GLN D 51 21.88 -32.52 -25.20
C GLN D 51 21.66 -31.82 -26.53
N GLN D 52 21.88 -30.51 -26.60
CA GLN D 52 21.70 -29.72 -27.82
C GLN D 52 20.33 -29.95 -28.46
N PRO D 53 19.23 -29.71 -27.72
CA PRO D 53 17.91 -30.08 -28.24
C PRO D 53 17.45 -29.27 -29.44
N LEU D 54 18.07 -28.12 -29.72
CA LEU D 54 17.69 -27.28 -30.85
C LEU D 54 18.68 -27.39 -32.01
N LYS D 55 19.50 -28.44 -32.03
CA LYS D 55 20.36 -28.68 -33.17
C LYS D 55 19.53 -28.89 -34.43
N GLY D 56 19.79 -28.09 -35.45
CA GLY D 56 19.02 -28.13 -36.68
C GLY D 56 17.89 -27.12 -36.75
N ALA D 57 17.56 -26.45 -35.65
CA ALA D 57 16.48 -25.47 -35.67
C ALA D 57 16.94 -24.19 -36.35
N LYS D 58 16.10 -23.65 -37.23
CA LYS D 58 16.33 -22.35 -37.85
C LYS D 58 15.13 -21.48 -37.52
N ILE D 59 15.28 -20.59 -36.56
CA ILE D 59 14.18 -19.88 -35.94
C ILE D 59 14.09 -18.48 -36.52
N LEU D 60 12.92 -18.13 -37.05
CA LEU D 60 12.58 -16.75 -37.35
C LEU D 60 11.96 -16.14 -36.08
N GLY D 61 12.66 -15.17 -35.49
CA GLY D 61 12.21 -14.53 -34.27
C GLY D 61 11.87 -13.07 -34.52
N CYS D 62 10.70 -12.65 -34.03
CA CYS D 62 10.26 -11.26 -34.16
C CYS D 62 9.69 -10.81 -32.81
N ILE D 63 10.51 -10.11 -32.03
CA ILE D 63 10.11 -9.62 -30.73
C ILE D 63 11.11 -8.54 -30.32
N HIS D 64 10.62 -7.55 -29.57
CA HIS D 64 11.39 -6.42 -29.05
C HIS D 64 12.86 -6.76 -28.80
N MET D 65 13.78 -6.10 -29.51
CA MET D 65 15.20 -6.44 -29.46
C MET D 65 15.85 -5.75 -28.24
N THR D 66 15.51 -6.27 -27.07
CA THR D 66 15.99 -5.76 -25.79
C THR D 66 17.17 -6.60 -25.30
N ILE D 67 17.75 -6.16 -24.18
CA ILE D 67 18.76 -6.97 -23.48
C ILE D 67 18.18 -8.33 -23.10
N GLN D 68 16.92 -8.35 -22.64
CA GLN D 68 16.30 -9.59 -22.20
C GLN D 68 16.10 -10.55 -23.37
N THR D 69 15.67 -10.03 -24.52
CA THR D 69 15.59 -10.85 -25.73
C THR D 69 16.97 -11.36 -26.15
N GLY D 70 18.02 -10.58 -25.89
CA GLY D 70 19.37 -11.05 -26.18
C GLY D 70 19.71 -12.32 -25.42
N VAL D 71 19.35 -12.36 -24.13
CA VAL D 71 19.62 -13.57 -23.34
C VAL D 71 18.79 -14.73 -23.85
N LEU D 72 17.55 -14.47 -24.25
CA LEU D 72 16.74 -15.50 -24.91
C LEU D 72 17.40 -15.98 -26.19
N ILE D 73 17.85 -15.05 -27.04
CA ILE D 73 18.47 -15.42 -28.31
C ILE D 73 19.67 -16.33 -28.06
N GLU D 74 20.59 -15.88 -27.20
CA GLU D 74 21.82 -16.64 -26.98
C GLU D 74 21.55 -17.96 -26.27
N THR D 75 20.43 -18.06 -25.52
CA THR D 75 20.00 -19.34 -25.00
C THR D 75 19.61 -20.29 -26.12
N LEU D 76 18.77 -19.80 -27.05
CA LEU D 76 18.39 -20.63 -28.20
C LEU D 76 19.61 -21.07 -28.99
N VAL D 77 20.59 -20.19 -29.16
CA VAL D 77 21.81 -20.54 -29.89
C VAL D 77 22.64 -21.53 -29.08
N ALA D 78 22.73 -21.32 -27.76
CA ALA D 78 23.51 -22.22 -26.91
C ALA D 78 22.95 -23.64 -26.93
N LEU D 79 21.66 -23.79 -27.21
CA LEU D 79 21.04 -25.10 -27.32
C LEU D 79 21.07 -25.65 -28.74
N GLY D 80 21.71 -24.96 -29.67
CA GLY D 80 22.00 -25.50 -30.99
C GLY D 80 21.28 -24.85 -32.15
N ALA D 81 20.48 -23.82 -31.93
CA ALA D 81 19.66 -23.26 -32.99
C ALA D 81 20.40 -22.16 -33.76
N GLU D 82 19.94 -21.91 -34.97
CA GLU D 82 20.28 -20.71 -35.74
C GLU D 82 19.05 -19.81 -35.83
N VAL D 83 19.27 -18.49 -35.79
CA VAL D 83 18.15 -17.55 -35.79
C VAL D 83 18.42 -16.38 -36.72
N ARG D 84 17.34 -15.78 -37.21
CA ARG D 84 17.36 -14.50 -37.90
C ARG D 84 16.29 -13.63 -37.25
N TRP D 85 16.70 -12.48 -36.70
CA TRP D 85 15.89 -11.78 -35.71
C TRP D 85 15.53 -10.36 -36.14
N SER D 86 14.36 -9.91 -35.68
CA SER D 86 13.93 -8.53 -35.82
C SER D 86 13.08 -8.17 -34.62
N SER D 87 12.84 -6.87 -34.45
CA SER D 87 11.93 -6.38 -33.42
C SER D 87 10.50 -6.39 -33.94
N CYS D 88 9.55 -6.51 -33.01
CA CYS D 88 8.14 -6.43 -33.36
C CYS D 88 7.58 -5.03 -33.14
N ASN D 89 8.43 -4.06 -32.81
CA ASN D 89 7.98 -2.68 -32.61
C ASN D 89 9.09 -1.73 -33.02
N ILE D 90 8.69 -0.59 -33.60
CA ILE D 90 9.65 0.37 -34.15
C ILE D 90 10.45 1.09 -33.07
N PHE D 91 9.96 1.11 -31.83
CA PHE D 91 10.58 1.85 -30.74
C PHE D 91 11.14 0.96 -29.62
N SER D 92 10.95 -0.35 -29.67
CA SER D 92 11.26 -1.18 -28.51
C SER D 92 12.69 -1.67 -28.45
N THR D 93 13.43 -1.59 -29.55
CA THR D 93 14.82 -2.08 -29.55
C THR D 93 15.69 -1.25 -28.60
N GLN D 94 16.55 -1.94 -27.87
CA GLN D 94 17.70 -1.34 -27.21
C GLN D 94 18.91 -1.50 -28.12
N ASP D 95 19.48 -0.39 -28.57
CA ASP D 95 20.53 -0.46 -29.59
C ASP D 95 21.78 -1.19 -29.08
N GLN D 96 22.08 -1.08 -27.78
CA GLN D 96 23.25 -1.79 -27.27
C GLN D 96 23.02 -3.30 -27.25
N ALA D 97 21.76 -3.72 -27.12
CA ALA D 97 21.46 -5.15 -27.19
C ALA D 97 21.51 -5.65 -28.62
N ALA D 98 20.95 -4.88 -29.56
CA ALA D 98 21.06 -5.24 -30.97
C ALA D 98 22.52 -5.34 -31.41
N ALA D 99 23.35 -4.38 -31.01
CA ALA D 99 24.76 -4.40 -31.41
C ALA D 99 25.49 -5.60 -30.82
N ALA D 100 25.21 -5.95 -29.56
CA ALA D 100 25.88 -7.07 -28.94
C ALA D 100 25.53 -8.38 -29.64
N ILE D 101 24.27 -8.51 -30.07
CA ILE D 101 23.86 -9.71 -30.79
C ILE D 101 24.53 -9.79 -32.14
N ALA D 102 24.57 -8.67 -32.88
CA ALA D 102 25.23 -8.66 -34.18
C ALA D 102 26.71 -8.94 -34.05
N ALA D 103 27.34 -8.37 -33.02
CA ALA D 103 28.77 -8.59 -32.79
C ALA D 103 29.09 -10.06 -32.51
N ALA D 104 28.11 -10.84 -32.04
CA ALA D 104 28.27 -12.26 -31.80
C ALA D 104 28.04 -13.09 -33.06
N GLY D 105 27.93 -12.46 -34.23
CA GLY D 105 27.72 -13.18 -35.47
C GLY D 105 26.31 -13.69 -35.70
N ILE D 106 25.31 -13.09 -35.07
CA ILE D 106 23.93 -13.52 -35.17
C ILE D 106 23.19 -12.52 -36.05
N PRO D 107 22.45 -12.98 -37.07
CA PRO D 107 21.72 -12.03 -37.94
C PRO D 107 20.60 -11.35 -37.17
N VAL D 108 20.66 -10.03 -37.10
CA VAL D 108 19.64 -9.23 -36.43
C VAL D 108 19.50 -7.92 -37.18
N PHE D 109 18.26 -7.49 -37.39
CA PHE D 109 17.93 -6.27 -38.11
C PHE D 109 16.94 -5.50 -37.25
N ALA D 110 17.44 -4.53 -36.48
CA ALA D 110 16.61 -3.84 -35.51
C ALA D 110 17.35 -2.64 -34.96
N TRP D 111 16.63 -1.52 -34.81
CA TRP D 111 17.15 -0.36 -34.11
C TRP D 111 15.97 0.43 -33.55
N LYS D 112 16.25 1.23 -32.53
CA LYS D 112 15.23 2.06 -31.92
C LYS D 112 14.91 3.24 -32.84
N GLY D 113 13.64 3.44 -33.12
CA GLY D 113 13.20 4.54 -33.94
C GLY D 113 13.04 4.24 -35.41
N GLU D 114 12.63 3.02 -35.76
CA GLU D 114 12.41 2.66 -37.16
C GLU D 114 11.21 3.40 -37.73
N THR D 115 11.22 3.58 -39.05
CA THR D 115 9.99 3.93 -39.75
C THR D 115 9.19 2.65 -40.00
N GLU D 116 7.93 2.83 -40.43
CA GLU D 116 7.11 1.66 -40.75
C GLU D 116 7.70 0.87 -41.91
N GLU D 117 8.26 1.57 -42.90
CA GLU D 117 8.88 0.88 -44.03
C GLU D 117 10.13 0.13 -43.59
N GLU D 118 10.97 0.76 -42.76
CA GLU D 118 12.13 0.07 -42.23
C GLU D 118 11.71 -1.12 -41.36
N TYR D 119 10.58 -0.99 -40.67
CA TYR D 119 10.06 -2.10 -39.89
C TYR D 119 9.70 -3.28 -40.77
N GLU D 120 8.94 -3.03 -41.85
CA GLU D 120 8.60 -4.10 -42.77
C GLU D 120 9.85 -4.66 -43.43
N TRP D 121 10.83 -3.79 -43.70
CA TRP D 121 12.07 -4.23 -44.31
C TRP D 121 12.84 -5.17 -43.39
N CYS D 122 12.85 -4.89 -42.09
CA CYS D 122 13.62 -5.72 -41.15
C CYS D 122 13.08 -7.14 -41.08
N ILE D 123 11.76 -7.30 -41.03
CA ILE D 123 11.18 -8.65 -40.99
C ILE D 123 11.55 -9.42 -42.26
N GLU D 124 11.55 -8.73 -43.41
CA GLU D 124 11.91 -9.37 -44.67
C GLU D 124 13.37 -9.79 -44.68
N GLN D 125 14.25 -9.04 -44.00
CA GLN D 125 15.66 -9.40 -43.94
C GLN D 125 15.89 -10.64 -43.07
N THR D 126 14.95 -10.98 -42.18
CA THR D 126 15.04 -12.25 -41.49
C THR D 126 14.45 -13.37 -42.35
N ILE D 127 13.38 -13.08 -43.07
CA ILE D 127 12.73 -14.09 -43.91
C ILE D 127 13.66 -14.53 -45.04
N LEU D 128 14.36 -13.58 -45.66
CA LEU D 128 15.20 -13.85 -46.82
C LEU D 128 16.67 -13.81 -46.43
N LYS D 129 17.43 -14.79 -46.91
CA LYS D 129 18.88 -14.79 -46.80
C LYS D 129 19.45 -14.82 -48.22
N ASP D 130 20.27 -13.81 -48.54
CA ASP D 130 20.87 -13.68 -49.87
C ASP D 130 19.80 -13.70 -50.95
N GLY D 131 18.74 -12.91 -50.72
CA GLY D 131 17.67 -12.76 -51.68
C GLY D 131 16.73 -13.94 -51.81
N GLN D 132 17.02 -15.05 -51.18
CA GLN D 132 16.17 -16.23 -51.25
C GLN D 132 15.52 -16.51 -49.91
N PRO D 133 14.35 -17.13 -49.89
CA PRO D 133 13.74 -17.51 -48.61
C PRO D 133 14.69 -18.35 -47.79
N TRP D 134 14.87 -17.96 -46.53
CA TRP D 134 15.65 -18.76 -45.60
C TRP D 134 14.99 -20.13 -45.43
N ASP D 135 15.80 -21.13 -45.11
CA ASP D 135 15.25 -22.48 -44.86
C ASP D 135 14.90 -22.63 -43.38
N ALA D 136 14.02 -21.73 -42.93
CA ALA D 136 13.58 -21.74 -41.56
C ALA D 136 12.69 -22.95 -41.29
N ASN D 137 12.66 -23.37 -40.02
CA ASN D 137 11.74 -24.42 -39.60
C ASN D 137 11.05 -24.13 -38.29
N MET D 138 11.26 -22.95 -37.70
CA MET D 138 10.61 -22.56 -36.45
C MET D 138 10.32 -21.06 -36.48
N VAL D 139 9.31 -20.65 -35.73
CA VAL D 139 8.92 -19.25 -35.62
C VAL D 139 8.75 -18.91 -34.15
N LEU D 140 9.31 -17.75 -33.76
CA LEU D 140 9.05 -17.16 -32.45
C LEU D 140 8.52 -15.76 -32.69
N ASP D 141 7.34 -15.47 -32.15
CA ASP D 141 6.61 -14.27 -32.52
C ASP D 141 6.06 -13.58 -31.27
N ASP D 142 5.91 -12.26 -31.38
CA ASP D 142 5.30 -11.45 -30.32
C ASP D 142 4.39 -10.45 -31.02
N GLY D 143 3.10 -10.77 -31.09
CA GLY D 143 2.11 -9.92 -31.72
C GLY D 143 1.51 -10.49 -32.98
N GLY D 144 2.27 -11.30 -33.72
CA GLY D 144 1.73 -12.02 -34.86
C GLY D 144 1.98 -11.41 -36.22
N ASP D 145 2.74 -10.31 -36.31
CA ASP D 145 2.99 -9.70 -37.61
C ASP D 145 3.76 -10.65 -38.51
N LEU D 146 4.87 -11.19 -38.01
CA LEU D 146 5.65 -12.14 -38.80
C LEU D 146 4.83 -13.37 -39.17
N THR D 147 4.02 -13.86 -38.22
CA THR D 147 3.18 -15.02 -38.49
C THR D 147 2.23 -14.76 -39.66
N GLU D 148 1.64 -13.56 -39.69
CA GLU D 148 0.69 -13.25 -40.76
C GLU D 148 1.39 -13.05 -42.10
N ILE D 149 2.60 -12.47 -42.08
CA ILE D 149 3.34 -12.27 -43.32
C ILE D 149 3.71 -13.61 -43.93
N LEU D 150 4.19 -14.55 -43.12
CA LEU D 150 4.51 -15.88 -43.63
C LEU D 150 3.27 -16.54 -44.24
N HIS D 151 2.11 -16.41 -43.59
CA HIS D 151 0.91 -17.04 -44.10
C HIS D 151 0.42 -16.38 -45.38
N LYS D 152 0.51 -15.05 -45.46
CA LYS D 152 -0.04 -14.33 -46.60
C LYS D 152 0.95 -14.25 -47.76
N LYS D 153 2.24 -14.05 -47.47
CA LYS D 153 3.22 -13.77 -48.49
C LYS D 153 4.19 -14.91 -48.77
N TYR D 154 4.50 -15.74 -47.77
CA TYR D 154 5.45 -16.84 -47.93
C TYR D 154 4.83 -18.17 -47.51
N PRO D 155 3.68 -18.55 -48.08
CA PRO D 155 3.04 -19.79 -47.62
C PRO D 155 3.88 -21.03 -47.85
N GLN D 156 4.70 -21.05 -48.91
CA GLN D 156 5.54 -22.22 -49.17
C GLN D 156 6.59 -22.42 -48.08
N MET D 157 7.00 -21.35 -47.40
CA MET D 157 7.96 -21.51 -46.30
C MET D 157 7.33 -22.23 -45.13
N LEU D 158 6.01 -22.10 -44.94
CA LEU D 158 5.34 -22.79 -43.84
C LEU D 158 5.30 -24.30 -44.03
N GLU D 159 5.51 -24.79 -45.26
CA GLU D 159 5.54 -26.22 -45.48
C GLU D 159 6.67 -26.89 -44.71
N ARG D 160 7.75 -26.14 -44.43
CA ARG D 160 8.90 -26.67 -43.71
C ARG D 160 8.97 -26.20 -42.26
N ILE D 161 8.00 -25.42 -41.78
CA ILE D 161 8.00 -24.90 -40.42
C ILE D 161 7.31 -25.91 -39.51
N HIS D 162 7.93 -26.20 -38.36
CA HIS D 162 7.37 -27.17 -37.43
C HIS D 162 6.42 -26.54 -36.41
N GLY D 163 6.58 -25.27 -36.09
CA GLY D 163 5.70 -24.67 -35.10
C GLY D 163 5.97 -23.18 -34.93
N ILE D 164 5.03 -22.54 -34.22
CA ILE D 164 5.12 -21.15 -33.85
C ILE D 164 4.99 -21.06 -32.34
N THR D 165 5.81 -20.24 -31.71
CA THR D 165 5.67 -19.96 -30.28
C THR D 165 5.37 -18.48 -30.13
N GLU D 166 4.14 -18.16 -29.73
CA GLU D 166 3.66 -16.78 -29.69
C GLU D 166 3.66 -16.28 -28.26
N GLU D 167 4.16 -15.06 -28.07
CA GLU D 167 4.45 -14.48 -26.76
C GLU D 167 3.25 -13.79 -26.11
N THR D 168 2.43 -13.07 -26.86
CA THR D 168 1.56 -12.10 -26.21
C THR D 168 0.09 -12.33 -26.55
N THR D 169 -0.77 -11.71 -25.73
CA THR D 169 -2.21 -11.92 -25.80
C THR D 169 -2.75 -11.65 -27.20
N THR D 170 -2.33 -10.54 -27.80
CA THR D 170 -2.85 -10.16 -29.11
C THR D 170 -2.46 -11.18 -30.17
N GLY D 171 -1.21 -11.64 -30.14
CA GLY D 171 -0.79 -12.64 -31.10
C GLY D 171 -1.57 -13.94 -30.97
N VAL D 172 -1.91 -14.33 -29.74
CA VAL D 172 -2.64 -15.57 -29.52
C VAL D 172 -4.06 -15.45 -30.08
N HIS D 173 -4.71 -14.29 -29.90
CA HIS D 173 -6.03 -14.09 -30.48
C HIS D 173 -5.98 -14.22 -32.00
N ARG D 174 -4.92 -13.72 -32.62
CA ARG D 174 -4.79 -13.85 -34.08
C ARG D 174 -4.57 -15.31 -34.48
N LEU D 175 -3.81 -16.06 -33.70
CA LEU D 175 -3.63 -17.49 -33.99
C LEU D 175 -4.96 -18.24 -33.85
N LEU D 176 -5.77 -17.87 -32.86
CA LEU D 176 -7.05 -18.54 -32.68
C LEU D 176 -8.03 -18.18 -33.78
N ASP D 177 -7.91 -16.98 -34.34
CA ASP D 177 -8.73 -16.62 -35.50
C ASP D 177 -8.36 -17.46 -36.71
N MET D 178 -7.05 -17.68 -36.94
CA MET D 178 -6.63 -18.52 -38.05
C MET D 178 -7.08 -19.96 -37.87
N LEU D 179 -7.02 -20.46 -36.63
CA LEU D 179 -7.39 -21.85 -36.37
C LEU D 179 -8.88 -22.06 -36.61
N LYS D 180 -9.72 -21.17 -36.08
CA LYS D 180 -11.16 -21.32 -36.29
C LYS D 180 -11.56 -21.09 -37.74
N ASN D 181 -10.73 -20.39 -38.51
CA ASN D 181 -10.98 -20.17 -39.93
C ASN D 181 -10.31 -21.20 -40.83
N GLY D 182 -9.57 -22.14 -40.25
CA GLY D 182 -8.87 -23.13 -41.06
C GLY D 182 -7.71 -22.61 -41.87
N THR D 183 -7.19 -21.43 -41.53
CA THR D 183 -6.07 -20.84 -42.26
C THR D 183 -4.73 -21.08 -41.59
N LEU D 184 -4.72 -21.57 -40.35
CA LEU D 184 -3.45 -21.85 -39.67
C LEU D 184 -2.77 -23.03 -40.31
N LYS D 185 -1.51 -22.85 -40.70
CA LYS D 185 -0.78 -23.88 -41.44
C LYS D 185 0.19 -24.68 -40.59
N VAL D 186 0.56 -24.18 -39.41
CA VAL D 186 1.47 -24.93 -38.51
C VAL D 186 0.97 -24.79 -37.08
N PRO D 187 1.25 -25.79 -36.26
CA PRO D 187 0.81 -25.72 -34.86
C PRO D 187 1.56 -24.63 -34.10
N ALA D 188 0.96 -24.21 -32.99
CA ALA D 188 1.49 -23.12 -32.20
C ALA D 188 1.35 -23.44 -30.71
N ILE D 189 2.24 -22.84 -29.92
CA ILE D 189 2.13 -22.87 -28.47
C ILE D 189 1.81 -21.47 -27.98
N ASN D 190 0.73 -21.36 -27.21
CA ASN D 190 0.34 -20.11 -26.54
C ASN D 190 1.24 -19.95 -25.32
N VAL D 191 2.35 -19.22 -25.52
CA VAL D 191 3.26 -18.96 -24.42
C VAL D 191 2.62 -18.00 -23.42
N ASN D 192 1.77 -17.10 -23.91
CA ASN D 192 1.19 -16.08 -23.04
C ASN D 192 0.47 -16.68 -21.85
N ASP D 193 -0.25 -17.79 -22.04
CA ASP D 193 -1.14 -18.29 -20.99
C ASP D 193 -0.49 -19.31 -20.06
N SER D 194 0.83 -19.45 -20.10
CA SER D 194 1.52 -19.96 -18.92
C SER D 194 1.30 -18.97 -17.79
N VAL D 195 1.15 -19.48 -16.56
CA VAL D 195 0.94 -18.57 -15.44
C VAL D 195 2.22 -17.76 -15.17
N THR D 196 3.38 -18.41 -15.33
CA THR D 196 4.64 -17.70 -15.20
C THR D 196 4.91 -16.75 -16.37
N LYS D 197 3.98 -16.64 -17.31
CA LYS D 197 3.98 -15.57 -18.29
C LYS D 197 2.87 -14.58 -17.95
N SER D 198 1.60 -14.92 -18.25
CA SER D 198 0.49 -13.96 -18.14
C SER D 198 0.39 -13.33 -16.75
N LYS D 199 0.48 -14.13 -15.70
CA LYS D 199 0.31 -13.60 -14.34
C LYS D 199 1.64 -13.18 -13.72
N ASN D 200 2.70 -13.10 -14.51
CA ASN D 200 3.98 -12.55 -14.07
C ASN D 200 4.35 -11.37 -14.97
N ASP D 201 4.70 -11.65 -16.22
CA ASP D 201 5.03 -10.65 -17.23
C ASP D 201 3.94 -9.59 -17.38
N ASN D 202 2.73 -10.02 -17.79
CA ASN D 202 1.71 -9.06 -18.19
C ASN D 202 1.35 -8.11 -17.05
N LYS D 203 1.33 -8.63 -15.82
CA LYS D 203 0.89 -7.85 -14.66
C LYS D 203 2.07 -7.12 -14.01
N TYR D 204 2.98 -7.88 -13.39
CA TYR D 204 4.07 -7.28 -12.63
C TYR D 204 5.09 -6.60 -13.55
N GLY D 205 5.22 -7.06 -14.79
CA GLY D 205 6.09 -6.36 -15.73
C GLY D 205 5.63 -4.94 -15.93
N CYS D 206 4.34 -4.75 -16.17
CA CYS D 206 3.79 -3.40 -16.36
C CYS D 206 3.75 -2.61 -15.06
N ARG D 207 3.60 -3.30 -13.93
CA ARG D 207 3.73 -2.62 -12.64
C ARG D 207 5.10 -1.97 -12.51
N HIS D 208 6.16 -2.71 -12.87
CA HIS D 208 7.51 -2.17 -12.82
C HIS D 208 7.74 -1.06 -13.83
N SER D 209 7.28 -1.24 -15.08
CA SER D 209 7.79 -0.44 -16.19
C SER D 209 6.85 0.64 -16.68
N LEU D 210 5.59 0.69 -16.23
CA LEU D 210 4.71 1.77 -16.67
C LEU D 210 5.11 3.10 -16.04
N ASN D 211 5.14 3.17 -14.69
CA ASN D 211 5.57 4.41 -14.07
CA ASN D 211 5.58 4.40 -14.04
C ASN D 211 7.03 4.74 -14.41
N ASP D 212 7.85 3.70 -14.65
CA ASP D 212 9.21 3.89 -15.13
C ASP D 212 9.22 4.71 -16.42
N ALA D 213 8.41 4.29 -17.40
CA ALA D 213 8.43 4.98 -18.69
C ALA D 213 7.88 6.40 -18.59
N ILE D 214 6.85 6.60 -17.77
CA ILE D 214 6.28 7.94 -17.64
C ILE D 214 7.28 8.89 -17.00
N LYS D 215 8.01 8.43 -16.00
CA LYS D 215 9.04 9.25 -15.38
C LYS D 215 10.16 9.60 -16.36
N ARG D 216 10.62 8.63 -17.15
CA ARG D 216 11.69 8.93 -18.10
C ARG D 216 11.24 9.92 -19.16
N GLY D 217 10.01 9.77 -19.65
CA GLY D 217 9.53 10.67 -20.70
C GLY D 217 9.23 12.07 -20.21
N THR D 218 8.62 12.19 -19.03
CA THR D 218 8.13 13.48 -18.55
C THR D 218 8.74 13.95 -17.24
N ASP D 219 9.23 13.05 -16.39
CA ASP D 219 9.66 13.37 -15.04
C ASP D 219 8.54 14.03 -14.23
N HIS D 220 7.29 13.75 -14.59
CA HIS D 220 6.14 14.25 -13.84
C HIS D 220 6.00 13.56 -12.50
N LEU D 221 5.75 14.34 -11.45
CA LEU D 221 5.22 13.77 -10.23
C LEU D 221 3.89 13.08 -10.52
N LEU D 222 3.73 11.87 -9.98
CA LEU D 222 2.48 11.14 -10.13
C LEU D 222 1.59 11.23 -8.89
N SER D 223 2.20 11.29 -7.71
CA SER D 223 1.46 11.39 -6.45
C SER D 223 0.46 12.54 -6.49
N GLY D 224 -0.78 12.25 -6.09
CA GLY D 224 -1.81 13.26 -5.94
C GLY D 224 -2.56 13.60 -7.21
N LYS D 225 -2.15 13.09 -8.36
CA LYS D 225 -2.78 13.38 -9.64
C LYS D 225 -3.78 12.29 -10.01
N GLN D 226 -4.64 12.61 -10.97
CA GLN D 226 -5.75 11.75 -11.38
C GLN D 226 -5.39 10.96 -12.62
N ALA D 227 -5.56 9.64 -12.56
CA ALA D 227 -5.31 8.78 -13.70
C ALA D 227 -6.58 8.03 -14.09
N LEU D 228 -6.68 7.68 -15.37
CA LEU D 228 -7.72 6.79 -15.88
C LEU D 228 -7.05 5.67 -16.65
N VAL D 229 -7.24 4.44 -16.19
CA VAL D 229 -6.71 3.26 -16.88
C VAL D 229 -7.87 2.59 -17.61
N ILE D 230 -7.73 2.44 -18.92
CA ILE D 230 -8.74 1.79 -19.74
C ILE D 230 -8.35 0.32 -19.81
N GLY D 231 -9.14 -0.54 -19.18
CA GLY D 231 -8.88 -1.96 -19.17
C GLY D 231 -8.40 -2.40 -17.79
N TYR D 232 -8.79 -3.62 -17.40
CA TYR D 232 -8.35 -4.18 -16.13
C TYR D 232 -8.14 -5.68 -16.26
N GLY D 233 -7.58 -6.10 -17.39
CA GLY D 233 -7.01 -7.43 -17.54
C GLY D 233 -5.67 -7.51 -16.83
N ASP D 234 -4.79 -8.39 -17.31
CA ASP D 234 -3.50 -8.54 -16.64
C ASP D 234 -2.66 -7.27 -16.76
N VAL D 235 -2.61 -6.69 -17.95
CA VAL D 235 -1.90 -5.43 -18.16
C VAL D 235 -2.58 -4.29 -17.39
N GLY D 236 -3.90 -4.22 -17.44
CA GLY D 236 -4.59 -3.15 -16.73
C GLY D 236 -4.40 -3.23 -15.22
N LYS D 237 -4.42 -4.44 -14.67
CA LYS D 237 -4.18 -4.63 -13.24
C LYS D 237 -2.78 -4.16 -12.85
N GLY D 238 -1.76 -4.60 -13.62
CA GLY D 238 -0.40 -4.18 -13.30
C GLY D 238 -0.19 -2.69 -13.48
N SER D 239 -0.79 -2.12 -14.54
CA SER D 239 -0.67 -0.69 -14.80
C SER D 239 -1.32 0.13 -13.69
N SER D 240 -2.53 -0.25 -13.29
CA SER D 240 -3.22 0.44 -12.21
C SER D 240 -2.39 0.41 -10.93
N GLN D 241 -1.72 -0.71 -10.64
CA GLN D 241 -0.89 -0.77 -9.44
CA GLN D 241 -0.89 -0.79 -9.44
C GLN D 241 0.35 0.10 -9.59
N SER D 242 0.96 0.11 -10.78
CA SER D 242 2.12 0.96 -11.03
C SER D 242 1.82 2.42 -10.68
N LEU D 243 0.58 2.86 -10.96
CA LEU D 243 0.18 4.24 -10.69
C LEU D 243 -0.27 4.44 -9.25
N ARG D 244 -1.09 3.51 -8.74
CA ARG D 244 -1.61 3.68 -7.38
C ARG D 244 -0.50 3.63 -6.34
N GLN D 245 0.49 2.75 -6.55
CA GLN D 245 1.57 2.64 -5.58
C GLN D 245 2.42 3.90 -5.53
N GLU D 246 2.37 4.72 -6.58
CA GLU D 246 3.01 6.03 -6.60
C GLU D 246 2.14 7.11 -5.98
N GLY D 247 0.93 6.78 -5.56
CA GLY D 247 0.02 7.75 -4.97
C GLY D 247 -0.92 8.42 -5.94
N MET D 248 -1.06 7.92 -7.15
CA MET D 248 -2.08 8.46 -8.04
C MET D 248 -3.47 8.07 -7.55
N ILE D 249 -4.44 8.92 -7.83
CA ILE D 249 -5.85 8.58 -7.66
C ILE D 249 -6.30 7.96 -8.97
N VAL D 250 -6.48 6.64 -8.97
CA VAL D 250 -6.67 5.86 -10.19
C VAL D 250 -8.13 5.47 -10.34
N LYS D 251 -8.72 5.81 -11.48
CA LYS D 251 -10.02 5.30 -11.89
C LYS D 251 -9.82 4.30 -13.02
N VAL D 252 -10.73 3.32 -13.11
CA VAL D 252 -10.58 2.20 -14.02
C VAL D 252 -11.83 2.10 -14.88
N ALA D 253 -11.65 1.88 -16.18
CA ALA D 253 -12.73 1.61 -17.12
C ALA D 253 -12.64 0.17 -17.62
N GLU D 254 -13.80 -0.44 -17.86
CA GLU D 254 -13.83 -1.84 -18.26
C GLU D 254 -15.14 -2.12 -18.98
N VAL D 255 -15.08 -3.04 -19.95
CA VAL D 255 -16.29 -3.62 -20.51
C VAL D 255 -16.63 -4.97 -19.88
N ASP D 256 -15.68 -5.58 -19.16
CA ASP D 256 -15.92 -6.87 -18.54
C ASP D 256 -16.37 -6.67 -17.09
N PRO D 257 -17.61 -7.03 -16.74
CA PRO D 257 -18.06 -6.81 -15.35
C PRO D 257 -17.23 -7.55 -14.32
N ILE D 258 -16.67 -8.72 -14.66
CA ILE D 258 -15.87 -9.45 -13.68
C ILE D 258 -14.58 -8.70 -13.40
N CYS D 259 -13.89 -8.25 -14.44
CA CYS D 259 -12.68 -7.45 -14.25
C CYS D 259 -13.00 -6.14 -13.53
N ALA D 260 -14.15 -5.54 -13.82
CA ALA D 260 -14.55 -4.34 -13.11
C ALA D 260 -14.82 -4.63 -11.63
N MET D 261 -15.35 -5.81 -11.33
N MET D 261 -15.35 -5.81 -11.33
CA MET D 261 -15.55 -6.19 -9.94
CA MET D 261 -15.55 -6.19 -9.94
C MET D 261 -14.22 -6.25 -9.19
C MET D 261 -14.23 -6.26 -9.19
N GLN D 262 -13.20 -6.83 -9.82
CA GLN D 262 -11.89 -6.90 -9.19
C GLN D 262 -11.32 -5.50 -8.94
N ALA D 263 -11.50 -4.59 -9.91
CA ALA D 263 -11.02 -3.22 -9.71
C ALA D 263 -11.67 -2.56 -8.51
N CYS D 264 -12.99 -2.73 -8.34
CA CYS D 264 -13.67 -2.19 -7.17
C CYS D 264 -13.08 -2.77 -5.88
N MET D 265 -12.94 -4.10 -5.81
CA MET D 265 -12.39 -4.73 -4.61
C MET D 265 -10.94 -4.34 -4.38
N ASP D 266 -10.18 -4.08 -5.45
CA ASP D 266 -8.81 -3.60 -5.33
C ASP D 266 -8.73 -2.14 -4.89
N GLY D 267 -9.84 -1.46 -4.71
CA GLY D 267 -9.85 -0.10 -4.22
C GLY D 267 -9.92 0.99 -5.26
N PHE D 268 -10.38 0.69 -6.47
CA PHE D 268 -10.47 1.67 -7.53
C PHE D 268 -11.91 2.02 -7.83
N GLU D 269 -12.14 3.28 -8.19
CA GLU D 269 -13.44 3.71 -8.68
C GLU D 269 -13.54 3.34 -10.15
N VAL D 270 -14.64 2.69 -10.54
CA VAL D 270 -14.81 2.20 -11.91
C VAL D 270 -15.70 3.18 -12.66
N VAL D 271 -15.19 3.74 -13.76
CA VAL D 271 -15.89 4.79 -14.49
C VAL D 271 -15.83 4.48 -15.98
N SER D 272 -16.68 5.17 -16.74
CA SER D 272 -16.65 5.07 -18.19
C SER D 272 -16.40 6.45 -18.80
N PRO D 273 -15.62 6.53 -19.88
CA PRO D 273 -15.51 7.82 -20.59
C PRO D 273 -16.83 8.31 -21.14
N TYR D 274 -17.84 7.44 -21.26
CA TYR D 274 -19.12 7.79 -21.86
C TYR D 274 -20.23 7.76 -20.81
N LYS D 275 -21.18 8.67 -20.97
CA LYS D 275 -22.32 8.74 -20.06
C LYS D 275 -23.10 7.43 -20.08
N ASN D 276 -23.29 6.84 -18.90
CA ASN D 276 -23.91 5.53 -18.74
C ASN D 276 -23.19 4.45 -19.54
N GLY D 277 -21.91 4.67 -19.86
CA GLY D 277 -21.13 3.70 -20.61
C GLY D 277 -21.51 3.53 -22.06
N ILE D 278 -22.37 4.41 -22.58
CA ILE D 278 -22.92 4.27 -23.94
C ILE D 278 -22.20 5.23 -24.86
N ASN D 279 -21.44 4.70 -25.81
CA ASN D 279 -20.76 5.50 -26.82
C ASN D 279 -21.63 5.54 -28.07
N ASP D 280 -22.40 6.61 -28.22
CA ASP D 280 -23.24 6.78 -29.40
C ASP D 280 -22.51 7.48 -30.54
N GLY D 281 -21.22 7.74 -30.38
CA GLY D 281 -20.41 8.37 -31.40
C GLY D 281 -20.39 9.87 -31.38
N THR D 282 -21.27 10.51 -30.61
CA THR D 282 -21.35 11.96 -30.55
C THR D 282 -20.56 12.50 -29.36
N GLU D 283 -20.18 13.77 -29.45
CA GLU D 283 -19.54 14.43 -28.33
C GLU D 283 -20.47 14.55 -27.12
N ALA D 284 -21.79 14.51 -27.34
CA ALA D 284 -22.72 14.62 -26.23
C ALA D 284 -22.61 13.44 -25.27
N SER D 285 -22.15 12.28 -25.76
CA SER D 285 -22.05 11.11 -24.90
C SER D 285 -20.78 11.09 -24.07
N ILE D 286 -19.83 11.98 -24.35
CA ILE D 286 -18.60 12.01 -23.56
C ILE D 286 -18.89 12.60 -22.18
N ASP D 287 -18.38 11.95 -21.14
CA ASP D 287 -18.44 12.51 -19.80
C ASP D 287 -17.34 13.56 -19.71
N ALA D 288 -17.69 14.79 -20.11
CA ALA D 288 -16.71 15.87 -20.18
C ALA D 288 -16.17 16.23 -18.80
N ALA D 289 -17.03 16.16 -17.77
CA ALA D 289 -16.58 16.53 -16.43
C ALA D 289 -15.56 15.53 -15.89
N LEU D 290 -15.79 14.24 -16.12
CA LEU D 290 -14.82 13.22 -15.71
C LEU D 290 -13.49 13.43 -16.44
N LEU D 291 -13.52 13.46 -17.77
CA LEU D 291 -12.27 13.54 -18.52
C LEU D 291 -11.54 14.86 -18.26
N GLY D 292 -12.26 15.93 -17.98
CA GLY D 292 -11.64 17.21 -17.68
C GLY D 292 -10.82 17.26 -16.41
N LYS D 293 -10.83 16.19 -15.61
CA LYS D 293 -10.03 16.12 -14.40
C LYS D 293 -8.92 15.08 -14.48
N ILE D 294 -8.75 14.41 -15.62
CA ILE D 294 -7.80 13.32 -15.75
C ILE D 294 -6.46 13.88 -16.20
N ASP D 295 -5.41 13.65 -15.40
CA ASP D 295 -4.06 14.06 -15.73
C ASP D 295 -3.32 13.04 -16.58
N LEU D 296 -3.78 11.80 -16.60
CA LEU D 296 -3.05 10.72 -17.26
C LEU D 296 -4.03 9.65 -17.65
N ILE D 297 -4.00 9.24 -18.92
CA ILE D 297 -4.82 8.12 -19.39
C ILE D 297 -3.89 7.08 -20.00
N VAL D 298 -4.15 5.81 -19.69
CA VAL D 298 -3.34 4.68 -20.14
C VAL D 298 -4.29 3.63 -20.70
N THR D 299 -4.02 3.18 -21.94
CA THR D 299 -4.83 2.16 -22.58
C THR D 299 -4.14 0.81 -22.47
N THR D 300 -4.90 -0.22 -22.07
CA THR D 300 -4.33 -1.53 -21.77
C THR D 300 -5.13 -2.70 -22.37
N THR D 301 -5.92 -2.46 -23.41
CA THR D 301 -7.01 -3.36 -23.74
C THR D 301 -6.69 -4.39 -24.81
N GLY D 302 -5.77 -4.10 -25.73
CA GLY D 302 -5.67 -4.91 -26.92
C GLY D 302 -6.84 -4.77 -27.88
N ASN D 303 -7.70 -3.78 -27.65
CA ASN D 303 -8.85 -3.47 -28.48
C ASN D 303 -8.55 -2.22 -29.30
N VAL D 304 -9.52 -1.81 -30.12
CA VAL D 304 -9.32 -0.70 -31.05
C VAL D 304 -10.09 0.53 -30.56
N ASN D 305 -9.43 1.69 -30.62
CA ASN D 305 -10.07 2.99 -30.45
C ASN D 305 -10.76 3.12 -29.09
N VAL D 306 -10.04 2.72 -28.04
CA VAL D 306 -10.57 2.86 -26.67
C VAL D 306 -10.26 4.22 -26.07
N CYS D 307 -9.38 5.00 -26.70
CA CYS D 307 -9.17 6.41 -26.35
C CYS D 307 -9.39 7.18 -27.65
N ASP D 308 -10.63 7.59 -27.89
CA ASP D 308 -11.01 8.06 -29.21
C ASP D 308 -10.84 9.57 -29.31
N ALA D 309 -11.24 10.12 -30.46
CA ALA D 309 -11.02 11.54 -30.74
C ALA D 309 -11.79 12.41 -29.75
N ASN D 310 -13.05 12.08 -29.49
CA ASN D 310 -13.85 12.90 -28.58
C ASN D 310 -13.32 12.87 -27.17
N MET D 311 -12.79 11.72 -26.72
CA MET D 311 -12.13 11.68 -25.41
C MET D 311 -10.90 12.57 -25.40
N LEU D 312 -10.09 12.52 -26.46
CA LEU D 312 -8.89 13.36 -26.54
C LEU D 312 -9.25 14.85 -26.54
N LYS D 313 -10.41 15.20 -27.12
CA LYS D 313 -10.84 16.60 -27.11
C LYS D 313 -11.22 17.07 -25.70
N ALA D 314 -11.78 16.17 -24.89
CA ALA D 314 -12.28 16.53 -23.57
C ALA D 314 -11.26 16.36 -22.46
N LEU D 315 -10.09 15.81 -22.74
CA LEU D 315 -9.10 15.61 -21.68
C LEU D 315 -8.67 16.94 -21.10
N LYS D 316 -8.36 16.92 -19.81
CA LYS D 316 -7.78 18.06 -19.12
C LYS D 316 -6.54 18.56 -19.87
N LYS D 317 -6.37 19.88 -19.92
CA LYS D 317 -5.17 20.44 -20.52
C LYS D 317 -3.93 19.83 -19.89
N ARG D 318 -2.96 19.46 -20.74
CA ARG D 318 -1.64 18.97 -20.37
C ARG D 318 -1.67 17.56 -19.79
N ALA D 319 -2.75 16.82 -20.04
CA ALA D 319 -2.79 15.41 -19.66
C ALA D 319 -1.78 14.61 -20.48
N VAL D 320 -1.27 13.55 -19.87
CA VAL D 320 -0.39 12.61 -20.55
C VAL D 320 -1.23 11.47 -21.12
N VAL D 321 -0.93 11.07 -22.36
CA VAL D 321 -1.64 10.03 -23.07
C VAL D 321 -0.64 8.95 -23.48
N CYS D 322 -0.92 7.70 -23.12
CA CYS D 322 -0.02 6.62 -23.51
C CYS D 322 -0.78 5.29 -23.61
N ASN D 323 -0.17 4.37 -24.35
CA ASN D 323 -0.70 3.04 -24.59
C ASN D 323 0.34 2.02 -24.18
N ILE D 324 -0.09 0.98 -23.48
CA ILE D 324 0.79 -0.11 -23.12
C ILE D 324 0.29 -1.45 -23.66
N GLY D 325 -0.84 -1.45 -24.38
CA GLY D 325 -1.21 -2.58 -25.22
C GLY D 325 -0.26 -2.69 -26.41
N HIS D 326 -0.47 -3.77 -27.19
CA HIS D 326 0.54 -4.14 -28.18
C HIS D 326 0.56 -3.18 -29.37
N PHE D 327 -0.60 -2.72 -29.83
CA PHE D 327 -0.69 -1.87 -31.01
C PHE D 327 -1.19 -0.48 -30.65
N ASP D 328 -0.78 0.50 -31.45
CA ASP D 328 -1.08 1.91 -31.17
C ASP D 328 -2.50 2.31 -31.54
N ASN D 329 -3.23 1.49 -32.28
CA ASN D 329 -4.60 1.86 -32.62
C ASN D 329 -5.54 1.87 -31.42
N GLU D 330 -5.06 1.55 -30.21
CA GLU D 330 -5.89 1.77 -29.02
C GLU D 330 -6.22 3.24 -28.86
N ILE D 331 -5.34 4.12 -29.34
CA ILE D 331 -5.51 5.58 -29.30
C ILE D 331 -5.67 6.06 -30.73
N ASP D 332 -6.60 7.01 -30.95
CA ASP D 332 -6.79 7.58 -32.28
C ASP D 332 -5.75 8.67 -32.50
N THR D 333 -4.49 8.22 -32.67
CA THR D 333 -3.41 9.15 -33.03
C THR D 333 -3.56 9.68 -34.44
N ALA D 334 -4.21 8.92 -35.33
CA ALA D 334 -4.45 9.42 -36.68
C ALA D 334 -5.24 10.72 -36.65
N PHE D 335 -6.27 10.78 -35.79
CA PHE D 335 -7.03 12.02 -35.61
C PHE D 335 -6.11 13.16 -35.14
N MET D 336 -5.20 12.88 -34.20
CA MET D 336 -4.33 13.93 -33.69
C MET D 336 -3.32 14.39 -34.75
N ARG D 337 -2.83 13.47 -35.58
CA ARG D 337 -1.93 13.87 -36.66
C ARG D 337 -2.65 14.73 -37.69
N LYS D 338 -3.93 14.46 -37.93
CA LYS D 338 -4.66 15.20 -38.95
C LYS D 338 -5.07 16.59 -38.48
N ASN D 339 -5.41 16.74 -37.19
CA ASN D 339 -6.07 17.96 -36.74
C ASN D 339 -5.23 18.83 -35.81
N TRP D 340 -4.20 18.30 -35.17
CA TRP D 340 -3.46 19.03 -34.16
C TRP D 340 -1.98 19.11 -34.55
N ALA D 341 -1.26 20.03 -33.91
CA ALA D 341 0.12 20.33 -34.25
C ALA D 341 1.05 19.65 -33.27
N TRP D 342 1.98 18.85 -33.79
CA TRP D 342 2.87 18.06 -32.96
C TRP D 342 4.18 18.82 -32.71
N GLU D 343 4.59 18.89 -31.45
CA GLU D 343 5.88 19.46 -31.03
C GLU D 343 6.67 18.38 -30.31
N GLU D 344 7.82 18.02 -30.86
CA GLU D 344 8.65 16.99 -30.24
C GLU D 344 9.45 17.60 -29.09
N VAL D 345 9.23 17.08 -27.88
CA VAL D 345 10.06 17.49 -26.74
C VAL D 345 11.44 16.85 -26.84
N LYS D 346 11.45 15.54 -27.05
CA LYS D 346 12.63 14.70 -27.23
C LYS D 346 12.11 13.41 -27.85
N PRO D 347 12.96 12.45 -28.23
CA PRO D 347 12.45 11.22 -28.84
C PRO D 347 11.37 10.55 -27.99
N GLN D 348 10.29 10.14 -28.66
CA GLN D 348 9.16 9.46 -28.05
C GLN D 348 8.41 10.33 -27.04
N VAL D 349 8.55 11.65 -27.10
CA VAL D 349 7.78 12.57 -26.26
C VAL D 349 7.32 13.73 -27.14
N HIS D 350 6.01 13.83 -27.36
CA HIS D 350 5.46 14.88 -28.20
C HIS D 350 4.36 15.63 -27.47
N LYS D 351 4.38 16.96 -27.58
CA LYS D 351 3.26 17.79 -27.18
C LYS D 351 2.32 17.92 -28.37
N ILE D 352 1.04 17.68 -28.14
CA ILE D 352 0.02 17.75 -29.17
C ILE D 352 -0.84 18.98 -28.88
N HIS D 353 -0.62 20.05 -29.65
CA HIS D 353 -1.30 21.31 -29.40
C HIS D 353 -2.69 21.29 -30.02
N ARG D 354 -3.71 21.37 -29.17
CA ARG D 354 -5.10 21.29 -29.63
C ARG D 354 -5.61 22.63 -30.17
N THR D 355 -4.72 23.59 -30.38
CA THR D 355 -5.09 24.89 -30.92
C THR D 355 -5.31 24.87 -32.43
N GLY D 356 -5.04 23.76 -33.09
CA GLY D 356 -5.24 23.65 -34.52
C GLY D 356 -4.05 23.03 -35.20
N LYS D 357 -4.13 22.98 -36.54
CA LYS D 357 -3.15 22.25 -37.33
C LYS D 357 -1.98 23.12 -37.80
N ASP D 358 -2.21 24.40 -38.04
CA ASP D 358 -1.25 25.23 -38.76
C ASP D 358 -0.52 26.14 -37.77
N GLY D 359 0.40 25.55 -37.03
CA GLY D 359 1.31 26.31 -36.20
C GLY D 359 0.90 26.31 -34.74
N PHE D 360 1.87 26.11 -33.86
CA PHE D 360 1.64 26.19 -32.43
C PHE D 360 2.49 27.32 -31.85
N ASP D 361 2.02 27.86 -30.73
CA ASP D 361 2.81 28.79 -29.95
C ASP D 361 3.62 27.98 -28.95
N ALA D 362 4.91 28.30 -28.83
CA ALA D 362 5.79 27.58 -27.91
C ALA D 362 5.29 27.62 -26.47
N HIS D 363 4.51 28.65 -26.10
CA HIS D 363 4.02 28.83 -24.75
C HIS D 363 2.54 28.47 -24.61
N ASN D 364 1.94 27.91 -25.65
CA ASN D 364 0.56 27.45 -25.57
C ASN D 364 0.36 26.51 -24.38
N ASP D 365 -0.75 26.66 -23.68
CA ASP D 365 -1.06 25.81 -22.54
C ASP D 365 -2.04 24.68 -22.86
N ASP D 366 -2.68 24.72 -24.03
CA ASP D 366 -3.69 23.72 -24.39
C ASP D 366 -3.04 22.66 -25.28
N TYR D 367 -2.35 21.73 -24.64
CA TYR D 367 -1.72 20.60 -25.33
C TYR D 367 -1.89 19.34 -24.49
N LEU D 368 -1.69 18.21 -25.14
CA LEU D 368 -1.52 16.92 -24.50
C LEU D 368 -0.10 16.44 -24.73
N ILE D 369 0.39 15.56 -23.85
CA ILE D 369 1.69 14.93 -24.03
C ILE D 369 1.47 13.48 -24.39
N LEU D 370 1.89 13.11 -25.60
CA LEU D 370 1.77 11.75 -26.10
C LEU D 370 3.12 11.06 -25.99
N LEU D 371 3.12 9.84 -25.44
CA LEU D 371 4.34 9.08 -25.24
C LEU D 371 4.48 8.01 -26.31
N ALA D 372 5.68 7.91 -26.89
CA ALA D 372 6.04 6.86 -27.85
C ALA D 372 5.09 6.83 -29.05
N GLU D 373 4.48 7.98 -29.37
CA GLU D 373 3.54 8.10 -30.48
C GLU D 373 2.43 7.04 -30.41
N GLY D 374 2.02 6.67 -29.19
CA GLY D 374 0.98 5.68 -29.01
C GLY D 374 1.43 4.23 -29.01
N ARG D 375 2.71 3.95 -29.27
CA ARG D 375 3.24 2.60 -29.22
C ARG D 375 3.50 2.20 -27.76
N LEU D 376 3.73 0.90 -27.52
CA LEU D 376 3.81 0.41 -26.14
C LEU D 376 4.82 1.23 -25.34
N VAL D 377 4.31 1.91 -24.31
CA VAL D 377 5.08 2.99 -23.69
C VAL D 377 6.23 2.44 -22.84
N ASN D 378 6.06 1.27 -22.23
CA ASN D 378 7.13 0.76 -21.37
C ASN D 378 8.39 0.47 -22.18
N LEU D 379 8.22 -0.09 -23.37
CA LEU D 379 9.37 -0.35 -24.24
C LEU D 379 9.77 0.89 -25.03
N GLY D 380 8.83 1.80 -25.29
CA GLY D 380 9.12 2.98 -26.08
C GLY D 380 9.88 4.05 -25.32
N ASN D 381 9.51 4.28 -24.05
CA ASN D 381 10.12 5.33 -23.27
C ASN D 381 11.03 4.83 -22.15
N ALA D 382 11.08 3.52 -21.91
CA ALA D 382 12.04 2.98 -20.97
C ALA D 382 12.67 1.71 -21.57
N THR D 383 12.76 0.62 -20.80
CA THR D 383 13.38 -0.61 -21.32
C THR D 383 12.45 -1.81 -21.21
N GLY D 384 11.15 -1.58 -21.09
CA GLY D 384 10.24 -2.71 -20.92
C GLY D 384 10.39 -3.38 -19.56
N HIS D 385 9.96 -4.63 -19.52
CA HIS D 385 10.01 -5.40 -18.28
C HIS D 385 11.45 -5.66 -17.87
N PRO D 386 11.70 -5.80 -16.56
CA PRO D 386 13.05 -6.13 -16.09
C PRO D 386 13.40 -7.59 -16.33
N SER D 387 14.71 -7.87 -16.28
CA SER D 387 15.20 -9.20 -16.63
C SER D 387 14.59 -10.29 -15.77
N ARG D 388 14.48 -10.07 -14.45
CA ARG D 388 14.01 -11.14 -13.57
C ARG D 388 12.55 -11.48 -13.81
N ILE D 389 11.78 -10.58 -14.42
CA ILE D 389 10.42 -10.91 -14.85
C ILE D 389 10.43 -11.61 -16.20
N MET D 390 11.17 -11.06 -17.17
CA MET D 390 11.24 -11.70 -18.49
C MET D 390 11.85 -13.09 -18.41
N ASP D 391 12.60 -13.39 -17.34
CA ASP D 391 13.10 -14.74 -17.11
C ASP D 391 11.99 -15.78 -17.25
N GLY D 392 10.84 -15.51 -16.64
CA GLY D 392 9.74 -16.47 -16.70
C GLY D 392 9.18 -16.64 -18.10
N SER D 393 8.89 -15.51 -18.75
CA SER D 393 8.35 -15.56 -20.11
C SER D 393 9.28 -16.29 -21.07
N PHE D 394 10.58 -16.00 -21.00
CA PHE D 394 11.50 -16.53 -21.99
C PHE D 394 11.98 -17.94 -21.67
N ALA D 395 11.92 -18.37 -20.41
CA ALA D 395 12.07 -19.79 -20.12
C ALA D 395 10.95 -20.59 -20.75
N ASN D 396 9.72 -20.06 -20.68
CA ASN D 396 8.58 -20.68 -21.39
C ASN D 396 8.82 -20.72 -22.89
N GLN D 397 9.34 -19.62 -23.46
CA GLN D 397 9.63 -19.61 -24.89
C GLN D 397 10.60 -20.73 -25.28
N VAL D 398 11.65 -20.96 -24.48
CA VAL D 398 12.63 -21.97 -24.83
C VAL D 398 12.00 -23.36 -24.73
N LEU D 399 11.22 -23.61 -23.69
CA LEU D 399 10.54 -24.89 -23.55
C LEU D 399 9.55 -25.11 -24.69
N ALA D 400 8.89 -24.05 -25.14
CA ALA D 400 7.94 -24.18 -26.23
C ALA D 400 8.64 -24.47 -27.55
N GLN D 401 9.77 -23.80 -27.80
CA GLN D 401 10.54 -24.08 -29.02
C GLN D 401 11.05 -25.51 -29.02
N ILE D 402 11.53 -25.99 -27.89
CA ILE D 402 11.97 -27.38 -27.78
C ILE D 402 10.81 -28.32 -28.08
N HIS D 403 9.64 -28.05 -27.49
CA HIS D 403 8.49 -28.93 -27.64
C HIS D 403 8.09 -29.10 -29.10
N LEU D 404 7.84 -27.98 -29.80
CA LEU D 404 7.36 -28.07 -31.18
C LEU D 404 8.44 -28.55 -32.14
N PHE D 405 9.71 -28.23 -31.86
CA PHE D 405 10.77 -28.68 -32.76
C PHE D 405 10.96 -30.18 -32.67
N GLU D 406 10.82 -30.75 -31.47
CA GLU D 406 10.90 -32.21 -31.34
C GLU D 406 9.75 -32.90 -32.04
N GLN D 407 8.56 -32.30 -32.02
CA GLN D 407 7.39 -32.90 -32.66
C GLN D 407 7.57 -33.05 -34.16
N LYS D 408 8.30 -32.12 -34.80
CA LYS D 408 8.63 -32.22 -36.22
C LYS D 408 7.38 -32.29 -37.09
N TYR D 409 6.47 -31.32 -36.89
CA TYR D 409 5.18 -31.34 -37.57
C TYR D 409 5.33 -31.33 -39.09
N ALA D 410 6.31 -30.57 -39.61
CA ALA D 410 6.44 -30.43 -41.05
C ALA D 410 6.79 -31.73 -41.76
N ASP D 411 7.33 -32.72 -41.04
CA ASP D 411 7.77 -33.98 -41.62
C ASP D 411 6.76 -35.10 -41.43
N LEU D 412 5.54 -34.79 -41.00
CA LEU D 412 4.61 -35.86 -40.66
C LEU D 412 3.60 -36.07 -41.78
N PRO D 413 3.02 -37.28 -41.88
CA PRO D 413 1.98 -37.51 -42.89
C PRO D 413 0.75 -36.64 -42.61
N ALA D 414 0.01 -36.35 -43.68
CA ALA D 414 -1.08 -35.38 -43.59
C ALA D 414 -2.10 -35.76 -42.53
N ALA D 415 -2.48 -37.05 -42.48
CA ALA D 415 -3.44 -37.48 -41.46
C ALA D 415 -2.89 -37.26 -40.06
N GLU D 416 -1.57 -37.38 -39.88
CA GLU D 416 -0.98 -37.13 -38.58
C GLU D 416 -0.86 -35.64 -38.27
N LYS D 417 -0.66 -34.81 -39.31
CA LYS D 417 -0.61 -33.36 -39.10
C LYS D 417 -1.92 -32.84 -38.54
N ALA D 418 -3.03 -33.12 -39.24
CA ALA D 418 -4.35 -32.68 -38.79
C ALA D 418 -4.65 -33.12 -37.36
N LYS D 419 -3.97 -34.17 -36.89
CA LYS D 419 -4.13 -34.59 -35.50
C LYS D 419 -3.46 -33.62 -34.54
N ARG D 420 -2.42 -32.92 -34.98
CA ARG D 420 -1.63 -32.07 -34.09
C ARG D 420 -1.64 -30.60 -34.52
N LEU D 421 -2.58 -30.20 -35.38
CA LEU D 421 -2.73 -28.79 -35.75
C LEU D 421 -3.60 -28.13 -34.69
N SER D 422 -2.97 -27.39 -33.77
CA SER D 422 -3.67 -26.83 -32.64
C SER D 422 -2.88 -25.64 -32.10
N VAL D 423 -3.48 -24.95 -31.14
CA VAL D 423 -2.83 -23.91 -30.35
C VAL D 423 -2.85 -24.40 -28.91
N GLU D 424 -1.68 -24.79 -28.39
CA GLU D 424 -1.54 -25.41 -27.08
C GLU D 424 -0.83 -24.48 -26.11
N VAL D 425 -1.06 -24.72 -24.83
CA VAL D 425 -0.26 -24.15 -23.76
C VAL D 425 0.69 -25.23 -23.25
N LEU D 426 1.76 -24.82 -22.59
CA LEU D 426 2.67 -25.78 -22.01
C LEU D 426 2.00 -26.49 -20.83
N PRO D 427 2.37 -27.74 -20.55
CA PRO D 427 1.79 -28.45 -19.41
C PRO D 427 2.11 -27.74 -18.10
N LYS D 428 1.20 -27.89 -17.13
CA LYS D 428 1.33 -27.21 -15.84
C LYS D 428 2.63 -27.60 -15.12
N LYS D 429 3.08 -28.85 -15.30
CA LYS D 429 4.33 -29.27 -14.65
C LYS D 429 5.49 -28.37 -15.04
N LEU D 430 5.61 -28.05 -16.33
CA LEU D 430 6.70 -27.17 -16.76
C LEU D 430 6.49 -25.75 -16.26
N ASP D 431 5.25 -25.26 -16.29
CA ASP D 431 4.91 -23.98 -15.67
C ASP D 431 5.43 -23.90 -14.25
N GLU D 432 5.19 -24.95 -13.46
CA GLU D 432 5.65 -24.97 -12.08
C GLU D 432 7.16 -24.99 -11.99
N GLU D 433 7.82 -25.75 -12.87
CA GLU D 433 9.28 -25.84 -12.80
C GLU D 433 9.94 -24.52 -13.17
N VAL D 434 9.33 -23.77 -14.09
CA VAL D 434 9.78 -22.39 -14.34
C VAL D 434 9.64 -21.56 -13.07
N ALA D 435 8.47 -21.63 -12.43
CA ALA D 435 8.23 -20.82 -11.25
C ALA D 435 9.19 -21.16 -10.13
N LEU D 436 9.54 -22.44 -9.99
CA LEU D 436 10.47 -22.87 -8.94
C LEU D 436 11.82 -22.16 -9.07
N GLU D 437 12.34 -22.10 -10.29
CA GLU D 437 13.63 -21.43 -10.50
C GLU D 437 13.51 -19.94 -10.23
N MET D 438 12.38 -19.33 -10.59
CA MET D 438 12.16 -17.93 -10.24
C MET D 438 12.16 -17.73 -8.72
N VAL D 439 11.42 -18.58 -8.00
CA VAL D 439 11.36 -18.47 -6.54
C VAL D 439 12.74 -18.60 -5.93
N LYS D 440 13.52 -19.59 -6.39
CA LYS D 440 14.89 -19.74 -5.90
C LYS D 440 15.74 -18.51 -6.22
N GLY D 441 15.45 -17.82 -7.32
CA GLY D 441 16.15 -16.58 -7.62
C GLY D 441 15.96 -15.52 -6.56
N PHE D 442 14.79 -15.51 -5.91
CA PHE D 442 14.56 -14.59 -4.80
C PHE D 442 15.11 -15.09 -3.48
N GLY D 443 15.67 -16.30 -3.44
CA GLY D 443 16.02 -16.93 -2.19
C GLY D 443 14.85 -17.59 -1.48
N GLY D 444 13.71 -17.73 -2.15
CA GLY D 444 12.56 -18.33 -1.51
C GLY D 444 12.71 -19.83 -1.35
N VAL D 445 12.11 -20.37 -0.30
CA VAL D 445 12.18 -21.78 0.03
C VAL D 445 10.76 -22.33 0.03
N VAL D 446 10.44 -23.15 -0.98
CA VAL D 446 9.14 -23.83 -0.96
C VAL D 446 9.20 -24.99 0.03
N THR D 447 8.04 -25.35 0.55
CA THR D 447 7.93 -26.49 1.43
C THR D 447 7.68 -27.75 0.59
N GLN D 448 8.28 -28.86 1.01
CA GLN D 448 7.99 -30.14 0.40
C GLN D 448 6.82 -30.78 1.14
N LEU D 449 5.75 -31.10 0.41
CA LEU D 449 4.67 -31.88 0.98
C LEU D 449 5.20 -33.20 1.53
N THR D 450 4.68 -33.62 2.68
CA THR D 450 4.87 -35.00 3.09
C THR D 450 3.98 -35.90 2.22
N PRO D 451 4.30 -37.19 2.14
CA PRO D 451 3.40 -38.11 1.42
C PRO D 451 1.99 -38.09 1.95
N LYS D 452 1.83 -37.98 3.28
CA LYS D 452 0.51 -37.90 3.88
C LYS D 452 -0.24 -36.66 3.42
N GLN D 453 0.45 -35.51 3.36
CA GLN D 453 -0.21 -34.29 2.91
C GLN D 453 -0.53 -34.36 1.41
N ALA D 454 0.37 -34.92 0.61
CA ALA D 454 0.12 -35.05 -0.83
C ALA D 454 -1.10 -35.92 -1.09
N GLU D 455 -1.21 -37.05 -0.39
CA GLU D 455 -2.39 -37.90 -0.53
CA GLU D 455 -2.39 -37.91 -0.52
C GLU D 455 -3.64 -37.17 -0.07
N TYR D 456 -3.53 -36.37 0.99
CA TYR D 456 -4.69 -35.70 1.54
C TYR D 456 -5.35 -34.78 0.52
N ILE D 457 -4.55 -34.06 -0.29
CA ILE D 457 -5.09 -33.16 -1.30
C ILE D 457 -5.04 -33.75 -2.70
N GLY D 458 -4.60 -35.00 -2.85
CA GLY D 458 -4.69 -35.69 -4.12
C GLY D 458 -3.68 -35.28 -5.17
N VAL D 459 -2.47 -34.92 -4.76
CA VAL D 459 -1.43 -34.50 -5.69
C VAL D 459 -0.17 -35.32 -5.42
N SER D 460 0.80 -35.17 -6.32
CA SER D 460 2.13 -35.71 -6.13
C SER D 460 2.98 -34.72 -5.37
N VAL D 461 3.87 -35.24 -4.52
CA VAL D 461 4.85 -34.40 -3.84
C VAL D 461 5.61 -33.55 -4.85
N GLU D 462 5.79 -34.05 -6.08
CA GLU D 462 6.48 -33.33 -7.13
C GLU D 462 5.60 -32.35 -7.89
N GLY D 463 4.30 -32.31 -7.62
CA GLY D 463 3.36 -31.58 -8.44
C GLY D 463 3.01 -32.35 -9.69
N PRO D 464 2.08 -31.85 -10.52
CA PRO D 464 1.39 -30.54 -10.44
C PRO D 464 0.51 -30.41 -9.20
N PHE D 465 0.40 -29.20 -8.65
CA PHE D 465 -0.26 -28.99 -7.38
C PHE D 465 -1.70 -28.50 -7.52
N LYS D 466 -2.13 -28.20 -8.73
CA LYS D 466 -3.45 -27.62 -8.98
C LYS D 466 -4.10 -28.30 -10.17
N PRO D 467 -5.42 -28.39 -10.20
CA PRO D 467 -6.11 -28.85 -11.40
C PRO D 467 -6.00 -27.79 -12.50
N ASP D 468 -6.20 -28.24 -13.74
CA ASP D 468 -6.09 -27.34 -14.88
C ASP D 468 -7.10 -26.18 -14.82
N THR D 469 -8.18 -26.34 -14.07
CA THR D 469 -9.15 -25.26 -13.90
C THR D 469 -8.66 -24.13 -13.02
N TYR D 470 -7.56 -24.31 -12.28
CA TYR D 470 -7.18 -23.35 -11.27
C TYR D 470 -6.73 -22.04 -11.91
N ARG D 471 -7.18 -20.92 -11.34
CA ARG D 471 -6.94 -19.60 -11.92
C ARG D 471 -5.85 -18.81 -11.22
N TYR D 472 -5.37 -19.25 -10.06
CA TYR D 472 -4.33 -18.53 -9.30
C TYR D 472 -4.75 -17.09 -9.02
#